data_1HD5
# 
_entry.id   1HD5 
# 
_audit_conform.dict_name       mmcif_pdbx.dic 
_audit_conform.dict_version    5.398 
_audit_conform.dict_location   http://mmcif.pdb.org/dictionaries/ascii/mmcif_pdbx.dic 
# 
loop_
_database_2.database_id 
_database_2.database_code 
_database_2.pdbx_database_accession 
_database_2.pdbx_DOI 
PDB   1HD5         pdb_00001hd5 10.2210/pdb1hd5/pdb 
PDBE  EBI-5531     ?            ?                   
WWPDB D_1290005531 ?            ?                   
# 
loop_
_pdbx_audit_revision_history.ordinal 
_pdbx_audit_revision_history.data_content_type 
_pdbx_audit_revision_history.major_revision 
_pdbx_audit_revision_history.minor_revision 
_pdbx_audit_revision_history.revision_date 
1 'Structure model' 1 0 2000-12-08 
2 'Structure model' 1 1 2011-05-08 
3 'Structure model' 1 2 2011-07-13 
4 'Structure model' 1 3 2017-07-05 
5 'Structure model' 1 4 2023-12-13 
6 'Structure model' 1 5 2024-11-13 
# 
_pdbx_audit_revision_details.ordinal             1 
_pdbx_audit_revision_details.revision_ordinal    1 
_pdbx_audit_revision_details.data_content_type   'Structure model' 
_pdbx_audit_revision_details.provider            repository 
_pdbx_audit_revision_details.type                'Initial release' 
_pdbx_audit_revision_details.description         ? 
_pdbx_audit_revision_details.details             ? 
# 
loop_
_pdbx_audit_revision_group.ordinal 
_pdbx_audit_revision_group.revision_ordinal 
_pdbx_audit_revision_group.data_content_type 
_pdbx_audit_revision_group.group 
1 2 'Structure model' 'Version format compliance' 
2 3 'Structure model' 'Version format compliance' 
3 4 'Structure model' 'Data collection'           
4 5 'Structure model' 'Data collection'           
5 5 'Structure model' 'Database references'       
6 5 'Structure model' 'Derived calculations'      
7 5 'Structure model' Other                       
8 5 'Structure model' 'Refinement description'    
9 6 'Structure model' 'Structure summary'         
# 
loop_
_pdbx_audit_revision_category.ordinal 
_pdbx_audit_revision_category.revision_ordinal 
_pdbx_audit_revision_category.data_content_type 
_pdbx_audit_revision_category.category 
1 4 'Structure model' diffrn_source                 
2 5 'Structure model' chem_comp_atom                
3 5 'Structure model' chem_comp_bond                
4 5 'Structure model' database_2                    
5 5 'Structure model' pdbx_database_status          
6 5 'Structure model' pdbx_initial_refinement_model 
7 5 'Structure model' struct_sheet                  
8 6 'Structure model' pdbx_entry_details            
9 6 'Structure model' pdbx_modification_feature     
# 
loop_
_pdbx_audit_revision_item.ordinal 
_pdbx_audit_revision_item.revision_ordinal 
_pdbx_audit_revision_item.data_content_type 
_pdbx_audit_revision_item.item 
1 4 'Structure model' '_diffrn_source.type'                          
2 5 'Structure model' '_database_2.pdbx_DOI'                         
3 5 'Structure model' '_database_2.pdbx_database_accession'          
4 5 'Structure model' '_pdbx_database_status.status_code_sf'         
5 5 'Structure model' '_struct_sheet.number_strands'                 
6 6 'Structure model' '_pdbx_entry_details.has_protein_modification' 
# 
_pdbx_database_status.status_code                     REL 
_pdbx_database_status.entry_id                        1HD5 
_pdbx_database_status.deposit_site                    PDBE 
_pdbx_database_status.process_site                    PDBE 
_pdbx_database_status.SG_entry                        . 
_pdbx_database_status.recvd_initial_deposition_date   2000-11-08 
_pdbx_database_status.pdb_format_compatible           Y 
_pdbx_database_status.status_code_sf                  REL 
_pdbx_database_status.status_code_mr                  ? 
_pdbx_database_status.status_code_cs                  ? 
_pdbx_database_status.methods_development_category    ? 
_pdbx_database_status.status_code_nmr_data            ? 
# 
loop_
_pdbx_database_related.db_name 
_pdbx_database_related.db_id 
_pdbx_database_related.content_type 
_pdbx_database_related.details 
PDB 2ENG unspecified 'ENDOGLUCANASE V'                                   
PDB 3ENG unspecified 'STRUCTURE OF ENDOGLUCANASE V CELLOBIOSE COMPLEX'   
PDB 4ENG unspecified 'STRUCTURE OF ENDOGLUCANASE V CELLOHEXAOSE COMPLEX' 
# 
loop_
_audit_author.name 
_audit_author.pdbx_ordinal 
'McAuley, K.E.' 1 
'Wilson, K.S.'  2 
'Schulein, M.'  3 
# 
_citation.id                        primary 
_citation.title                     'Endoglucanase from Humicola Insolens at 1.7A Resolution' 
_citation.journal_abbrev            'To be Published' 
_citation.journal_volume            ? 
_citation.page_first                ? 
_citation.page_last                 ? 
_citation.year                      ? 
_citation.journal_id_ASTM           ? 
_citation.country                   ? 
_citation.journal_id_ISSN           ? 
_citation.journal_id_CSD            0353 
_citation.book_publisher            ? 
_citation.pdbx_database_id_PubMed   ? 
_citation.pdbx_database_id_DOI      ? 
# 
loop_
_citation_author.citation_id 
_citation_author.name 
_citation_author.ordinal 
_citation_author.identifier_ORCID 
primary 'Mcauley, K.E.' 1 ? 
primary 'Wilson, K.S.'  2 ? 
primary 'Schulein, M.'  3 ? 
# 
loop_
_entity.id 
_entity.type 
_entity.src_method 
_entity.pdbx_description 
_entity.formula_weight 
_entity.pdbx_number_of_molecules 
_entity.pdbx_ec 
_entity.pdbx_mutation 
_entity.pdbx_fragment 
_entity.details 
1 polymer nat ENDOGLUCANASE 22890.375 1   3.2.1.4 ? 'CATALYTIC CORE' ? 
2 water   nat water         18.015    162 ?       ? ?                ? 
# 
_entity_poly.entity_id                      1 
_entity_poly.type                           'polypeptide(L)' 
_entity_poly.nstd_linkage                   no 
_entity_poly.nstd_monomer                   no 
_entity_poly.pdbx_seq_one_letter_code       
;ADGKSTRYWDCCKPSCGWAKKAPVNQPVFSCNANFQRLTDFDAKSGCEPGGVAYSCADQTPWAVNDDFAFGFAATSIAGS
NEAGWCCACYELTFTSGPVAGKKMVVQSTSTGGDLGSNHFDLNIPGGGVGIFDGCTPQFGGLPGQRYGGISSRNECDRFP
DALKPGCYWRFDWFKNADNPSFSFRQVQCPAELVARTGCRRNDDGNFPAVQIP
;
_entity_poly.pdbx_seq_one_letter_code_can   
;ADGKSTRYWDCCKPSCGWAKKAPVNQPVFSCNANFQRLTDFDAKSGCEPGGVAYSCADQTPWAVNDDFAFGFAATSIAGS
NEAGWCCACYELTFTSGPVAGKKMVVQSTSTGGDLGSNHFDLNIPGGGVGIFDGCTPQFGGLPGQRYGGISSRNECDRFP
DALKPGCYWRFDWFKNADNPSFSFRQVQCPAELVARTGCRRNDDGNFPAVQIP
;
_entity_poly.pdbx_strand_id                 A 
_entity_poly.pdbx_target_identifier         ? 
# 
_pdbx_entity_nonpoly.entity_id   2 
_pdbx_entity_nonpoly.name        water 
_pdbx_entity_nonpoly.comp_id     HOH 
# 
loop_
_entity_poly_seq.entity_id 
_entity_poly_seq.num 
_entity_poly_seq.mon_id 
_entity_poly_seq.hetero 
1 1   ALA n 
1 2   ASP n 
1 3   GLY n 
1 4   LYS n 
1 5   SER n 
1 6   THR n 
1 7   ARG n 
1 8   TYR n 
1 9   TRP n 
1 10  ASP n 
1 11  CYS n 
1 12  CYS n 
1 13  LYS n 
1 14  PRO n 
1 15  SER n 
1 16  CYS n 
1 17  GLY n 
1 18  TRP n 
1 19  ALA n 
1 20  LYS n 
1 21  LYS n 
1 22  ALA n 
1 23  PRO n 
1 24  VAL n 
1 25  ASN n 
1 26  GLN n 
1 27  PRO n 
1 28  VAL n 
1 29  PHE n 
1 30  SER n 
1 31  CYS n 
1 32  ASN n 
1 33  ALA n 
1 34  ASN n 
1 35  PHE n 
1 36  GLN n 
1 37  ARG n 
1 38  LEU n 
1 39  THR n 
1 40  ASP n 
1 41  PHE n 
1 42  ASP n 
1 43  ALA n 
1 44  LYS n 
1 45  SER n 
1 46  GLY n 
1 47  CYS n 
1 48  GLU n 
1 49  PRO n 
1 50  GLY n 
1 51  GLY n 
1 52  VAL n 
1 53  ALA n 
1 54  TYR n 
1 55  SER n 
1 56  CYS n 
1 57  ALA n 
1 58  ASP n 
1 59  GLN n 
1 60  THR n 
1 61  PRO n 
1 62  TRP n 
1 63  ALA n 
1 64  VAL n 
1 65  ASN n 
1 66  ASP n 
1 67  ASP n 
1 68  PHE n 
1 69  ALA n 
1 70  PHE n 
1 71  GLY n 
1 72  PHE n 
1 73  ALA n 
1 74  ALA n 
1 75  THR n 
1 76  SER n 
1 77  ILE n 
1 78  ALA n 
1 79  GLY n 
1 80  SER n 
1 81  ASN n 
1 82  GLU n 
1 83  ALA n 
1 84  GLY n 
1 85  TRP n 
1 86  CYS n 
1 87  CYS n 
1 88  ALA n 
1 89  CYS n 
1 90  TYR n 
1 91  GLU n 
1 92  LEU n 
1 93  THR n 
1 94  PHE n 
1 95  THR n 
1 96  SER n 
1 97  GLY n 
1 98  PRO n 
1 99  VAL n 
1 100 ALA n 
1 101 GLY n 
1 102 LYS n 
1 103 LYS n 
1 104 MET n 
1 105 VAL n 
1 106 VAL n 
1 107 GLN n 
1 108 SER n 
1 109 THR n 
1 110 SER n 
1 111 THR n 
1 112 GLY n 
1 113 GLY n 
1 114 ASP n 
1 115 LEU n 
1 116 GLY n 
1 117 SER n 
1 118 ASN n 
1 119 HIS n 
1 120 PHE n 
1 121 ASP n 
1 122 LEU n 
1 123 ASN n 
1 124 ILE n 
1 125 PRO n 
1 126 GLY n 
1 127 GLY n 
1 128 GLY n 
1 129 VAL n 
1 130 GLY n 
1 131 ILE n 
1 132 PHE n 
1 133 ASP n 
1 134 GLY n 
1 135 CYS n 
1 136 THR n 
1 137 PRO n 
1 138 GLN n 
1 139 PHE n 
1 140 GLY n 
1 141 GLY n 
1 142 LEU n 
1 143 PRO n 
1 144 GLY n 
1 145 GLN n 
1 146 ARG n 
1 147 TYR n 
1 148 GLY n 
1 149 GLY n 
1 150 ILE n 
1 151 SER n 
1 152 SER n 
1 153 ARG n 
1 154 ASN n 
1 155 GLU n 
1 156 CYS n 
1 157 ASP n 
1 158 ARG n 
1 159 PHE n 
1 160 PRO n 
1 161 ASP n 
1 162 ALA n 
1 163 LEU n 
1 164 LYS n 
1 165 PRO n 
1 166 GLY n 
1 167 CYS n 
1 168 TYR n 
1 169 TRP n 
1 170 ARG n 
1 171 PHE n 
1 172 ASP n 
1 173 TRP n 
1 174 PHE n 
1 175 LYS n 
1 176 ASN n 
1 177 ALA n 
1 178 ASP n 
1 179 ASN n 
1 180 PRO n 
1 181 SER n 
1 182 PHE n 
1 183 SER n 
1 184 PHE n 
1 185 ARG n 
1 186 GLN n 
1 187 VAL n 
1 188 GLN n 
1 189 CYS n 
1 190 PRO n 
1 191 ALA n 
1 192 GLU n 
1 193 LEU n 
1 194 VAL n 
1 195 ALA n 
1 196 ARG n 
1 197 THR n 
1 198 GLY n 
1 199 CYS n 
1 200 ARG n 
1 201 ARG n 
1 202 ASN n 
1 203 ASP n 
1 204 ASP n 
1 205 GLY n 
1 206 ASN n 
1 207 PHE n 
1 208 PRO n 
1 209 ALA n 
1 210 VAL n 
1 211 GLN n 
1 212 ILE n 
1 213 PRO n 
# 
_entity_src_nat.entity_id                  1 
_entity_src_nat.pdbx_src_id                1 
_entity_src_nat.pdbx_alt_source_flag       sample 
_entity_src_nat.pdbx_beg_seq_num           ? 
_entity_src_nat.pdbx_end_seq_num           ? 
_entity_src_nat.common_name                ? 
_entity_src_nat.pdbx_organism_scientific   'HUMICOLA INSOLENS' 
_entity_src_nat.pdbx_ncbi_taxonomy_id      34413 
_entity_src_nat.genus                      ? 
_entity_src_nat.species                    ? 
_entity_src_nat.strain                     ? 
_entity_src_nat.tissue                     ? 
_entity_src_nat.tissue_fraction            ? 
_entity_src_nat.pdbx_secretion             ? 
_entity_src_nat.pdbx_fragment              ? 
_entity_src_nat.pdbx_variant               ? 
_entity_src_nat.pdbx_cell_line             ? 
_entity_src_nat.pdbx_atcc                  ? 
_entity_src_nat.pdbx_cellular_location     ? 
_entity_src_nat.pdbx_organ                 ? 
_entity_src_nat.pdbx_organelle             ? 
_entity_src_nat.pdbx_cell                  ? 
_entity_src_nat.pdbx_plasmid_name          ? 
_entity_src_nat.pdbx_plasmid_details       ? 
_entity_src_nat.details                    ? 
# 
loop_
_chem_comp.id 
_chem_comp.type 
_chem_comp.mon_nstd_flag 
_chem_comp.name 
_chem_comp.pdbx_synonyms 
_chem_comp.formula 
_chem_comp.formula_weight 
ALA 'L-peptide linking' y ALANINE         ? 'C3 H7 N O2'     89.093  
ARG 'L-peptide linking' y ARGININE        ? 'C6 H15 N4 O2 1' 175.209 
ASN 'L-peptide linking' y ASPARAGINE      ? 'C4 H8 N2 O3'    132.118 
ASP 'L-peptide linking' y 'ASPARTIC ACID' ? 'C4 H7 N O4'     133.103 
CYS 'L-peptide linking' y CYSTEINE        ? 'C3 H7 N O2 S'   121.158 
GLN 'L-peptide linking' y GLUTAMINE       ? 'C5 H10 N2 O3'   146.144 
GLU 'L-peptide linking' y 'GLUTAMIC ACID' ? 'C5 H9 N O4'     147.129 
GLY 'peptide linking'   y GLYCINE         ? 'C2 H5 N O2'     75.067  
HIS 'L-peptide linking' y HISTIDINE       ? 'C6 H10 N3 O2 1' 156.162 
HOH non-polymer         . WATER           ? 'H2 O'           18.015  
ILE 'L-peptide linking' y ISOLEUCINE      ? 'C6 H13 N O2'    131.173 
LEU 'L-peptide linking' y LEUCINE         ? 'C6 H13 N O2'    131.173 
LYS 'L-peptide linking' y LYSINE          ? 'C6 H15 N2 O2 1' 147.195 
MET 'L-peptide linking' y METHIONINE      ? 'C5 H11 N O2 S'  149.211 
PHE 'L-peptide linking' y PHENYLALANINE   ? 'C9 H11 N O2'    165.189 
PRO 'L-peptide linking' y PROLINE         ? 'C5 H9 N O2'     115.130 
SER 'L-peptide linking' y SERINE          ? 'C3 H7 N O3'     105.093 
THR 'L-peptide linking' y THREONINE       ? 'C4 H9 N O3'     119.119 
TRP 'L-peptide linking' y TRYPTOPHAN      ? 'C11 H12 N2 O2'  204.225 
TYR 'L-peptide linking' y TYROSINE        ? 'C9 H11 N O3'    181.189 
VAL 'L-peptide linking' y VALINE          ? 'C5 H11 N O2'    117.146 
# 
loop_
_pdbx_poly_seq_scheme.asym_id 
_pdbx_poly_seq_scheme.entity_id 
_pdbx_poly_seq_scheme.seq_id 
_pdbx_poly_seq_scheme.mon_id 
_pdbx_poly_seq_scheme.ndb_seq_num 
_pdbx_poly_seq_scheme.pdb_seq_num 
_pdbx_poly_seq_scheme.auth_seq_num 
_pdbx_poly_seq_scheme.pdb_mon_id 
_pdbx_poly_seq_scheme.auth_mon_id 
_pdbx_poly_seq_scheme.pdb_strand_id 
_pdbx_poly_seq_scheme.pdb_ins_code 
_pdbx_poly_seq_scheme.hetero 
A 1 1   ALA 1   1   1   ALA ALA A . n 
A 1 2   ASP 2   2   2   ASP ASP A . n 
A 1 3   GLY 3   3   3   GLY GLY A . n 
A 1 4   LYS 4   4   4   LYS LYS A . n 
A 1 5   SER 5   5   5   SER SER A . n 
A 1 6   THR 6   6   6   THR THR A . n 
A 1 7   ARG 7   7   7   ARG ARG A . n 
A 1 8   TYR 8   8   8   TYR TYR A . n 
A 1 9   TRP 9   9   9   TRP TRP A . n 
A 1 10  ASP 10  10  10  ASP ASP A . n 
A 1 11  CYS 11  11  11  CYS CYS A . n 
A 1 12  CYS 12  12  12  CYS CYS A . n 
A 1 13  LYS 13  13  13  LYS LYS A . n 
A 1 14  PRO 14  14  14  PRO PRO A . n 
A 1 15  SER 15  15  15  SER SER A . n 
A 1 16  CYS 16  16  16  CYS CYS A . n 
A 1 17  GLY 17  17  17  GLY GLY A . n 
A 1 18  TRP 18  18  18  TRP TRP A . n 
A 1 19  ALA 19  19  19  ALA ALA A . n 
A 1 20  LYS 20  20  20  LYS LYS A . n 
A 1 21  LYS 21  21  21  LYS LYS A . n 
A 1 22  ALA 22  22  22  ALA ALA A . n 
A 1 23  PRO 23  23  23  PRO PRO A . n 
A 1 24  VAL 24  24  24  VAL VAL A . n 
A 1 25  ASN 25  25  25  ASN ASN A . n 
A 1 26  GLN 26  26  26  GLN GLN A . n 
A 1 27  PRO 27  27  27  PRO PRO A . n 
A 1 28  VAL 28  28  28  VAL VAL A . n 
A 1 29  PHE 29  29  29  PHE PHE A . n 
A 1 30  SER 30  30  30  SER SER A . n 
A 1 31  CYS 31  31  31  CYS CYS A . n 
A 1 32  ASN 32  32  32  ASN ASN A . n 
A 1 33  ALA 33  33  33  ALA ALA A . n 
A 1 34  ASN 34  34  34  ASN ASN A . n 
A 1 35  PHE 35  35  35  PHE PHE A . n 
A 1 36  GLN 36  36  36  GLN GLN A . n 
A 1 37  ARG 37  37  37  ARG ARG A . n 
A 1 38  LEU 38  38  38  LEU LEU A . n 
A 1 39  THR 39  39  39  THR THR A . n 
A 1 40  ASP 40  40  40  ASP ASP A . n 
A 1 41  PHE 41  41  41  PHE PHE A . n 
A 1 42  ASP 42  42  42  ASP ASP A . n 
A 1 43  ALA 43  43  43  ALA ALA A . n 
A 1 44  LYS 44  44  44  LYS LYS A . n 
A 1 45  SER 45  45  45  SER SER A . n 
A 1 46  GLY 46  46  46  GLY GLY A . n 
A 1 47  CYS 47  47  47  CYS CYS A . n 
A 1 48  GLU 48  48  48  GLU GLU A . n 
A 1 49  PRO 49  49  49  PRO PRO A . n 
A 1 50  GLY 50  50  50  GLY GLY A . n 
A 1 51  GLY 51  51  51  GLY GLY A . n 
A 1 52  VAL 52  52  52  VAL VAL A . n 
A 1 53  ALA 53  53  53  ALA ALA A . n 
A 1 54  TYR 54  54  54  TYR TYR A . n 
A 1 55  SER 55  55  55  SER SER A . n 
A 1 56  CYS 56  56  56  CYS CYS A . n 
A 1 57  ALA 57  57  57  ALA ALA A . n 
A 1 58  ASP 58  58  58  ASP ASP A . n 
A 1 59  GLN 59  59  59  GLN GLN A . n 
A 1 60  THR 60  60  60  THR THR A . n 
A 1 61  PRO 61  61  61  PRO PRO A . n 
A 1 62  TRP 62  62  62  TRP TRP A . n 
A 1 63  ALA 63  63  63  ALA ALA A . n 
A 1 64  VAL 64  64  64  VAL VAL A . n 
A 1 65  ASN 65  65  65  ASN ASN A . n 
A 1 66  ASP 66  66  66  ASP ASP A . n 
A 1 67  ASP 67  67  67  ASP ASP A . n 
A 1 68  PHE 68  68  68  PHE PHE A . n 
A 1 69  ALA 69  69  69  ALA ALA A . n 
A 1 70  PHE 70  70  70  PHE PHE A . n 
A 1 71  GLY 71  71  71  GLY GLY A . n 
A 1 72  PHE 72  72  72  PHE PHE A . n 
A 1 73  ALA 73  73  73  ALA ALA A . n 
A 1 74  ALA 74  74  74  ALA ALA A . n 
A 1 75  THR 75  75  75  THR THR A . n 
A 1 76  SER 76  76  76  SER SER A . n 
A 1 77  ILE 77  77  77  ILE ILE A . n 
A 1 78  ALA 78  78  78  ALA ALA A . n 
A 1 79  GLY 79  79  79  GLY GLY A . n 
A 1 80  SER 80  80  80  SER SER A . n 
A 1 81  ASN 81  81  81  ASN ASN A . n 
A 1 82  GLU 82  82  82  GLU GLU A . n 
A 1 83  ALA 83  83  83  ALA ALA A . n 
A 1 84  GLY 84  84  84  GLY GLY A . n 
A 1 85  TRP 85  85  85  TRP TRP A . n 
A 1 86  CYS 86  86  86  CYS CYS A . n 
A 1 87  CYS 87  87  87  CYS CYS A . n 
A 1 88  ALA 88  88  88  ALA ALA A . n 
A 1 89  CYS 89  89  89  CYS CYS A . n 
A 1 90  TYR 90  90  90  TYR TYR A . n 
A 1 91  GLU 91  91  91  GLU GLU A . n 
A 1 92  LEU 92  92  92  LEU LEU A . n 
A 1 93  THR 93  93  93  THR THR A . n 
A 1 94  PHE 94  94  94  PHE PHE A . n 
A 1 95  THR 95  95  95  THR THR A . n 
A 1 96  SER 96  96  96  SER SER A . n 
A 1 97  GLY 97  97  97  GLY GLY A . n 
A 1 98  PRO 98  98  98  PRO PRO A . n 
A 1 99  VAL 99  99  99  VAL VAL A . n 
A 1 100 ALA 100 100 100 ALA ALA A . n 
A 1 101 GLY 101 101 101 GLY GLY A . n 
A 1 102 LYS 102 102 102 LYS LYS A . n 
A 1 103 LYS 103 103 103 LYS LYS A . n 
A 1 104 MET 104 104 104 MET MET A . n 
A 1 105 VAL 105 105 105 VAL VAL A . n 
A 1 106 VAL 106 106 106 VAL VAL A . n 
A 1 107 GLN 107 107 107 GLN GLN A . n 
A 1 108 SER 108 108 108 SER SER A . n 
A 1 109 THR 109 109 109 THR THR A . n 
A 1 110 SER 110 110 110 SER SER A . n 
A 1 111 THR 111 111 111 THR THR A . n 
A 1 112 GLY 112 113 ?   ?   ?   A . n 
A 1 113 GLY 113 114 ?   ?   ?   A . n 
A 1 114 ASP 114 115 ?   ?   ?   A . n 
A 1 115 LEU 115 116 ?   ?   ?   A . n 
A 1 116 GLY 116 117 ?   ?   ?   A . n 
A 1 117 SER 117 118 118 SER SER A . n 
A 1 118 ASN 118 119 119 ASN ASN A . n 
A 1 119 HIS 119 120 120 HIS HIS A . n 
A 1 120 PHE 120 121 121 PHE PHE A . n 
A 1 121 ASP 121 122 122 ASP ASP A . n 
A 1 122 LEU 122 123 123 LEU LEU A . n 
A 1 123 ASN 123 124 124 ASN ASN A . n 
A 1 124 ILE 124 125 125 ILE ILE A . n 
A 1 125 PRO 125 126 126 PRO PRO A . n 
A 1 126 GLY 126 127 127 GLY GLY A . n 
A 1 127 GLY 127 128 128 GLY GLY A . n 
A 1 128 GLY 128 129 129 GLY GLY A . n 
A 1 129 VAL 129 130 130 VAL VAL A . n 
A 1 130 GLY 130 131 131 GLY GLY A . n 
A 1 131 ILE 131 132 132 ILE ILE A . n 
A 1 132 PHE 132 133 133 PHE PHE A . n 
A 1 133 ASP 133 134 134 ASP ASP A . n 
A 1 134 GLY 134 135 135 GLY GLY A . n 
A 1 135 CYS 135 136 136 CYS CYS A . n 
A 1 136 THR 136 137 137 THR THR A . n 
A 1 137 PRO 137 138 138 PRO PRO A . n 
A 1 138 GLN 138 139 139 GLN GLN A . n 
A 1 139 PHE 139 140 140 PHE PHE A . n 
A 1 140 GLY 140 141 141 GLY GLY A . n 
A 1 141 GLY 141 142 142 GLY GLY A . n 
A 1 142 LEU 142 143 143 LEU LEU A . n 
A 1 143 PRO 143 144 144 PRO PRO A . n 
A 1 144 GLY 144 145 145 GLY GLY A . n 
A 1 145 GLN 145 146 146 GLN GLN A . n 
A 1 146 ARG 146 147 147 ARG ARG A . n 
A 1 147 TYR 147 148 148 TYR TYR A . n 
A 1 148 GLY 148 149 149 GLY GLY A . n 
A 1 149 GLY 149 150 150 GLY GLY A . n 
A 1 150 ILE 150 151 151 ILE ILE A . n 
A 1 151 SER 151 152 152 SER SER A . n 
A 1 152 SER 152 153 153 SER SER A . n 
A 1 153 ARG 153 154 154 ARG ARG A . n 
A 1 154 ASN 154 155 155 ASN ASN A . n 
A 1 155 GLU 155 156 156 GLU GLU A . n 
A 1 156 CYS 156 157 157 CYS CYS A . n 
A 1 157 ASP 157 158 158 ASP ASP A . n 
A 1 158 ARG 158 159 159 ARG ARG A . n 
A 1 159 PHE 159 160 160 PHE PHE A . n 
A 1 160 PRO 160 161 161 PRO PRO A . n 
A 1 161 ASP 161 162 162 ASP ASP A . n 
A 1 162 ALA 162 163 163 ALA ALA A . n 
A 1 163 LEU 163 164 164 LEU LEU A . n 
A 1 164 LYS 164 165 165 LYS LYS A . n 
A 1 165 PRO 165 166 166 PRO PRO A . n 
A 1 166 GLY 166 167 167 GLY GLY A . n 
A 1 167 CYS 167 168 168 CYS CYS A . n 
A 1 168 TYR 168 169 169 TYR TYR A . n 
A 1 169 TRP 169 170 170 TRP TRP A . n 
A 1 170 ARG 170 171 171 ARG ARG A . n 
A 1 171 PHE 171 172 172 PHE PHE A . n 
A 1 172 ASP 172 173 173 ASP ASP A . n 
A 1 173 TRP 173 174 174 TRP TRP A . n 
A 1 174 PHE 174 175 175 PHE PHE A . n 
A 1 175 LYS 175 176 176 LYS LYS A . n 
A 1 176 ASN 176 177 177 ASN ASN A . n 
A 1 177 ALA 177 178 178 ALA ALA A . n 
A 1 178 ASP 178 179 179 ASP ASP A . n 
A 1 179 ASN 179 180 180 ASN ASN A . n 
A 1 180 PRO 180 181 181 PRO PRO A . n 
A 1 181 SER 181 182 182 SER SER A . n 
A 1 182 PHE 182 183 183 PHE PHE A . n 
A 1 183 SER 183 184 184 SER SER A . n 
A 1 184 PHE 184 185 185 PHE PHE A . n 
A 1 185 ARG 185 186 186 ARG ARG A . n 
A 1 186 GLN 186 187 187 GLN GLN A . n 
A 1 187 VAL 187 188 188 VAL VAL A . n 
A 1 188 GLN 188 189 189 GLN GLN A . n 
A 1 189 CYS 189 190 190 CYS CYS A . n 
A 1 190 PRO 190 191 191 PRO PRO A . n 
A 1 191 ALA 191 192 192 ALA ALA A . n 
A 1 192 GLU 192 193 193 GLU GLU A . n 
A 1 193 LEU 193 194 194 LEU LEU A . n 
A 1 194 VAL 194 195 195 VAL VAL A . n 
A 1 195 ALA 195 196 196 ALA ALA A . n 
A 1 196 ARG 196 197 197 ARG ARG A . n 
A 1 197 THR 197 198 198 THR THR A . n 
A 1 198 GLY 198 199 199 GLY GLY A . n 
A 1 199 CYS 199 200 200 CYS CYS A . n 
A 1 200 ARG 200 201 201 ARG ARG A . n 
A 1 201 ARG 201 202 202 ARG ARG A . n 
A 1 202 ASN 202 203 203 ASN ASN A . n 
A 1 203 ASP 203 204 204 ASP ASP A . n 
A 1 204 ASP 204 205 205 ASP ASP A . n 
A 1 205 GLY 205 206 206 GLY GLY A . n 
A 1 206 ASN 206 207 207 ASN ASN A . n 
A 1 207 PHE 207 208 208 PHE PHE A . n 
A 1 208 PRO 208 209 209 PRO PRO A . n 
A 1 209 ALA 209 210 210 ALA ALA A . n 
A 1 210 VAL 210 211 211 VAL VAL A . n 
A 1 211 GLN 211 212 ?   ?   ?   A . n 
A 1 212 ILE 212 213 ?   ?   ?   A . n 
A 1 213 PRO 213 214 ?   ?   ?   A . n 
# 
loop_
_pdbx_nonpoly_scheme.asym_id 
_pdbx_nonpoly_scheme.entity_id 
_pdbx_nonpoly_scheme.mon_id 
_pdbx_nonpoly_scheme.ndb_seq_num 
_pdbx_nonpoly_scheme.pdb_seq_num 
_pdbx_nonpoly_scheme.auth_seq_num 
_pdbx_nonpoly_scheme.pdb_mon_id 
_pdbx_nonpoly_scheme.auth_mon_id 
_pdbx_nonpoly_scheme.pdb_strand_id 
_pdbx_nonpoly_scheme.pdb_ins_code 
B 2 HOH 1   2001 2001 HOH HOH A . 
B 2 HOH 2   2002 2002 HOH HOH A . 
B 2 HOH 3   2003 2003 HOH HOH A . 
B 2 HOH 4   2004 2004 HOH HOH A . 
B 2 HOH 5   2005 2005 HOH HOH A . 
B 2 HOH 6   2006 2006 HOH HOH A . 
B 2 HOH 7   2007 2007 HOH HOH A . 
B 2 HOH 8   2008 2008 HOH HOH A . 
B 2 HOH 9   2009 2009 HOH HOH A . 
B 2 HOH 10  2010 2010 HOH HOH A . 
B 2 HOH 11  2011 2011 HOH HOH A . 
B 2 HOH 12  2012 2012 HOH HOH A . 
B 2 HOH 13  2013 2013 HOH HOH A . 
B 2 HOH 14  2014 2014 HOH HOH A . 
B 2 HOH 15  2015 2015 HOH HOH A . 
B 2 HOH 16  2016 2016 HOH HOH A . 
B 2 HOH 17  2017 2017 HOH HOH A . 
B 2 HOH 18  2018 2018 HOH HOH A . 
B 2 HOH 19  2019 2019 HOH HOH A . 
B 2 HOH 20  2020 2020 HOH HOH A . 
B 2 HOH 21  2021 2021 HOH HOH A . 
B 2 HOH 22  2022 2022 HOH HOH A . 
B 2 HOH 23  2023 2023 HOH HOH A . 
B 2 HOH 24  2024 2024 HOH HOH A . 
B 2 HOH 25  2025 2025 HOH HOH A . 
B 2 HOH 26  2026 2026 HOH HOH A . 
B 2 HOH 27  2027 2027 HOH HOH A . 
B 2 HOH 28  2028 2028 HOH HOH A . 
B 2 HOH 29  2029 2029 HOH HOH A . 
B 2 HOH 30  2030 2030 HOH HOH A . 
B 2 HOH 31  2031 2031 HOH HOH A . 
B 2 HOH 32  2032 2032 HOH HOH A . 
B 2 HOH 33  2033 2033 HOH HOH A . 
B 2 HOH 34  2034 2034 HOH HOH A . 
B 2 HOH 35  2035 2035 HOH HOH A . 
B 2 HOH 36  2036 2036 HOH HOH A . 
B 2 HOH 37  2037 2037 HOH HOH A . 
B 2 HOH 38  2038 2038 HOH HOH A . 
B 2 HOH 39  2039 2039 HOH HOH A . 
B 2 HOH 40  2040 2040 HOH HOH A . 
B 2 HOH 41  2041 2041 HOH HOH A . 
B 2 HOH 42  2042 2042 HOH HOH A . 
B 2 HOH 43  2043 2043 HOH HOH A . 
B 2 HOH 44  2044 2044 HOH HOH A . 
B 2 HOH 45  2045 2045 HOH HOH A . 
B 2 HOH 46  2046 2046 HOH HOH A . 
B 2 HOH 47  2047 2047 HOH HOH A . 
B 2 HOH 48  2048 2048 HOH HOH A . 
B 2 HOH 49  2049 2049 HOH HOH A . 
B 2 HOH 50  2050 2050 HOH HOH A . 
B 2 HOH 51  2051 2051 HOH HOH A . 
B 2 HOH 52  2052 2052 HOH HOH A . 
B 2 HOH 53  2053 2053 HOH HOH A . 
B 2 HOH 54  2054 2054 HOH HOH A . 
B 2 HOH 55  2055 2055 HOH HOH A . 
B 2 HOH 56  2056 2056 HOH HOH A . 
B 2 HOH 57  2057 2057 HOH HOH A . 
B 2 HOH 58  2058 2058 HOH HOH A . 
B 2 HOH 59  2059 2059 HOH HOH A . 
B 2 HOH 60  2060 2060 HOH HOH A . 
B 2 HOH 61  2061 2061 HOH HOH A . 
B 2 HOH 62  2062 2062 HOH HOH A . 
B 2 HOH 63  2063 2063 HOH HOH A . 
B 2 HOH 64  2064 2064 HOH HOH A . 
B 2 HOH 65  2065 2065 HOH HOH A . 
B 2 HOH 66  2066 2066 HOH HOH A . 
B 2 HOH 67  2067 2067 HOH HOH A . 
B 2 HOH 68  2068 2068 HOH HOH A . 
B 2 HOH 69  2069 2069 HOH HOH A . 
B 2 HOH 70  2070 2070 HOH HOH A . 
B 2 HOH 71  2071 2071 HOH HOH A . 
B 2 HOH 72  2072 2072 HOH HOH A . 
B 2 HOH 73  2073 2073 HOH HOH A . 
B 2 HOH 74  2074 2074 HOH HOH A . 
B 2 HOH 75  2075 2075 HOH HOH A . 
B 2 HOH 76  2076 2076 HOH HOH A . 
B 2 HOH 77  2077 2077 HOH HOH A . 
B 2 HOH 78  2078 2078 HOH HOH A . 
B 2 HOH 79  2079 2079 HOH HOH A . 
B 2 HOH 80  2080 2080 HOH HOH A . 
B 2 HOH 81  2081 2081 HOH HOH A . 
B 2 HOH 82  2082 2082 HOH HOH A . 
B 2 HOH 83  2083 2083 HOH HOH A . 
B 2 HOH 84  2084 2084 HOH HOH A . 
B 2 HOH 85  2085 2085 HOH HOH A . 
B 2 HOH 86  2086 2086 HOH HOH A . 
B 2 HOH 87  2087 2087 HOH HOH A . 
B 2 HOH 88  2088 2088 HOH HOH A . 
B 2 HOH 89  2089 2089 HOH HOH A . 
B 2 HOH 90  2090 2090 HOH HOH A . 
B 2 HOH 91  2091 2091 HOH HOH A . 
B 2 HOH 92  2092 2092 HOH HOH A . 
B 2 HOH 93  2093 2093 HOH HOH A . 
B 2 HOH 94  2094 2094 HOH HOH A . 
B 2 HOH 95  2095 2095 HOH HOH A . 
B 2 HOH 96  2096 2096 HOH HOH A . 
B 2 HOH 97  2097 2097 HOH HOH A . 
B 2 HOH 98  2098 2098 HOH HOH A . 
B 2 HOH 99  2099 2099 HOH HOH A . 
B 2 HOH 100 2100 2100 HOH HOH A . 
B 2 HOH 101 2101 2101 HOH HOH A . 
B 2 HOH 102 2102 2102 HOH HOH A . 
B 2 HOH 103 2103 2103 HOH HOH A . 
B 2 HOH 104 2104 2104 HOH HOH A . 
B 2 HOH 105 2105 2105 HOH HOH A . 
B 2 HOH 106 2106 2106 HOH HOH A . 
B 2 HOH 107 2107 2107 HOH HOH A . 
B 2 HOH 108 2108 2108 HOH HOH A . 
B 2 HOH 109 2109 2109 HOH HOH A . 
B 2 HOH 110 2110 2110 HOH HOH A . 
B 2 HOH 111 2111 2111 HOH HOH A . 
B 2 HOH 112 2112 2112 HOH HOH A . 
B 2 HOH 113 2113 2113 HOH HOH A . 
B 2 HOH 114 2114 2114 HOH HOH A . 
B 2 HOH 115 2115 2115 HOH HOH A . 
B 2 HOH 116 2116 2116 HOH HOH A . 
B 2 HOH 117 2117 2117 HOH HOH A . 
B 2 HOH 118 2118 2118 HOH HOH A . 
B 2 HOH 119 2119 2119 HOH HOH A . 
B 2 HOH 120 2120 2120 HOH HOH A . 
B 2 HOH 121 2121 2121 HOH HOH A . 
B 2 HOH 122 2122 2122 HOH HOH A . 
B 2 HOH 123 2123 2123 HOH HOH A . 
B 2 HOH 124 2124 2124 HOH HOH A . 
B 2 HOH 125 2125 2125 HOH HOH A . 
B 2 HOH 126 2126 2126 HOH HOH A . 
B 2 HOH 127 2127 2127 HOH HOH A . 
B 2 HOH 128 2128 2128 HOH HOH A . 
B 2 HOH 129 2129 2129 HOH HOH A . 
B 2 HOH 130 2130 2130 HOH HOH A . 
B 2 HOH 131 2131 2131 HOH HOH A . 
B 2 HOH 132 2132 2132 HOH HOH A . 
B 2 HOH 133 2133 2133 HOH HOH A . 
B 2 HOH 134 2134 2134 HOH HOH A . 
B 2 HOH 135 2135 2135 HOH HOH A . 
B 2 HOH 136 2136 2136 HOH HOH A . 
B 2 HOH 137 2137 2137 HOH HOH A . 
B 2 HOH 138 2138 2138 HOH HOH A . 
B 2 HOH 139 2139 2139 HOH HOH A . 
B 2 HOH 140 2140 2140 HOH HOH A . 
B 2 HOH 141 2141 2141 HOH HOH A . 
B 2 HOH 142 2142 2142 HOH HOH A . 
B 2 HOH 143 2143 2143 HOH HOH A . 
B 2 HOH 144 2144 2144 HOH HOH A . 
B 2 HOH 145 2145 2145 HOH HOH A . 
B 2 HOH 146 2146 2146 HOH HOH A . 
B 2 HOH 147 2147 2147 HOH HOH A . 
B 2 HOH 148 2148 2148 HOH HOH A . 
B 2 HOH 149 2149 2149 HOH HOH A . 
B 2 HOH 150 2150 2150 HOH HOH A . 
B 2 HOH 151 2151 2151 HOH HOH A . 
B 2 HOH 152 2152 2152 HOH HOH A . 
B 2 HOH 153 2153 2153 HOH HOH A . 
B 2 HOH 154 2154 2154 HOH HOH A . 
B 2 HOH 155 2155 2155 HOH HOH A . 
B 2 HOH 156 2156 2156 HOH HOH A . 
B 2 HOH 157 2157 2157 HOH HOH A . 
B 2 HOH 158 2158 2158 HOH HOH A . 
B 2 HOH 159 2159 2159 HOH HOH A . 
B 2 HOH 160 2160 2160 HOH HOH A . 
B 2 HOH 161 2161 2161 HOH HOH A . 
B 2 HOH 162 2162 2162 HOH HOH A . 
# 
loop_
_software.name 
_software.classification 
_software.version 
_software.citation_id 
_software.pdbx_ordinal 
REFMAC    refinement       5.0 ? 1 
DENZO     'data reduction' .   ? 2 
SCALEPACK 'data scaling'   .   ? 3 
AMoRE     phasing          .   ? 4 
# 
_cell.entry_id           1HD5 
_cell.length_a           41.635 
_cell.length_b           50.515 
_cell.length_c           43.770 
_cell.angle_alpha        90.00 
_cell.angle_beta         110.35 
_cell.angle_gamma        90.00 
_cell.Z_PDB              2 
_cell.pdbx_unique_axis   ? 
# 
_symmetry.entry_id                         1HD5 
_symmetry.space_group_name_H-M             'P 1 21 1' 
_symmetry.pdbx_full_space_group_name_H-M   ? 
_symmetry.cell_setting                     ? 
_symmetry.Int_Tables_number                4 
# 
_exptl.entry_id          1HD5 
_exptl.method            'X-RAY DIFFRACTION' 
_exptl.crystals_number   1 
# 
_exptl_crystal.id                    1 
_exptl_crystal.density_meas          ? 
_exptl_crystal.density_Matthews      1.91 
_exptl_crystal.density_percent_sol   35.1 
_exptl_crystal.description           ? 
# 
_exptl_crystal_grow.crystal_id      1 
_exptl_crystal_grow.method          ? 
_exptl_crystal_grow.temp            ? 
_exptl_crystal_grow.temp_details    ? 
_exptl_crystal_grow.pH              4.50 
_exptl_crystal_grow.pdbx_pH_range   ? 
_exptl_crystal_grow.pdbx_details    '20% PEG 8000, 0.05M POTASSIUM PHOSPHATE, pH 4.50' 
# 
_diffrn.id                     1 
_diffrn.ambient_temp           120.0 
_diffrn.ambient_temp_details   ? 
_diffrn.crystal_id             1 
# 
_diffrn_detector.diffrn_id              1 
_diffrn_detector.detector               'IMAGE PLATE' 
_diffrn_detector.type                   MARRESEARCH 
_diffrn_detector.pdbx_collection_date   2000-10-15 
_diffrn_detector.details                MIRRORS 
# 
_diffrn_radiation.diffrn_id                        1 
_diffrn_radiation.wavelength_id                    1 
_diffrn_radiation.pdbx_monochromatic_or_laue_m_l   M 
_diffrn_radiation.monochromator                    ? 
_diffrn_radiation.pdbx_diffrn_protocol             'SINGLE WAVELENGTH' 
_diffrn_radiation.pdbx_scattering_type             x-ray 
# 
_diffrn_radiation_wavelength.id           1 
_diffrn_radiation_wavelength.wavelength   1.5418 
_diffrn_radiation_wavelength.wt           1.0 
# 
_diffrn_source.diffrn_id                   1 
_diffrn_source.source                      'ROTATING ANODE' 
_diffrn_source.type                        'RIGAKU RUH2R' 
_diffrn_source.pdbx_synchrotron_site       ? 
_diffrn_source.pdbx_synchrotron_beamline   ? 
_diffrn_source.pdbx_wavelength             1.5418 
_diffrn_source.pdbx_wavelength_list        ? 
# 
_reflns.pdbx_diffrn_id               1 
_reflns.pdbx_ordinal                 1 
_reflns.entry_id                     1HD5 
_reflns.observed_criterion_sigma_I   ? 
_reflns.observed_criterion_sigma_F   ? 
_reflns.d_resolution_low             20.000 
_reflns.d_resolution_high            1.670 
_reflns.number_obs                   20097 
_reflns.number_all                   ? 
_reflns.percent_possible_obs         99.3 
_reflns.pdbx_Rmerge_I_obs            0.03500 
_reflns.pdbx_Rsym_value              ? 
_reflns.pdbx_netI_over_sigmaI        41.0000 
_reflns.B_iso_Wilson_estimate        ? 
_reflns.pdbx_redundancy              5.100 
# 
_reflns_shell.pdbx_diffrn_id         1 
_reflns_shell.pdbx_ordinal           1 
_reflns_shell.d_res_high             1.67 
_reflns_shell.d_res_low              1.69 
_reflns_shell.percent_possible_all   96.9 
_reflns_shell.Rmerge_I_obs           0.06000 
_reflns_shell.pdbx_Rsym_value        ? 
_reflns_shell.meanI_over_sigI_obs    21.000 
_reflns_shell.pdbx_redundancy        3.80 
# 
_refine.pdbx_refine_id                           'X-RAY DIFFRACTION' 
_refine.entry_id                                 1HD5 
_refine.pdbx_diffrn_id                           1 
_refine.pdbx_TLS_residual_ADP_flag               ? 
_refine.ls_number_reflns_obs                     20083 
_refine.ls_number_reflns_all                     ? 
_refine.pdbx_ls_sigma_I                          ? 
_refine.pdbx_ls_sigma_F                          ? 
_refine.pdbx_data_cutoff_high_absF               ? 
_refine.pdbx_data_cutoff_low_absF                ? 
_refine.pdbx_data_cutoff_high_rms_absF           ? 
_refine.ls_d_res_low                             41.17 
_refine.ls_d_res_high                            1.66 
_refine.ls_percent_reflns_obs                    ? 
_refine.ls_R_factor_obs                          ? 
_refine.ls_R_factor_all                          ? 
_refine.ls_R_factor_R_work                       0.166 
_refine.ls_R_factor_R_free                       0.188 
_refine.ls_R_factor_R_free_error                 ? 
_refine.ls_R_factor_R_free_error_details         ? 
_refine.ls_percent_reflns_R_free                 5.139 
_refine.ls_number_reflns_R_free                  1032 
_refine.ls_number_parameters                     ? 
_refine.ls_number_restraints                     ? 
_refine.occupancy_min                            ? 
_refine.occupancy_max                            ? 
_refine.correlation_coeff_Fo_to_Fc               0.963 
_refine.correlation_coeff_Fo_to_Fc_free          0.955 
_refine.B_iso_mean                               ? 
_refine.aniso_B[1][1]                            ? 
_refine.aniso_B[2][2]                            ? 
_refine.aniso_B[3][3]                            ? 
_refine.aniso_B[1][2]                            ? 
_refine.aniso_B[1][3]                            ? 
_refine.aniso_B[2][3]                            ? 
_refine.solvent_model_details                    ? 
_refine.solvent_model_param_ksol                 ? 
_refine.solvent_model_param_bsol                 ? 
_refine.pdbx_solvent_vdw_probe_radii             ? 
_refine.pdbx_solvent_ion_probe_radii             ? 
_refine.pdbx_solvent_shrinkage_radii             ? 
_refine.pdbx_ls_cross_valid_method               THROUGHOUT 
_refine.details                                  
'HYDROGENS HAVE BEEN ADDED IN THE RIDING POSITIONS. BULK SOLVENT CORRECTION BASED ON CONSTANT VALUE HAS BEEN USED.' 
_refine.pdbx_starting_model                      2ENG 
_refine.pdbx_method_to_determine_struct          'MOLECULAR REPLACEMENT' 
_refine.pdbx_isotropic_thermal_model             ? 
_refine.pdbx_stereochemistry_target_values       'MAXIMUM LIKELIHOOD' 
_refine.pdbx_stereochem_target_val_spec_case     ? 
_refine.pdbx_R_Free_selection_details            RANDOM 
_refine.pdbx_overall_ESU_R                       0.106 
_refine.pdbx_overall_ESU_R_Free                  0.096 
_refine.overall_SU_ML                            0.091 
_refine.pdbx_overall_phase_error                 ? 
_refine.overall_SU_B                             2.611 
_refine.overall_SU_R_Cruickshank_DPI             ? 
_refine.pdbx_overall_SU_R_free_Cruickshank_DPI   ? 
_refine.pdbx_overall_SU_R_Blow_DPI               ? 
_refine.pdbx_overall_SU_R_free_Blow_DPI          ? 
# 
_refine_hist.pdbx_refine_id                   'X-RAY DIFFRACTION' 
_refine_hist.cycle_id                         LAST 
_refine_hist.pdbx_number_atoms_protein        1553 
_refine_hist.pdbx_number_atoms_nucleic_acid   0 
_refine_hist.pdbx_number_atoms_ligand         0 
_refine_hist.number_atoms_solvent             162 
_refine_hist.number_atoms_total               1715 
_refine_hist.d_res_high                       1.66 
_refine_hist.d_res_low                        41.17 
# 
loop_
_refine_ls_restr.type 
_refine_ls_restr.dev_ideal 
_refine_ls_restr.dev_ideal_target 
_refine_ls_restr.weight 
_refine_ls_restr.number 
_refine_ls_restr.pdbx_refine_id 
_refine_ls_restr.pdbx_restraint_function 
r_bond_refined_d             0.010  0.021  ? 162 'X-RAY DIFFRACTION' ? 
r_bond_other_d               0.000  0.020  ? 132 'X-RAY DIFFRACTION' ? 
r_angle_refined_deg          1.620  1.919  ? 220 'X-RAY DIFFRACTION' ? 
r_angle_other_deg            0.810  3.000  ? 310 'X-RAY DIFFRACTION' ? 
r_dihedral_angle_1_deg       5.140  3.000  ? 20  'X-RAY DIFFRACTION' ? 
r_dihedral_angle_2_deg       ?      ?      ? ?   'X-RAY DIFFRACTION' ? 
r_dihedral_angle_3_deg       18.220 15.000 ? 25  'X-RAY DIFFRACTION' ? 
r_dihedral_angle_4_deg       ?      ?      ? ?   'X-RAY DIFFRACTION' ? 
r_chiral_restr               ?      ?      ? ?   'X-RAY DIFFRACTION' ? 
r_gen_planes_refined         0.000  0.020  ? 186 'X-RAY DIFFRACTION' ? 
r_gen_planes_other           0.000  0.020  ? 35  'X-RAY DIFFRACTION' ? 
r_nbd_refined                0.240  0.300  ? 34  'X-RAY DIFFRACTION' ? 
r_nbd_other                  0.200  0.300  ? 130 'X-RAY DIFFRACTION' ? 
r_nbtor_refined              ?      ?      ? ?   'X-RAY DIFFRACTION' ? 
r_nbtor_other                ?      ?      ? ?   'X-RAY DIFFRACTION' ? 
r_xyhbond_nbd_refined        0.140  0.500  ? 16  'X-RAY DIFFRACTION' ? 
r_xyhbond_nbd_other          0.030  0.500  ? ?   'X-RAY DIFFRACTION' ? 
r_metal_ion_refined          ?      ?      ? ?   'X-RAY DIFFRACTION' ? 
r_metal_ion_other            ?      ?      ? ?   'X-RAY DIFFRACTION' ? 
r_symmetry_vdw_refined       0.130  0.300  ? ?   'X-RAY DIFFRACTION' ? 
r_symmetry_vdw_other         0.110  0.300  ? 2   'X-RAY DIFFRACTION' ? 
r_symmetry_hbond_refined     0.080  0.500  ? 1   'X-RAY DIFFRACTION' ? 
r_symmetry_hbond_other       ?      ?      ? ?   'X-RAY DIFFRACTION' ? 
r_symmetry_metal_ion_refined ?      ?      ? ?   'X-RAY DIFFRACTION' ? 
r_symmetry_metal_ion_other   ?      ?      ? ?   'X-RAY DIFFRACTION' ? 
r_mcbond_it                  ?      ?      ? ?   'X-RAY DIFFRACTION' ? 
r_mcbond_other               ?      ?      ? ?   'X-RAY DIFFRACTION' ? 
r_mcangle_it                 ?      ?      ? ?   'X-RAY DIFFRACTION' ? 
r_mcangle_other              ?      ?      ? ?   'X-RAY DIFFRACTION' ? 
r_scbond_it                  ?      ?      ? ?   'X-RAY DIFFRACTION' ? 
r_scbond_other               ?      ?      ? ?   'X-RAY DIFFRACTION' ? 
r_scangle_it                 ?      ?      ? ?   'X-RAY DIFFRACTION' ? 
r_scangle_other              ?      ?      ? ?   'X-RAY DIFFRACTION' ? 
r_long_range_B_refined       ?      ?      ? ?   'X-RAY DIFFRACTION' ? 
r_long_range_B_other         ?      ?      ? ?   'X-RAY DIFFRACTION' ? 
r_rigid_bond_restr           ?      ?      ? ?   'X-RAY DIFFRACTION' ? 
r_sphericity_free            ?      ?      ? ?   'X-RAY DIFFRACTION' ? 
r_sphericity_bonded          ?      ?      ? ?   'X-RAY DIFFRACTION' ? 
# 
_refine_ls_shell.pdbx_refine_id                   'X-RAY DIFFRACTION' 
_refine_ls_shell.pdbx_total_number_of_bins_used   20 
_refine_ls_shell.d_res_high                       1.66 
_refine_ls_shell.d_res_low                        1.70 
_refine_ls_shell.number_reflns_R_work             ? 
_refine_ls_shell.R_factor_R_work                  0.1750 
_refine_ls_shell.percent_reflns_obs               ? 
_refine_ls_shell.R_factor_R_free                  0.2510 
_refine_ls_shell.R_factor_R_free_error            ? 
_refine_ls_shell.percent_reflns_R_free            ? 
_refine_ls_shell.number_reflns_R_free             ? 
_refine_ls_shell.number_reflns_all                ? 
_refine_ls_shell.R_factor_all                     ? 
# 
_struct.entry_id                  1HD5 
_struct.title                     'Endoglucanase from Humicola insolens AT 1.7A resolution' 
_struct.pdbx_model_details        ? 
_struct.pdbx_CASP_flag            ? 
_struct.pdbx_model_type_details   ? 
# 
_struct_keywords.entry_id        1HD5 
_struct_keywords.pdbx_keywords   HYDROLASE 
_struct_keywords.text            HYDROLASE 
# 
loop_
_struct_asym.id 
_struct_asym.pdbx_blank_PDB_chainid_flag 
_struct_asym.pdbx_modified 
_struct_asym.entity_id 
_struct_asym.details 
A N N 1 ? 
B N N 2 ? 
# 
_struct_ref.id                         1 
_struct_ref.db_name                    UNP 
_struct_ref.db_code                    O93782 
_struct_ref.entity_id                  1 
_struct_ref.pdbx_seq_one_letter_code   ? 
_struct_ref.pdbx_align_begin           ? 
_struct_ref.pdbx_db_accession          O93782 
_struct_ref.pdbx_db_isoform            ? 
# 
_struct_ref_seq.align_id                      1 
_struct_ref_seq.ref_id                        1 
_struct_ref_seq.pdbx_PDB_id_code              1HD5 
_struct_ref_seq.pdbx_strand_id                A 
_struct_ref_seq.seq_align_beg                 1 
_struct_ref_seq.pdbx_seq_align_beg_ins_code   ? 
_struct_ref_seq.seq_align_end                 212 
_struct_ref_seq.pdbx_seq_align_end_ins_code   ? 
_struct_ref_seq.pdbx_db_accession             O93782 
_struct_ref_seq.db_align_beg                  22 
_struct_ref_seq.pdbx_db_align_beg_ins_code    ? 
_struct_ref_seq.db_align_end                  234 
_struct_ref_seq.pdbx_db_align_end_ins_code    ? 
_struct_ref_seq.pdbx_auth_seq_align_beg       1 
_struct_ref_seq.pdbx_auth_seq_align_end       213 
# 
_pdbx_struct_assembly.id                   1 
_pdbx_struct_assembly.details              author_and_software_defined_assembly 
_pdbx_struct_assembly.method_details       PQS 
_pdbx_struct_assembly.oligomeric_details   monomeric 
_pdbx_struct_assembly.oligomeric_count     1 
# 
_pdbx_struct_assembly_gen.assembly_id       1 
_pdbx_struct_assembly_gen.oper_expression   1 
_pdbx_struct_assembly_gen.asym_id_list      A,B 
# 
_pdbx_struct_oper_list.id                   1 
_pdbx_struct_oper_list.type                 'identity operation' 
_pdbx_struct_oper_list.name                 1_555 
_pdbx_struct_oper_list.symmetry_operation   x,y,z 
_pdbx_struct_oper_list.matrix[1][1]         1.0000000000 
_pdbx_struct_oper_list.matrix[1][2]         0.0000000000 
_pdbx_struct_oper_list.matrix[1][3]         0.0000000000 
_pdbx_struct_oper_list.vector[1]            0.0000000000 
_pdbx_struct_oper_list.matrix[2][1]         0.0000000000 
_pdbx_struct_oper_list.matrix[2][2]         1.0000000000 
_pdbx_struct_oper_list.matrix[2][3]         0.0000000000 
_pdbx_struct_oper_list.vector[2]            0.0000000000 
_pdbx_struct_oper_list.matrix[3][1]         0.0000000000 
_pdbx_struct_oper_list.matrix[3][2]         0.0000000000 
_pdbx_struct_oper_list.matrix[3][3]         1.0000000000 
_pdbx_struct_oper_list.vector[3]            0.0000000000 
# 
_struct_biol.id   1 
# 
loop_
_struct_conf.conf_type_id 
_struct_conf.id 
_struct_conf.pdbx_PDB_helix_id 
_struct_conf.beg_label_comp_id 
_struct_conf.beg_label_asym_id 
_struct_conf.beg_label_seq_id 
_struct_conf.pdbx_beg_PDB_ins_code 
_struct_conf.end_label_comp_id 
_struct_conf.end_label_asym_id 
_struct_conf.end_label_seq_id 
_struct_conf.pdbx_end_PDB_ins_code 
_struct_conf.beg_auth_comp_id 
_struct_conf.beg_auth_asym_id 
_struct_conf.beg_auth_seq_id 
_struct_conf.end_auth_comp_id 
_struct_conf.end_auth_asym_id 
_struct_conf.end_auth_seq_id 
_struct_conf.pdbx_PDB_helix_class 
_struct_conf.details 
_struct_conf.pdbx_PDB_helix_length 
HELX_P HELX_P1 1 PRO A 14 ? TRP A 18  ? PRO A 14 TRP A 18  5 ? 5 
HELX_P HELX_P2 2 ASN A 81 ? CYS A 86  ? ASN A 81 CYS A 86  1 ? 6 
HELX_P HELX_P3 3 SER A 96 ? ALA A 100 ? SER A 96 ALA A 100 5 ? 5 
# 
_struct_conf_type.id          HELX_P 
_struct_conf_type.criteria    ? 
_struct_conf_type.reference   ? 
# 
loop_
_struct_conn.id 
_struct_conn.conn_type_id 
_struct_conn.pdbx_leaving_atom_flag 
_struct_conn.pdbx_PDB_id 
_struct_conn.ptnr1_label_asym_id 
_struct_conn.ptnr1_label_comp_id 
_struct_conn.ptnr1_label_seq_id 
_struct_conn.ptnr1_label_atom_id 
_struct_conn.pdbx_ptnr1_label_alt_id 
_struct_conn.pdbx_ptnr1_PDB_ins_code 
_struct_conn.pdbx_ptnr1_standard_comp_id 
_struct_conn.ptnr1_symmetry 
_struct_conn.ptnr2_label_asym_id 
_struct_conn.ptnr2_label_comp_id 
_struct_conn.ptnr2_label_seq_id 
_struct_conn.ptnr2_label_atom_id 
_struct_conn.pdbx_ptnr2_label_alt_id 
_struct_conn.pdbx_ptnr2_PDB_ins_code 
_struct_conn.ptnr1_auth_asym_id 
_struct_conn.ptnr1_auth_comp_id 
_struct_conn.ptnr1_auth_seq_id 
_struct_conn.ptnr2_auth_asym_id 
_struct_conn.ptnr2_auth_comp_id 
_struct_conn.ptnr2_auth_seq_id 
_struct_conn.ptnr2_symmetry 
_struct_conn.pdbx_ptnr3_label_atom_id 
_struct_conn.pdbx_ptnr3_label_seq_id 
_struct_conn.pdbx_ptnr3_label_comp_id 
_struct_conn.pdbx_ptnr3_label_asym_id 
_struct_conn.pdbx_ptnr3_label_alt_id 
_struct_conn.pdbx_ptnr3_PDB_ins_code 
_struct_conn.details 
_struct_conn.pdbx_dist_value 
_struct_conn.pdbx_value_order 
_struct_conn.pdbx_role 
disulf1 disulf ? ? A CYS 11  SG ? ? ? 1_555 A CYS 135 SG ? ? A CYS 11  A CYS 136 1_555 ? ? ? ? ? ? ? 2.038 ? ? 
disulf2 disulf ? ? A CYS 12  SG ? ? ? 1_555 A CYS 47  SG ? ? A CYS 12  A CYS 47  1_555 ? ? ? ? ? ? ? 1.995 ? ? 
disulf3 disulf ? ? A CYS 16  SG ? ? ? 1_555 A CYS 86  SG ? ? A CYS 16  A CYS 86  1_555 ? ? ? ? ? ? ? 2.026 ? ? 
disulf4 disulf ? ? A CYS 31  SG ? ? ? 1_555 A CYS 56  SG ? ? A CYS 31  A CYS 56  1_555 ? ? ? ? ? ? ? 2.059 ? ? 
disulf5 disulf ? ? A CYS 87  SG ? ? ? 1_555 A CYS 199 SG ? ? A CYS 87  A CYS 200 1_555 ? ? ? ? ? ? ? 2.014 ? ? 
disulf6 disulf ? ? A CYS 89  SG ? ? ? 1_555 A CYS 189 SG ? ? A CYS 89  A CYS 190 1_555 ? ? ? ? ? ? ? 2.018 ? ? 
disulf7 disulf ? ? A CYS 156 SG ? ? ? 1_555 A CYS 167 SG ? ? A CYS 157 A CYS 168 1_555 ? ? ? ? ? ? ? 2.013 ? ? 
# 
_struct_conn_type.id          disulf 
_struct_conn_type.criteria    ? 
_struct_conn_type.reference   ? 
# 
loop_
_pdbx_modification_feature.ordinal 
_pdbx_modification_feature.label_comp_id 
_pdbx_modification_feature.label_asym_id 
_pdbx_modification_feature.label_seq_id 
_pdbx_modification_feature.label_alt_id 
_pdbx_modification_feature.modified_residue_label_comp_id 
_pdbx_modification_feature.modified_residue_label_asym_id 
_pdbx_modification_feature.modified_residue_label_seq_id 
_pdbx_modification_feature.modified_residue_label_alt_id 
_pdbx_modification_feature.auth_comp_id 
_pdbx_modification_feature.auth_asym_id 
_pdbx_modification_feature.auth_seq_id 
_pdbx_modification_feature.PDB_ins_code 
_pdbx_modification_feature.symmetry 
_pdbx_modification_feature.modified_residue_auth_comp_id 
_pdbx_modification_feature.modified_residue_auth_asym_id 
_pdbx_modification_feature.modified_residue_auth_seq_id 
_pdbx_modification_feature.modified_residue_PDB_ins_code 
_pdbx_modification_feature.modified_residue_symmetry 
_pdbx_modification_feature.comp_id_linking_atom 
_pdbx_modification_feature.modified_residue_id_linking_atom 
_pdbx_modification_feature.modified_residue_id 
_pdbx_modification_feature.ref_pcm_id 
_pdbx_modification_feature.ref_comp_id 
_pdbx_modification_feature.type 
_pdbx_modification_feature.category 
1 CYS A 11  ? CYS A 135 ? CYS A 11  ? 1_555 CYS A 136 ? 1_555 SG SG . . . None 'Disulfide bridge' 
2 CYS A 12  ? CYS A 47  ? CYS A 12  ? 1_555 CYS A 47  ? 1_555 SG SG . . . None 'Disulfide bridge' 
3 CYS A 16  ? CYS A 86  ? CYS A 16  ? 1_555 CYS A 86  ? 1_555 SG SG . . . None 'Disulfide bridge' 
4 CYS A 31  ? CYS A 56  ? CYS A 31  ? 1_555 CYS A 56  ? 1_555 SG SG . . . None 'Disulfide bridge' 
5 CYS A 87  ? CYS A 199 ? CYS A 87  ? 1_555 CYS A 200 ? 1_555 SG SG . . . None 'Disulfide bridge' 
6 CYS A 89  ? CYS A 189 ? CYS A 89  ? 1_555 CYS A 190 ? 1_555 SG SG . . . None 'Disulfide bridge' 
7 CYS A 156 ? CYS A 167 ? CYS A 157 ? 1_555 CYS A 168 ? 1_555 SG SG . . . None 'Disulfide bridge' 
# 
loop_
_struct_sheet.id 
_struct_sheet.type 
_struct_sheet.number_strands 
_struct_sheet.details 
A ? 4 ? 
B ? 2 ? 
# 
loop_
_struct_sheet_order.sheet_id 
_struct_sheet_order.range_id_1 
_struct_sheet_order.range_id_2 
_struct_sheet_order.offset 
_struct_sheet_order.sense 
A 1 2 ? anti-parallel 
A 2 3 ? parallel      
A 3 4 ? anti-parallel 
B 1 2 ? anti-parallel 
# 
loop_
_struct_sheet_range.sheet_id 
_struct_sheet_range.id 
_struct_sheet_range.beg_label_comp_id 
_struct_sheet_range.beg_label_asym_id 
_struct_sheet_range.beg_label_seq_id 
_struct_sheet_range.pdbx_beg_PDB_ins_code 
_struct_sheet_range.end_label_comp_id 
_struct_sheet_range.end_label_asym_id 
_struct_sheet_range.end_label_seq_id 
_struct_sheet_range.pdbx_end_PDB_ins_code 
_struct_sheet_range.beg_auth_comp_id 
_struct_sheet_range.beg_auth_asym_id 
_struct_sheet_range.beg_auth_seq_id 
_struct_sheet_range.end_auth_comp_id 
_struct_sheet_range.end_auth_asym_id 
_struct_sheet_range.end_auth_seq_id 
A 1 ASP A 2   ? TYR A 8   ? ASP A 2   TYR A 8   
A 2 PHE A 68  ? SER A 76  ? PHE A 68  SER A 76  
A 3 LYS A 103 ? SER A 110 ? LYS A 103 SER A 110 
A 4 CYS A 89  ? PHE A 94  ? CYS A 89  PHE A 94  
B 1 TRP A 62  ? ASN A 65  ? TRP A 62  ASN A 65  
B 2 PHE A 68  ? PHE A 70  ? PHE A 68  PHE A 70  
# 
loop_
_pdbx_struct_sheet_hbond.sheet_id 
_pdbx_struct_sheet_hbond.range_id_1 
_pdbx_struct_sheet_hbond.range_id_2 
_pdbx_struct_sheet_hbond.range_1_label_atom_id 
_pdbx_struct_sheet_hbond.range_1_label_comp_id 
_pdbx_struct_sheet_hbond.range_1_label_asym_id 
_pdbx_struct_sheet_hbond.range_1_label_seq_id 
_pdbx_struct_sheet_hbond.range_1_PDB_ins_code 
_pdbx_struct_sheet_hbond.range_1_auth_atom_id 
_pdbx_struct_sheet_hbond.range_1_auth_comp_id 
_pdbx_struct_sheet_hbond.range_1_auth_asym_id 
_pdbx_struct_sheet_hbond.range_1_auth_seq_id 
_pdbx_struct_sheet_hbond.range_2_label_atom_id 
_pdbx_struct_sheet_hbond.range_2_label_comp_id 
_pdbx_struct_sheet_hbond.range_2_label_asym_id 
_pdbx_struct_sheet_hbond.range_2_label_seq_id 
_pdbx_struct_sheet_hbond.range_2_PDB_ins_code 
_pdbx_struct_sheet_hbond.range_2_auth_atom_id 
_pdbx_struct_sheet_hbond.range_2_auth_comp_id 
_pdbx_struct_sheet_hbond.range_2_auth_asym_id 
_pdbx_struct_sheet_hbond.range_2_auth_seq_id 
A 2 3 O ALA A 69  ? O ALA A 69  N LYS A 103 ? N LYS A 103 
A 3 4 O MET A 104 ? O MET A 104 N LEU A 92  ? N LEU A 92  
B 1 2 O TRP A 62  ? O TRP A 62  N PHE A 70  ? N PHE A 70  
# 
_pdbx_entry_details.entry_id                   1HD5 
_pdbx_entry_details.compound_details           
;THE COORDINATE FILE CONTAINS THE CATALYTIC CORE MADE BY
 PAPAIN DIGESTION OF THE INTACT PROTEIN
;
_pdbx_entry_details.source_details             ? 
_pdbx_entry_details.nonpolymer_details         ? 
_pdbx_entry_details.sequence_details           
;THE SEQUENCE IS FROM THE EUROPEAN PATENT APPLICATION
 EP 0959 128 A1 FOR ORGANISM HUMICOLA INSOLENS. THE SWISSPROT
 ENTRY GIVEN ON THE DBREF IS AN IDENITCAL SEQUENCE FROM ORGANISM
 HUMICOLA GRISEA VARIANT THERMOIDEA.
;
_pdbx_entry_details.has_ligand_of_interest     ? 
_pdbx_entry_details.has_protein_modification   Y 
# 
_pdbx_validate_close_contact.id               1 
_pdbx_validate_close_contact.PDB_model_num    1 
_pdbx_validate_close_contact.auth_atom_id_1   OD2 
_pdbx_validate_close_contact.auth_asym_id_1   A 
_pdbx_validate_close_contact.auth_comp_id_1   ASP 
_pdbx_validate_close_contact.auth_seq_id_1    162 
_pdbx_validate_close_contact.PDB_ins_code_1   ? 
_pdbx_validate_close_contact.label_alt_id_1   B 
_pdbx_validate_close_contact.auth_atom_id_2   O 
_pdbx_validate_close_contact.auth_asym_id_2   A 
_pdbx_validate_close_contact.auth_comp_id_2   HOH 
_pdbx_validate_close_contact.auth_seq_id_2    2123 
_pdbx_validate_close_contact.PDB_ins_code_2   ? 
_pdbx_validate_close_contact.label_alt_id_2   ? 
_pdbx_validate_close_contact.dist             2.16 
# 
loop_
_pdbx_validate_rmsd_angle.id 
_pdbx_validate_rmsd_angle.PDB_model_num 
_pdbx_validate_rmsd_angle.auth_atom_id_1 
_pdbx_validate_rmsd_angle.auth_asym_id_1 
_pdbx_validate_rmsd_angle.auth_comp_id_1 
_pdbx_validate_rmsd_angle.auth_seq_id_1 
_pdbx_validate_rmsd_angle.PDB_ins_code_1 
_pdbx_validate_rmsd_angle.label_alt_id_1 
_pdbx_validate_rmsd_angle.auth_atom_id_2 
_pdbx_validate_rmsd_angle.auth_asym_id_2 
_pdbx_validate_rmsd_angle.auth_comp_id_2 
_pdbx_validate_rmsd_angle.auth_seq_id_2 
_pdbx_validate_rmsd_angle.PDB_ins_code_2 
_pdbx_validate_rmsd_angle.label_alt_id_2 
_pdbx_validate_rmsd_angle.auth_atom_id_3 
_pdbx_validate_rmsd_angle.auth_asym_id_3 
_pdbx_validate_rmsd_angle.auth_comp_id_3 
_pdbx_validate_rmsd_angle.auth_seq_id_3 
_pdbx_validate_rmsd_angle.PDB_ins_code_3 
_pdbx_validate_rmsd_angle.label_alt_id_3 
_pdbx_validate_rmsd_angle.angle_value 
_pdbx_validate_rmsd_angle.angle_target_value 
_pdbx_validate_rmsd_angle.angle_deviation 
_pdbx_validate_rmsd_angle.angle_standard_deviation 
_pdbx_validate_rmsd_angle.linker_flag 
1 1 CB A ASP 67  ? ? CG A ASP 67  ? ? OD2 A ASP 67  ? ? 124.14 118.30 5.84 0.90 N 
2 1 CB A ASP 162 ? A CG A ASP 162 ? A OD2 A ASP 162 ? A 124.19 118.30 5.89 0.90 N 
3 1 CB A ASP 204 ? ? CG A ASP 204 ? ? OD2 A ASP 204 ? ? 124.06 118.30 5.76 0.90 N 
# 
loop_
_pdbx_validate_torsion.id 
_pdbx_validate_torsion.PDB_model_num 
_pdbx_validate_torsion.auth_comp_id 
_pdbx_validate_torsion.auth_asym_id 
_pdbx_validate_torsion.auth_seq_id 
_pdbx_validate_torsion.PDB_ins_code 
_pdbx_validate_torsion.label_alt_id 
_pdbx_validate_torsion.phi 
_pdbx_validate_torsion.psi 
1 1 TRP A 9   ? ? -160.23 104.27  
2 1 GLN A 59  ? ? -91.53  57.53   
3 1 SER A 80  ? ? -122.46 -163.63 
4 1 ASP A 134 ? ? 36.62   74.71   
5 1 PHE A 140 ? ? -147.34 16.48   
6 1 ASP A 173 ? ? -86.88  -85.45  
# 
_pdbx_database_remark.id     700 
_pdbx_database_remark.text   
;
SHEET
DETERMINATION METHOD: DSSP
 THE SHEETS PRESENTED AS "A" IN EACH CHAIN ON SHEET RECORDS
 BELOW IS ACTUALLY AN  6-STRANDED BARREL THIS IS REPRESENTED BY
 A 7-STRANDED SHEET IN WHICH THE FIRST AND LAST STRANDS
 ARE IDENTICAL.
;
# 
loop_
_pdbx_unobs_or_zero_occ_residues.id 
_pdbx_unobs_or_zero_occ_residues.PDB_model_num 
_pdbx_unobs_or_zero_occ_residues.polymer_flag 
_pdbx_unobs_or_zero_occ_residues.occupancy_flag 
_pdbx_unobs_or_zero_occ_residues.auth_asym_id 
_pdbx_unobs_or_zero_occ_residues.auth_comp_id 
_pdbx_unobs_or_zero_occ_residues.auth_seq_id 
_pdbx_unobs_or_zero_occ_residues.PDB_ins_code 
_pdbx_unobs_or_zero_occ_residues.label_asym_id 
_pdbx_unobs_or_zero_occ_residues.label_comp_id 
_pdbx_unobs_or_zero_occ_residues.label_seq_id 
1 1 Y 1 A GLY 113 ? A GLY 112 
2 1 Y 1 A GLY 114 ? A GLY 113 
3 1 Y 1 A ASP 115 ? A ASP 114 
4 1 Y 1 A LEU 116 ? A LEU 115 
5 1 Y 1 A GLY 117 ? A GLY 116 
6 1 Y 1 A GLN 212 ? A GLN 211 
7 1 Y 1 A ILE 213 ? A ILE 212 
8 1 Y 1 A PRO 214 ? A PRO 213 
# 
loop_
_chem_comp_atom.comp_id 
_chem_comp_atom.atom_id 
_chem_comp_atom.type_symbol 
_chem_comp_atom.pdbx_aromatic_flag 
_chem_comp_atom.pdbx_stereo_config 
_chem_comp_atom.pdbx_ordinal 
ALA N    N N N 1   
ALA CA   C N S 2   
ALA C    C N N 3   
ALA O    O N N 4   
ALA CB   C N N 5   
ALA OXT  O N N 6   
ALA H    H N N 7   
ALA H2   H N N 8   
ALA HA   H N N 9   
ALA HB1  H N N 10  
ALA HB2  H N N 11  
ALA HB3  H N N 12  
ALA HXT  H N N 13  
ARG N    N N N 14  
ARG CA   C N S 15  
ARG C    C N N 16  
ARG O    O N N 17  
ARG CB   C N N 18  
ARG CG   C N N 19  
ARG CD   C N N 20  
ARG NE   N N N 21  
ARG CZ   C N N 22  
ARG NH1  N N N 23  
ARG NH2  N N N 24  
ARG OXT  O N N 25  
ARG H    H N N 26  
ARG H2   H N N 27  
ARG HA   H N N 28  
ARG HB2  H N N 29  
ARG HB3  H N N 30  
ARG HG2  H N N 31  
ARG HG3  H N N 32  
ARG HD2  H N N 33  
ARG HD3  H N N 34  
ARG HE   H N N 35  
ARG HH11 H N N 36  
ARG HH12 H N N 37  
ARG HH21 H N N 38  
ARG HH22 H N N 39  
ARG HXT  H N N 40  
ASN N    N N N 41  
ASN CA   C N S 42  
ASN C    C N N 43  
ASN O    O N N 44  
ASN CB   C N N 45  
ASN CG   C N N 46  
ASN OD1  O N N 47  
ASN ND2  N N N 48  
ASN OXT  O N N 49  
ASN H    H N N 50  
ASN H2   H N N 51  
ASN HA   H N N 52  
ASN HB2  H N N 53  
ASN HB3  H N N 54  
ASN HD21 H N N 55  
ASN HD22 H N N 56  
ASN HXT  H N N 57  
ASP N    N N N 58  
ASP CA   C N S 59  
ASP C    C N N 60  
ASP O    O N N 61  
ASP CB   C N N 62  
ASP CG   C N N 63  
ASP OD1  O N N 64  
ASP OD2  O N N 65  
ASP OXT  O N N 66  
ASP H    H N N 67  
ASP H2   H N N 68  
ASP HA   H N N 69  
ASP HB2  H N N 70  
ASP HB3  H N N 71  
ASP HD2  H N N 72  
ASP HXT  H N N 73  
CYS N    N N N 74  
CYS CA   C N R 75  
CYS C    C N N 76  
CYS O    O N N 77  
CYS CB   C N N 78  
CYS SG   S N N 79  
CYS OXT  O N N 80  
CYS H    H N N 81  
CYS H2   H N N 82  
CYS HA   H N N 83  
CYS HB2  H N N 84  
CYS HB3  H N N 85  
CYS HG   H N N 86  
CYS HXT  H N N 87  
GLN N    N N N 88  
GLN CA   C N S 89  
GLN C    C N N 90  
GLN O    O N N 91  
GLN CB   C N N 92  
GLN CG   C N N 93  
GLN CD   C N N 94  
GLN OE1  O N N 95  
GLN NE2  N N N 96  
GLN OXT  O N N 97  
GLN H    H N N 98  
GLN H2   H N N 99  
GLN HA   H N N 100 
GLN HB2  H N N 101 
GLN HB3  H N N 102 
GLN HG2  H N N 103 
GLN HG3  H N N 104 
GLN HE21 H N N 105 
GLN HE22 H N N 106 
GLN HXT  H N N 107 
GLU N    N N N 108 
GLU CA   C N S 109 
GLU C    C N N 110 
GLU O    O N N 111 
GLU CB   C N N 112 
GLU CG   C N N 113 
GLU CD   C N N 114 
GLU OE1  O N N 115 
GLU OE2  O N N 116 
GLU OXT  O N N 117 
GLU H    H N N 118 
GLU H2   H N N 119 
GLU HA   H N N 120 
GLU HB2  H N N 121 
GLU HB3  H N N 122 
GLU HG2  H N N 123 
GLU HG3  H N N 124 
GLU HE2  H N N 125 
GLU HXT  H N N 126 
GLY N    N N N 127 
GLY CA   C N N 128 
GLY C    C N N 129 
GLY O    O N N 130 
GLY OXT  O N N 131 
GLY H    H N N 132 
GLY H2   H N N 133 
GLY HA2  H N N 134 
GLY HA3  H N N 135 
GLY HXT  H N N 136 
HIS N    N N N 137 
HIS CA   C N S 138 
HIS C    C N N 139 
HIS O    O N N 140 
HIS CB   C N N 141 
HIS CG   C Y N 142 
HIS ND1  N Y N 143 
HIS CD2  C Y N 144 
HIS CE1  C Y N 145 
HIS NE2  N Y N 146 
HIS OXT  O N N 147 
HIS H    H N N 148 
HIS H2   H N N 149 
HIS HA   H N N 150 
HIS HB2  H N N 151 
HIS HB3  H N N 152 
HIS HD1  H N N 153 
HIS HD2  H N N 154 
HIS HE1  H N N 155 
HIS HE2  H N N 156 
HIS HXT  H N N 157 
HOH O    O N N 158 
HOH H1   H N N 159 
HOH H2   H N N 160 
ILE N    N N N 161 
ILE CA   C N S 162 
ILE C    C N N 163 
ILE O    O N N 164 
ILE CB   C N S 165 
ILE CG1  C N N 166 
ILE CG2  C N N 167 
ILE CD1  C N N 168 
ILE OXT  O N N 169 
ILE H    H N N 170 
ILE H2   H N N 171 
ILE HA   H N N 172 
ILE HB   H N N 173 
ILE HG12 H N N 174 
ILE HG13 H N N 175 
ILE HG21 H N N 176 
ILE HG22 H N N 177 
ILE HG23 H N N 178 
ILE HD11 H N N 179 
ILE HD12 H N N 180 
ILE HD13 H N N 181 
ILE HXT  H N N 182 
LEU N    N N N 183 
LEU CA   C N S 184 
LEU C    C N N 185 
LEU O    O N N 186 
LEU CB   C N N 187 
LEU CG   C N N 188 
LEU CD1  C N N 189 
LEU CD2  C N N 190 
LEU OXT  O N N 191 
LEU H    H N N 192 
LEU H2   H N N 193 
LEU HA   H N N 194 
LEU HB2  H N N 195 
LEU HB3  H N N 196 
LEU HG   H N N 197 
LEU HD11 H N N 198 
LEU HD12 H N N 199 
LEU HD13 H N N 200 
LEU HD21 H N N 201 
LEU HD22 H N N 202 
LEU HD23 H N N 203 
LEU HXT  H N N 204 
LYS N    N N N 205 
LYS CA   C N S 206 
LYS C    C N N 207 
LYS O    O N N 208 
LYS CB   C N N 209 
LYS CG   C N N 210 
LYS CD   C N N 211 
LYS CE   C N N 212 
LYS NZ   N N N 213 
LYS OXT  O N N 214 
LYS H    H N N 215 
LYS H2   H N N 216 
LYS HA   H N N 217 
LYS HB2  H N N 218 
LYS HB3  H N N 219 
LYS HG2  H N N 220 
LYS HG3  H N N 221 
LYS HD2  H N N 222 
LYS HD3  H N N 223 
LYS HE2  H N N 224 
LYS HE3  H N N 225 
LYS HZ1  H N N 226 
LYS HZ2  H N N 227 
LYS HZ3  H N N 228 
LYS HXT  H N N 229 
MET N    N N N 230 
MET CA   C N S 231 
MET C    C N N 232 
MET O    O N N 233 
MET CB   C N N 234 
MET CG   C N N 235 
MET SD   S N N 236 
MET CE   C N N 237 
MET OXT  O N N 238 
MET H    H N N 239 
MET H2   H N N 240 
MET HA   H N N 241 
MET HB2  H N N 242 
MET HB3  H N N 243 
MET HG2  H N N 244 
MET HG3  H N N 245 
MET HE1  H N N 246 
MET HE2  H N N 247 
MET HE3  H N N 248 
MET HXT  H N N 249 
PHE N    N N N 250 
PHE CA   C N S 251 
PHE C    C N N 252 
PHE O    O N N 253 
PHE CB   C N N 254 
PHE CG   C Y N 255 
PHE CD1  C Y N 256 
PHE CD2  C Y N 257 
PHE CE1  C Y N 258 
PHE CE2  C Y N 259 
PHE CZ   C Y N 260 
PHE OXT  O N N 261 
PHE H    H N N 262 
PHE H2   H N N 263 
PHE HA   H N N 264 
PHE HB2  H N N 265 
PHE HB3  H N N 266 
PHE HD1  H N N 267 
PHE HD2  H N N 268 
PHE HE1  H N N 269 
PHE HE2  H N N 270 
PHE HZ   H N N 271 
PHE HXT  H N N 272 
PRO N    N N N 273 
PRO CA   C N S 274 
PRO C    C N N 275 
PRO O    O N N 276 
PRO CB   C N N 277 
PRO CG   C N N 278 
PRO CD   C N N 279 
PRO OXT  O N N 280 
PRO H    H N N 281 
PRO HA   H N N 282 
PRO HB2  H N N 283 
PRO HB3  H N N 284 
PRO HG2  H N N 285 
PRO HG3  H N N 286 
PRO HD2  H N N 287 
PRO HD3  H N N 288 
PRO HXT  H N N 289 
SER N    N N N 290 
SER CA   C N S 291 
SER C    C N N 292 
SER O    O N N 293 
SER CB   C N N 294 
SER OG   O N N 295 
SER OXT  O N N 296 
SER H    H N N 297 
SER H2   H N N 298 
SER HA   H N N 299 
SER HB2  H N N 300 
SER HB3  H N N 301 
SER HG   H N N 302 
SER HXT  H N N 303 
THR N    N N N 304 
THR CA   C N S 305 
THR C    C N N 306 
THR O    O N N 307 
THR CB   C N R 308 
THR OG1  O N N 309 
THR CG2  C N N 310 
THR OXT  O N N 311 
THR H    H N N 312 
THR H2   H N N 313 
THR HA   H N N 314 
THR HB   H N N 315 
THR HG1  H N N 316 
THR HG21 H N N 317 
THR HG22 H N N 318 
THR HG23 H N N 319 
THR HXT  H N N 320 
TRP N    N N N 321 
TRP CA   C N S 322 
TRP C    C N N 323 
TRP O    O N N 324 
TRP CB   C N N 325 
TRP CG   C Y N 326 
TRP CD1  C Y N 327 
TRP CD2  C Y N 328 
TRP NE1  N Y N 329 
TRP CE2  C Y N 330 
TRP CE3  C Y N 331 
TRP CZ2  C Y N 332 
TRP CZ3  C Y N 333 
TRP CH2  C Y N 334 
TRP OXT  O N N 335 
TRP H    H N N 336 
TRP H2   H N N 337 
TRP HA   H N N 338 
TRP HB2  H N N 339 
TRP HB3  H N N 340 
TRP HD1  H N N 341 
TRP HE1  H N N 342 
TRP HE3  H N N 343 
TRP HZ2  H N N 344 
TRP HZ3  H N N 345 
TRP HH2  H N N 346 
TRP HXT  H N N 347 
TYR N    N N N 348 
TYR CA   C N S 349 
TYR C    C N N 350 
TYR O    O N N 351 
TYR CB   C N N 352 
TYR CG   C Y N 353 
TYR CD1  C Y N 354 
TYR CD2  C Y N 355 
TYR CE1  C Y N 356 
TYR CE2  C Y N 357 
TYR CZ   C Y N 358 
TYR OH   O N N 359 
TYR OXT  O N N 360 
TYR H    H N N 361 
TYR H2   H N N 362 
TYR HA   H N N 363 
TYR HB2  H N N 364 
TYR HB3  H N N 365 
TYR HD1  H N N 366 
TYR HD2  H N N 367 
TYR HE1  H N N 368 
TYR HE2  H N N 369 
TYR HH   H N N 370 
TYR HXT  H N N 371 
VAL N    N N N 372 
VAL CA   C N S 373 
VAL C    C N N 374 
VAL O    O N N 375 
VAL CB   C N N 376 
VAL CG1  C N N 377 
VAL CG2  C N N 378 
VAL OXT  O N N 379 
VAL H    H N N 380 
VAL H2   H N N 381 
VAL HA   H N N 382 
VAL HB   H N N 383 
VAL HG11 H N N 384 
VAL HG12 H N N 385 
VAL HG13 H N N 386 
VAL HG21 H N N 387 
VAL HG22 H N N 388 
VAL HG23 H N N 389 
VAL HXT  H N N 390 
# 
loop_
_chem_comp_bond.comp_id 
_chem_comp_bond.atom_id_1 
_chem_comp_bond.atom_id_2 
_chem_comp_bond.value_order 
_chem_comp_bond.pdbx_aromatic_flag 
_chem_comp_bond.pdbx_stereo_config 
_chem_comp_bond.pdbx_ordinal 
ALA N   CA   sing N N 1   
ALA N   H    sing N N 2   
ALA N   H2   sing N N 3   
ALA CA  C    sing N N 4   
ALA CA  CB   sing N N 5   
ALA CA  HA   sing N N 6   
ALA C   O    doub N N 7   
ALA C   OXT  sing N N 8   
ALA CB  HB1  sing N N 9   
ALA CB  HB2  sing N N 10  
ALA CB  HB3  sing N N 11  
ALA OXT HXT  sing N N 12  
ARG N   CA   sing N N 13  
ARG N   H    sing N N 14  
ARG N   H2   sing N N 15  
ARG CA  C    sing N N 16  
ARG CA  CB   sing N N 17  
ARG CA  HA   sing N N 18  
ARG C   O    doub N N 19  
ARG C   OXT  sing N N 20  
ARG CB  CG   sing N N 21  
ARG CB  HB2  sing N N 22  
ARG CB  HB3  sing N N 23  
ARG CG  CD   sing N N 24  
ARG CG  HG2  sing N N 25  
ARG CG  HG3  sing N N 26  
ARG CD  NE   sing N N 27  
ARG CD  HD2  sing N N 28  
ARG CD  HD3  sing N N 29  
ARG NE  CZ   sing N N 30  
ARG NE  HE   sing N N 31  
ARG CZ  NH1  sing N N 32  
ARG CZ  NH2  doub N N 33  
ARG NH1 HH11 sing N N 34  
ARG NH1 HH12 sing N N 35  
ARG NH2 HH21 sing N N 36  
ARG NH2 HH22 sing N N 37  
ARG OXT HXT  sing N N 38  
ASN N   CA   sing N N 39  
ASN N   H    sing N N 40  
ASN N   H2   sing N N 41  
ASN CA  C    sing N N 42  
ASN CA  CB   sing N N 43  
ASN CA  HA   sing N N 44  
ASN C   O    doub N N 45  
ASN C   OXT  sing N N 46  
ASN CB  CG   sing N N 47  
ASN CB  HB2  sing N N 48  
ASN CB  HB3  sing N N 49  
ASN CG  OD1  doub N N 50  
ASN CG  ND2  sing N N 51  
ASN ND2 HD21 sing N N 52  
ASN ND2 HD22 sing N N 53  
ASN OXT HXT  sing N N 54  
ASP N   CA   sing N N 55  
ASP N   H    sing N N 56  
ASP N   H2   sing N N 57  
ASP CA  C    sing N N 58  
ASP CA  CB   sing N N 59  
ASP CA  HA   sing N N 60  
ASP C   O    doub N N 61  
ASP C   OXT  sing N N 62  
ASP CB  CG   sing N N 63  
ASP CB  HB2  sing N N 64  
ASP CB  HB3  sing N N 65  
ASP CG  OD1  doub N N 66  
ASP CG  OD2  sing N N 67  
ASP OD2 HD2  sing N N 68  
ASP OXT HXT  sing N N 69  
CYS N   CA   sing N N 70  
CYS N   H    sing N N 71  
CYS N   H2   sing N N 72  
CYS CA  C    sing N N 73  
CYS CA  CB   sing N N 74  
CYS CA  HA   sing N N 75  
CYS C   O    doub N N 76  
CYS C   OXT  sing N N 77  
CYS CB  SG   sing N N 78  
CYS CB  HB2  sing N N 79  
CYS CB  HB3  sing N N 80  
CYS SG  HG   sing N N 81  
CYS OXT HXT  sing N N 82  
GLN N   CA   sing N N 83  
GLN N   H    sing N N 84  
GLN N   H2   sing N N 85  
GLN CA  C    sing N N 86  
GLN CA  CB   sing N N 87  
GLN CA  HA   sing N N 88  
GLN C   O    doub N N 89  
GLN C   OXT  sing N N 90  
GLN CB  CG   sing N N 91  
GLN CB  HB2  sing N N 92  
GLN CB  HB3  sing N N 93  
GLN CG  CD   sing N N 94  
GLN CG  HG2  sing N N 95  
GLN CG  HG3  sing N N 96  
GLN CD  OE1  doub N N 97  
GLN CD  NE2  sing N N 98  
GLN NE2 HE21 sing N N 99  
GLN NE2 HE22 sing N N 100 
GLN OXT HXT  sing N N 101 
GLU N   CA   sing N N 102 
GLU N   H    sing N N 103 
GLU N   H2   sing N N 104 
GLU CA  C    sing N N 105 
GLU CA  CB   sing N N 106 
GLU CA  HA   sing N N 107 
GLU C   O    doub N N 108 
GLU C   OXT  sing N N 109 
GLU CB  CG   sing N N 110 
GLU CB  HB2  sing N N 111 
GLU CB  HB3  sing N N 112 
GLU CG  CD   sing N N 113 
GLU CG  HG2  sing N N 114 
GLU CG  HG3  sing N N 115 
GLU CD  OE1  doub N N 116 
GLU CD  OE2  sing N N 117 
GLU OE2 HE2  sing N N 118 
GLU OXT HXT  sing N N 119 
GLY N   CA   sing N N 120 
GLY N   H    sing N N 121 
GLY N   H2   sing N N 122 
GLY CA  C    sing N N 123 
GLY CA  HA2  sing N N 124 
GLY CA  HA3  sing N N 125 
GLY C   O    doub N N 126 
GLY C   OXT  sing N N 127 
GLY OXT HXT  sing N N 128 
HIS N   CA   sing N N 129 
HIS N   H    sing N N 130 
HIS N   H2   sing N N 131 
HIS CA  C    sing N N 132 
HIS CA  CB   sing N N 133 
HIS CA  HA   sing N N 134 
HIS C   O    doub N N 135 
HIS C   OXT  sing N N 136 
HIS CB  CG   sing N N 137 
HIS CB  HB2  sing N N 138 
HIS CB  HB3  sing N N 139 
HIS CG  ND1  sing Y N 140 
HIS CG  CD2  doub Y N 141 
HIS ND1 CE1  doub Y N 142 
HIS ND1 HD1  sing N N 143 
HIS CD2 NE2  sing Y N 144 
HIS CD2 HD2  sing N N 145 
HIS CE1 NE2  sing Y N 146 
HIS CE1 HE1  sing N N 147 
HIS NE2 HE2  sing N N 148 
HIS OXT HXT  sing N N 149 
HOH O   H1   sing N N 150 
HOH O   H2   sing N N 151 
ILE N   CA   sing N N 152 
ILE N   H    sing N N 153 
ILE N   H2   sing N N 154 
ILE CA  C    sing N N 155 
ILE CA  CB   sing N N 156 
ILE CA  HA   sing N N 157 
ILE C   O    doub N N 158 
ILE C   OXT  sing N N 159 
ILE CB  CG1  sing N N 160 
ILE CB  CG2  sing N N 161 
ILE CB  HB   sing N N 162 
ILE CG1 CD1  sing N N 163 
ILE CG1 HG12 sing N N 164 
ILE CG1 HG13 sing N N 165 
ILE CG2 HG21 sing N N 166 
ILE CG2 HG22 sing N N 167 
ILE CG2 HG23 sing N N 168 
ILE CD1 HD11 sing N N 169 
ILE CD1 HD12 sing N N 170 
ILE CD1 HD13 sing N N 171 
ILE OXT HXT  sing N N 172 
LEU N   CA   sing N N 173 
LEU N   H    sing N N 174 
LEU N   H2   sing N N 175 
LEU CA  C    sing N N 176 
LEU CA  CB   sing N N 177 
LEU CA  HA   sing N N 178 
LEU C   O    doub N N 179 
LEU C   OXT  sing N N 180 
LEU CB  CG   sing N N 181 
LEU CB  HB2  sing N N 182 
LEU CB  HB3  sing N N 183 
LEU CG  CD1  sing N N 184 
LEU CG  CD2  sing N N 185 
LEU CG  HG   sing N N 186 
LEU CD1 HD11 sing N N 187 
LEU CD1 HD12 sing N N 188 
LEU CD1 HD13 sing N N 189 
LEU CD2 HD21 sing N N 190 
LEU CD2 HD22 sing N N 191 
LEU CD2 HD23 sing N N 192 
LEU OXT HXT  sing N N 193 
LYS N   CA   sing N N 194 
LYS N   H    sing N N 195 
LYS N   H2   sing N N 196 
LYS CA  C    sing N N 197 
LYS CA  CB   sing N N 198 
LYS CA  HA   sing N N 199 
LYS C   O    doub N N 200 
LYS C   OXT  sing N N 201 
LYS CB  CG   sing N N 202 
LYS CB  HB2  sing N N 203 
LYS CB  HB3  sing N N 204 
LYS CG  CD   sing N N 205 
LYS CG  HG2  sing N N 206 
LYS CG  HG3  sing N N 207 
LYS CD  CE   sing N N 208 
LYS CD  HD2  sing N N 209 
LYS CD  HD3  sing N N 210 
LYS CE  NZ   sing N N 211 
LYS CE  HE2  sing N N 212 
LYS CE  HE3  sing N N 213 
LYS NZ  HZ1  sing N N 214 
LYS NZ  HZ2  sing N N 215 
LYS NZ  HZ3  sing N N 216 
LYS OXT HXT  sing N N 217 
MET N   CA   sing N N 218 
MET N   H    sing N N 219 
MET N   H2   sing N N 220 
MET CA  C    sing N N 221 
MET CA  CB   sing N N 222 
MET CA  HA   sing N N 223 
MET C   O    doub N N 224 
MET C   OXT  sing N N 225 
MET CB  CG   sing N N 226 
MET CB  HB2  sing N N 227 
MET CB  HB3  sing N N 228 
MET CG  SD   sing N N 229 
MET CG  HG2  sing N N 230 
MET CG  HG3  sing N N 231 
MET SD  CE   sing N N 232 
MET CE  HE1  sing N N 233 
MET CE  HE2  sing N N 234 
MET CE  HE3  sing N N 235 
MET OXT HXT  sing N N 236 
PHE N   CA   sing N N 237 
PHE N   H    sing N N 238 
PHE N   H2   sing N N 239 
PHE CA  C    sing N N 240 
PHE CA  CB   sing N N 241 
PHE CA  HA   sing N N 242 
PHE C   O    doub N N 243 
PHE C   OXT  sing N N 244 
PHE CB  CG   sing N N 245 
PHE CB  HB2  sing N N 246 
PHE CB  HB3  sing N N 247 
PHE CG  CD1  doub Y N 248 
PHE CG  CD2  sing Y N 249 
PHE CD1 CE1  sing Y N 250 
PHE CD1 HD1  sing N N 251 
PHE CD2 CE2  doub Y N 252 
PHE CD2 HD2  sing N N 253 
PHE CE1 CZ   doub Y N 254 
PHE CE1 HE1  sing N N 255 
PHE CE2 CZ   sing Y N 256 
PHE CE2 HE2  sing N N 257 
PHE CZ  HZ   sing N N 258 
PHE OXT HXT  sing N N 259 
PRO N   CA   sing N N 260 
PRO N   CD   sing N N 261 
PRO N   H    sing N N 262 
PRO CA  C    sing N N 263 
PRO CA  CB   sing N N 264 
PRO CA  HA   sing N N 265 
PRO C   O    doub N N 266 
PRO C   OXT  sing N N 267 
PRO CB  CG   sing N N 268 
PRO CB  HB2  sing N N 269 
PRO CB  HB3  sing N N 270 
PRO CG  CD   sing N N 271 
PRO CG  HG2  sing N N 272 
PRO CG  HG3  sing N N 273 
PRO CD  HD2  sing N N 274 
PRO CD  HD3  sing N N 275 
PRO OXT HXT  sing N N 276 
SER N   CA   sing N N 277 
SER N   H    sing N N 278 
SER N   H2   sing N N 279 
SER CA  C    sing N N 280 
SER CA  CB   sing N N 281 
SER CA  HA   sing N N 282 
SER C   O    doub N N 283 
SER C   OXT  sing N N 284 
SER CB  OG   sing N N 285 
SER CB  HB2  sing N N 286 
SER CB  HB3  sing N N 287 
SER OG  HG   sing N N 288 
SER OXT HXT  sing N N 289 
THR N   CA   sing N N 290 
THR N   H    sing N N 291 
THR N   H2   sing N N 292 
THR CA  C    sing N N 293 
THR CA  CB   sing N N 294 
THR CA  HA   sing N N 295 
THR C   O    doub N N 296 
THR C   OXT  sing N N 297 
THR CB  OG1  sing N N 298 
THR CB  CG2  sing N N 299 
THR CB  HB   sing N N 300 
THR OG1 HG1  sing N N 301 
THR CG2 HG21 sing N N 302 
THR CG2 HG22 sing N N 303 
THR CG2 HG23 sing N N 304 
THR OXT HXT  sing N N 305 
TRP N   CA   sing N N 306 
TRP N   H    sing N N 307 
TRP N   H2   sing N N 308 
TRP CA  C    sing N N 309 
TRP CA  CB   sing N N 310 
TRP CA  HA   sing N N 311 
TRP C   O    doub N N 312 
TRP C   OXT  sing N N 313 
TRP CB  CG   sing N N 314 
TRP CB  HB2  sing N N 315 
TRP CB  HB3  sing N N 316 
TRP CG  CD1  doub Y N 317 
TRP CG  CD2  sing Y N 318 
TRP CD1 NE1  sing Y N 319 
TRP CD1 HD1  sing N N 320 
TRP CD2 CE2  doub Y N 321 
TRP CD2 CE3  sing Y N 322 
TRP NE1 CE2  sing Y N 323 
TRP NE1 HE1  sing N N 324 
TRP CE2 CZ2  sing Y N 325 
TRP CE3 CZ3  doub Y N 326 
TRP CE3 HE3  sing N N 327 
TRP CZ2 CH2  doub Y N 328 
TRP CZ2 HZ2  sing N N 329 
TRP CZ3 CH2  sing Y N 330 
TRP CZ3 HZ3  sing N N 331 
TRP CH2 HH2  sing N N 332 
TRP OXT HXT  sing N N 333 
TYR N   CA   sing N N 334 
TYR N   H    sing N N 335 
TYR N   H2   sing N N 336 
TYR CA  C    sing N N 337 
TYR CA  CB   sing N N 338 
TYR CA  HA   sing N N 339 
TYR C   O    doub N N 340 
TYR C   OXT  sing N N 341 
TYR CB  CG   sing N N 342 
TYR CB  HB2  sing N N 343 
TYR CB  HB3  sing N N 344 
TYR CG  CD1  doub Y N 345 
TYR CG  CD2  sing Y N 346 
TYR CD1 CE1  sing Y N 347 
TYR CD1 HD1  sing N N 348 
TYR CD2 CE2  doub Y N 349 
TYR CD2 HD2  sing N N 350 
TYR CE1 CZ   doub Y N 351 
TYR CE1 HE1  sing N N 352 
TYR CE2 CZ   sing Y N 353 
TYR CE2 HE2  sing N N 354 
TYR CZ  OH   sing N N 355 
TYR OH  HH   sing N N 356 
TYR OXT HXT  sing N N 357 
VAL N   CA   sing N N 358 
VAL N   H    sing N N 359 
VAL N   H2   sing N N 360 
VAL CA  C    sing N N 361 
VAL CA  CB   sing N N 362 
VAL CA  HA   sing N N 363 
VAL C   O    doub N N 364 
VAL C   OXT  sing N N 365 
VAL CB  CG1  sing N N 366 
VAL CB  CG2  sing N N 367 
VAL CB  HB   sing N N 368 
VAL CG1 HG11 sing N N 369 
VAL CG1 HG12 sing N N 370 
VAL CG1 HG13 sing N N 371 
VAL CG2 HG21 sing N N 372 
VAL CG2 HG22 sing N N 373 
VAL CG2 HG23 sing N N 374 
VAL OXT HXT  sing N N 375 
# 
_pdbx_initial_refinement_model.id               1 
_pdbx_initial_refinement_model.entity_id_list   ? 
_pdbx_initial_refinement_model.type             'experimental model' 
_pdbx_initial_refinement_model.source_name      PDB 
_pdbx_initial_refinement_model.accession_code   2ENG 
_pdbx_initial_refinement_model.details          ? 
# 
_atom_sites.entry_id                    1HD5 
_atom_sites.fract_transf_matrix[1][1]   0.02022884 
_atom_sites.fract_transf_matrix[1][2]   -0.01471598 
_atom_sites.fract_transf_matrix[1][3]   -0.00551822 
_atom_sites.fract_transf_matrix[2][1]   0.01046035 
_atom_sites.fract_transf_matrix[2][2]   0.01613840 
_atom_sites.fract_transf_matrix[2][3]   -0.00469200 
_atom_sites.fract_transf_matrix[3][1]   0.01381407 
_atom_sites.fract_transf_matrix[3][2]   -0.00319216 
_atom_sites.fract_transf_matrix[3][3]   0.01981747 
_atom_sites.fract_transf_vector[1]      1.185672 
_atom_sites.fract_transf_vector[2]      0.371541 
_atom_sites.fract_transf_vector[3]      0.819073 
# 
loop_
_atom_type.symbol 
C 
N 
O 
S 
# 
loop_
_atom_site.group_PDB 
_atom_site.id 
_atom_site.type_symbol 
_atom_site.label_atom_id 
_atom_site.label_alt_id 
_atom_site.label_comp_id 
_atom_site.label_asym_id 
_atom_site.label_entity_id 
_atom_site.label_seq_id 
_atom_site.pdbx_PDB_ins_code 
_atom_site.Cartn_x 
_atom_site.Cartn_y 
_atom_site.Cartn_z 
_atom_site.occupancy 
_atom_site.B_iso_or_equiv 
_atom_site.pdbx_formal_charge 
_atom_site.auth_seq_id 
_atom_site.auth_comp_id 
_atom_site.auth_asym_id 
_atom_site.auth_atom_id 
_atom_site.pdbx_PDB_model_num 
ATOM   1    N N   . ALA A 1 1   ? -18.782 6.181   2.481   1.00 24.19 ? 1    ALA A N   1 
ATOM   2    C CA  . ALA A 1 1   ? -18.100 7.413   1.968   1.00 21.96 ? 1    ALA A CA  1 
ATOM   3    C C   . ALA A 1 1   ? -17.503 7.169   0.597   1.00 21.52 ? 1    ALA A C   1 
ATOM   4    O O   . ALA A 1 1   ? -17.334 6.036   0.226   1.00 21.06 ? 1    ALA A O   1 
ATOM   5    C CB  . ALA A 1 1   ? -17.042 7.832   2.928   1.00 22.94 ? 1    ALA A CB  1 
ATOM   6    N N   . ASP A 1 2   ? -17.384 8.225   -0.212  1.00 20.97 ? 2    ASP A N   1 
ATOM   7    C CA  . ASP A 1 2   ? -16.676 8.168   -1.492  1.00 21.08 ? 2    ASP A CA  1 
ATOM   8    C C   . ASP A 1 2   ? -15.260 8.712   -1.421  1.00 19.58 ? 2    ASP A C   1 
ATOM   9    O O   . ASP A 1 2   ? -14.956 9.623   -0.665  1.00 19.12 ? 2    ASP A O   1 
ATOM   10   C CB  . ASP A 1 2   ? -17.429 9.002   -2.539  1.00 21.69 ? 2    ASP A CB  1 
ATOM   11   C CG  . ASP A 1 2   ? -18.870 8.586   -2.669  1.00 27.17 ? 2    ASP A CG  1 
ATOM   12   O OD1 . ASP A 1 2   ? -19.160 7.472   -2.244  1.00 30.70 ? 2    ASP A OD1 1 
ATOM   13   O OD2 . ASP A 1 2   ? -19.757 9.312   -3.165  1.00 32.14 ? 2    ASP A OD2 1 
ATOM   14   N N   . GLY A 1 3   ? -14.408 8.147   -2.265  1.00 18.61 ? 3    GLY A N   1 
ATOM   15   C CA  . GLY A 1 3   ? -13.054 8.636   -2.385  1.00 19.10 ? 3    GLY A CA  1 
ATOM   16   C C   . GLY A 1 3   ? -12.523 8.464   -3.794  1.00 18.42 ? 3    GLY A C   1 
ATOM   17   O O   . GLY A 1 3   ? -13.173 7.902   -4.689  1.00 17.86 ? 3    GLY A O   1 
ATOM   18   N N   . LYS A 1 4   ? -11.298 8.950   -3.969  1.00 18.58 ? 4    LYS A N   1 
ATOM   19   C CA  . LYS A 1 4   ? -10.604 8.867   -5.221  1.00 18.09 ? 4    LYS A CA  1 
ATOM   20   C C   . LYS A 1 4   ? -9.248  8.217   -5.011  1.00 16.38 ? 4    LYS A C   1 
ATOM   21   O O   . LYS A 1 4   ? -8.623  8.406   -3.977  1.00 14.46 ? 4    LYS A O   1 
ATOM   22   C CB  . LYS A 1 4   ? -10.460 10.262  -5.821  1.00 19.62 ? 4    LYS A CB  1 
ATOM   23   C CG  . LYS A 1 4   ? -11.847 10.815  -6.195  1.00 23.17 ? 4    LYS A CG  1 
ATOM   24   C CD  . LYS A 1 4   ? -11.777 12.053  -7.061  1.00 29.12 ? 4    LYS A CD  1 
ATOM   25   C CE  . LYS A 1 4   ? -13.174 12.443  -7.531  1.00 30.99 ? 4    LYS A CE  1 
ATOM   26   N NZ  . LYS A 1 4   ? -14.027 12.918  -6.408  1.00 32.92 ? 4    LYS A NZ  1 
ATOM   27   N N   . SER A 1 5   ? -8.778  7.499   -6.022  1.00 15.30 ? 5    SER A N   1 
ATOM   28   C CA  . SER A 1 5   ? -7.542  6.772   -5.850  1.00 15.57 ? 5    SER A CA  1 
ATOM   29   C C   . SER A 1 5   ? -6.446  7.214   -6.799  1.00 15.80 ? 5    SER A C   1 
ATOM   30   O O   . SER A 1 5   ? -6.696  7.801   -7.871  1.00 17.67 ? 5    SER A O   1 
ATOM   31   C CB  . SER A 1 5   ? -7.738  5.286   -6.071  1.00 15.47 ? 5    SER A CB  1 
ATOM   32   O OG  . SER A 1 5   ? -7.835  4.942   -7.465  1.00 16.63 ? 5    SER A OG  1 
ATOM   33   N N   . THR A 1 6   ? -5.231  6.911   -6.360  1.00 15.09 ? 6    THR A N   1 
ATOM   34   C CA  . THR A 1 6   ? -4.040  6.976   -7.204  1.00 14.50 ? 6    THR A CA  1 
ATOM   35   C C   . THR A 1 6   ? -3.237  5.706   -6.936  1.00 13.96 ? 6    THR A C   1 
ATOM   36   O O   . THR A 1 6   ? -3.723  4.797   -6.246  1.00 12.15 ? 6    THR A O   1 
ATOM   37   C CB  . THR A 1 6   ? -3.208  8.208   -6.930  1.00 14.69 ? 6    THR A CB  1 
ATOM   38   O OG1 . THR A 1 6   ? -3.049  8.431   -5.528  1.00 16.41 ? 6    THR A OG1 1 
ATOM   39   C CG2 . THR A 1 6   ? -3.946  9.450   -7.492  1.00 15.70 ? 6    THR A CG2 1 
ATOM   40   N N   . ARG A 1 7   ? -2.039  5.610   -7.502  1.00 12.98 ? 7    ARG A N   1 
ATOM   41   C CA  . ARG A 1 7   ? -1.203  4.423   -7.271  1.00 13.64 ? 7    ARG A CA  1 
ATOM   42   C C   . ARG A 1 7   ? 0.241   4.879   -7.107  1.00 13.69 ? 7    ARG A C   1 
ATOM   43   O O   . ARG A 1 7   ? 0.623   5.910   -7.637  1.00 14.27 ? 7    ARG A O   1 
ATOM   44   C CB  . ARG A 1 7   ? -1.290  3.447   -8.447  1.00 14.87 ? 7    ARG A CB  1 
ATOM   45   C CG  . ARG A 1 7   ? -0.817  4.044   -9.793  1.00 15.74 ? 7    ARG A CG  1 
ATOM   46   C CD  . ARG A 1 7   ? -1.054  3.152   -10.947 1.00 18.98 ? 7    ARG A CD  1 
ATOM   47   N NE  . ARG A 1 7   ? -0.603  3.777   -12.193 1.00 24.85 ? 7    ARG A NE  1 
ATOM   48   C CZ  . ARG A 1 7   ? -1.363  4.545   -12.964 1.00 31.01 ? 7    ARG A CZ  1 
ATOM   49   N NH1 . ARG A 1 7   ? -2.629  4.794   -12.643 1.00 32.13 ? 7    ARG A NH1 1 
ATOM   50   N NH2 . ARG A 1 7   ? -0.847  5.087   -14.063 1.00 33.10 ? 7    ARG A NH2 1 
ATOM   51   N N   . TYR A 1 8   ? 1.023   4.125   -6.341  1.00 12.59 ? 8    TYR A N   1 
ATOM   52   C CA  . TYR A 1 8   ? 2.407   4.484   -6.077  1.00 12.31 ? 8    TYR A CA  1 
ATOM   53   C C   . TYR A 1 8   ? 3.197   3.307   -5.556  1.00 11.57 ? 8    TYR A C   1 
ATOM   54   O O   . TYR A 1 8   ? 2.657   2.336   -5.076  1.00 11.25 ? 8    TYR A O   1 
ATOM   55   C CB  . TYR A 1 8   ? 2.510   5.633   -5.079  1.00 11.64 ? 8    TYR A CB  1 
ATOM   56   C CG  . TYR A 1 8   ? 2.605   5.266   -3.598  1.00 12.37 ? 8    TYR A CG  1 
ATOM   57   C CD1 . TYR A 1 8   ? 1.559   4.605   -2.935  1.00 11.80 ? 8    TYR A CD1 1 
ATOM   58   C CD2 . TYR A 1 8   ? 3.688   5.639   -2.852  1.00 13.65 ? 8    TYR A CD2 1 
ATOM   59   C CE1 . TYR A 1 8   ? 1.656   4.312   -1.575  1.00 12.15 ? 8    TYR A CE1 1 
ATOM   60   C CE2 . TYR A 1 8   ? 3.816   5.339   -1.522  1.00 15.46 ? 8    TYR A CE2 1 
ATOM   61   C CZ  . TYR A 1 8   ? 2.780   4.684   -0.864  1.00 16.53 ? 8    TYR A CZ  1 
ATOM   62   O OH  . TYR A 1 8   ? 2.911   4.402   0.465   1.00 16.30 ? 8    TYR A OH  1 
ATOM   63   N N   . TRP A 1 9   ? 4.514   3.442   -5.666  1.00 11.59 ? 9    TRP A N   1 
ATOM   64   C CA  . TRP A 1 9   ? 5.455   2.591   -4.961  1.00 10.42 ? 9    TRP A CA  1 
ATOM   65   C C   . TRP A 1 9   ? 6.735   3.382   -4.973  1.00 11.08 ? 9    TRP A C   1 
ATOM   66   O O   . TRP A 1 9   ? 7.398   3.406   -5.994  1.00 10.94 ? 9    TRP A O   1 
ATOM   67   C CB  . TRP A 1 9   ? 5.680   1.206   -5.587  1.00 11.25 ? 9    TRP A CB  1 
ATOM   68   C CG  . TRP A 1 9   ? 6.470   0.340   -4.658  1.00 9.99  ? 9    TRP A CG  1 
ATOM   69   C CD1 . TRP A 1 9   ? 7.839   0.272   -4.540  1.00 11.81 ? 9    TRP A CD1 1 
ATOM   70   C CD2 . TRP A 1 9   ? 5.950   -0.575  -3.667  1.00 11.19 ? 9    TRP A CD2 1 
ATOM   71   N NE1 . TRP A 1 9   ? 8.183   -0.628  -3.557  1.00 12.34 ? 9    TRP A NE1 1 
ATOM   72   C CE2 . TRP A 1 9   ? 7.047   -1.132  -2.990  1.00 11.78 ? 9    TRP A CE2 1 
ATOM   73   C CE3 . TRP A 1 9   ? 4.667   -0.973  -3.292  1.00 12.73 ? 9    TRP A CE3 1 
ATOM   74   C CZ2 . TRP A 1 9   ? 6.906   -2.091  -1.975  1.00 13.20 ? 9    TRP A CZ2 1 
ATOM   75   C CZ3 . TRP A 1 9   ? 4.522   -1.908  -2.273  1.00 12.28 ? 9    TRP A CZ3 1 
ATOM   76   C CH2 . TRP A 1 9   ? 5.633   -2.461  -1.638  1.00 13.12 ? 9    TRP A CH2 1 
ATOM   77   N N   . ASP A 1 10  ? 7.082   3.977   -3.841  1.00 11.29 ? 10   ASP A N   1 
ATOM   78   C CA  . ASP A 1 10  ? 8.292   4.772   -3.725  1.00 10.90 ? 10   ASP A CA  1 
ATOM   79   C C   . ASP A 1 10  ? 9.396   4.165   -2.870  1.00 11.83 ? 10   ASP A C   1 
ATOM   80   O O   . ASP A 1 10  ? 10.432  4.797   -2.636  1.00 12.32 ? 10   ASP A O   1 
ATOM   81   C CB  . ASP A 1 10  ? 7.976   6.160   -3.242  1.00 11.83 ? 10   ASP A CB  1 
ATOM   82   C CG  . ASP A 1 10  ? 7.356   6.217   -1.881  1.00 12.65 ? 10   ASP A CG  1 
ATOM   83   O OD1 . ASP A 1 10  ? 7.324   5.249   -1.132  1.00 11.34 ? 10   ASP A OD1 1 
ATOM   84   O OD2 . ASP A 1 10  ? 6.884   7.303   -1.462  1.00 14.51 ? 10   ASP A OD2 1 
ATOM   85   N N   . CYS A 1 11  ? 9.148   2.947   -2.393  1.00 11.83 ? 11   CYS A N   1 
ATOM   86   C CA  . CYS A 1 11  ? 10.083  2.200   -1.552  1.00 11.10 ? 11   CYS A CA  1 
ATOM   87   C C   . CYS A 1 11  ? 10.325  2.813   -0.161  1.00 10.81 ? 11   CYS A C   1 
ATOM   88   O O   . CYS A 1 11  ? 11.060  2.252   0.629   1.00 10.97 ? 11   CYS A O   1 
ATOM   89   C CB  . CYS A 1 11  ? 11.413  1.952   -2.250  1.00 12.20 ? 11   CYS A CB  1 
ATOM   90   S SG  . CYS A 1 11  ? 11.350  0.955   -3.737  1.00 11.36 ? 11   CYS A SG  1 
ATOM   91   N N   . CYS A 1 12  ? 9.639   3.900   0.161   1.00 11.10 ? 12   CYS A N   1 
ATOM   92   C CA  . CYS A 1 12  ? 9.801   4.541   1.459   1.00 10.37 ? 12   CYS A CA  1 
ATOM   93   C C   . CYS A 1 12  ? 9.251   3.762   2.637   1.00 11.15 ? 12   CYS A C   1 
ATOM   94   O O   . CYS A 1 12  ? 8.260   3.088   2.537   1.00 11.28 ? 12   CYS A O   1 
ATOM   95   C CB  . CYS A 1 12  ? 9.117   5.914   1.476   1.00 11.08 ? 12   CYS A CB  1 
ATOM   96   S SG  . CYS A 1 12  ? 9.837   7.128   0.329   1.00 11.79 ? 12   CYS A SG  1 
ATOM   97   N N   . LYS A 1 13  ? 9.874   3.910   3.787   1.00 10.81 ? 13   LYS A N   1 
ATOM   98   C CA  . LYS A 1 13  ? 9.299   3.400   5.004   1.00 11.82 ? 13   LYS A CA  1 
ATOM   99   C C   . LYS A 1 13  ? 7.916   4.033   5.106   1.00 10.76 ? 13   LYS A C   1 
ATOM   100  O O   . LYS A 1 13  ? 7.747   5.257   5.034   1.00 12.94 ? 13   LYS A O   1 
ATOM   101  C CB  . LYS A 1 13  ? 10.158  3.857   6.167   1.00 11.76 ? 13   LYS A CB  1 
ATOM   102  C CG  . LYS A 1 13  ? 9.596   3.490   7.514   1.00 13.52 ? 13   LYS A CG  1 
ATOM   103  C CD  . LYS A 1 13  ? 10.654  3.539   8.599   1.00 12.75 ? 13   LYS A CD  1 
ATOM   104  C CE  . LYS A 1 13  ? 10.117  3.242   9.973   1.00 12.88 ? 13   LYS A CE  1 
ATOM   105  N NZ  . LYS A 1 13  ? 11.193  3.019   10.972  1.00 14.91 ? 13   LYS A NZ  1 
ATOM   106  N N   . PRO A 1 14  ? 6.884   3.198   5.254   1.00 11.77 ? 14   PRO A N   1 
ATOM   107  C CA  . PRO A 1 14  ? 5.546   3.770   5.365   1.00 11.31 ? 14   PRO A CA  1 
ATOM   108  C C   . PRO A 1 14  ? 5.411   4.520   6.678   1.00 10.85 ? 14   PRO A C   1 
ATOM   109  O O   . PRO A 1 14  ? 6.022   4.114   7.670   1.00 11.28 ? 14   PRO A O   1 
ATOM   110  C CB  . PRO A 1 14  ? 4.646   2.538   5.309   1.00 12.80 ? 14   PRO A CB  1 
ATOM   111  C CG  . PRO A 1 14  ? 5.500   1.412   5.827   1.00 12.46 ? 14   PRO A CG  1 
ATOM   112  C CD  . PRO A 1 14  ? 6.869   1.725   5.277   1.00 12.50 ? 14   PRO A CD  1 
ATOM   113  N N   . SER A 1 15  ? 4.503   5.481   6.718   1.00 11.46 ? 15   SER A N   1 
ATOM   114  C CA  . SER A 1 15  ? 4.382   6.355   7.877   1.00 12.07 ? 15   SER A CA  1 
ATOM   115  C C   . SER A 1 15  ? 3.802   5.655   9.081   1.00 12.63 ? 15   SER A C   1 
ATOM   116  O O   . SER A 1 15  ? 4.042   6.084   10.194  1.00 13.80 ? 15   SER A O   1 
ATOM   117  C CB  A SER A 1 15  ? 3.514   7.574   7.535   0.50 12.92 ? 15   SER A CB  1 
ATOM   118  C CB  B SER A 1 15  ? 3.597   7.624   7.534   0.50 12.83 ? 15   SER A CB  1 
ATOM   119  O OG  A SER A 1 15  ? 3.390   8.464   8.640   0.50 13.14 ? 15   SER A OG  1 
ATOM   120  O OG  B SER A 1 15  ? 2.243   7.351   7.260   0.50 12.51 ? 15   SER A OG  1 
ATOM   121  N N   . CYS A 1 16  ? 3.066   4.585   8.861   1.00 11.42 ? 16   CYS A N   1 
ATOM   122  C CA  . CYS A 1 16  ? 2.501   3.856   9.973   1.00 11.69 ? 16   CYS A CA  1 
ATOM   123  C C   . CYS A 1 16  ? 3.486   2.789   10.489  1.00 12.02 ? 16   CYS A C   1 
ATOM   124  O O   . CYS A 1 16  ? 3.154   1.952   11.364  1.00 11.89 ? 16   CYS A O   1 
ATOM   125  C CB  . CYS A 1 16  ? 1.186   3.215   9.546   1.00 11.57 ? 16   CYS A CB  1 
ATOM   126  S SG  . CYS A 1 16  ? -0.105  4.367   9.003   1.00 10.21 ? 16   CYS A SG  1 
ATOM   127  N N   . GLY A 1 17  ? 4.683   2.795   9.911   1.00 11.22 ? 17   GLY A N   1 
ATOM   128  C CA  . GLY A 1 17  ? 5.763   1.936   10.345  1.00 12.49 ? 17   GLY A CA  1 
ATOM   129  C C   . GLY A 1 17  ? 6.545   2.502   11.521  1.00 12.77 ? 17   GLY A C   1 
ATOM   130  O O   . GLY A 1 17  ? 7.479   1.851   12.006  1.00 13.83 ? 17   GLY A O   1 
ATOM   131  N N   . TRP A 1 18  ? 6.187   3.708   11.962  1.00 13.79 ? 18   TRP A N   1 
ATOM   132  C CA  . TRP A 1 18  ? 6.839   4.345   13.120  1.00 14.30 ? 18   TRP A CA  1 
ATOM   133  C C   . TRP A 1 18  ? 6.056   4.008   14.371  1.00 15.11 ? 18   TRP A C   1 
ATOM   134  O O   . TRP A 1 18  ? 4.859   3.861   14.337  1.00 16.66 ? 18   TRP A O   1 
ATOM   135  C CB  . TRP A 1 18  ? 6.842   5.863   12.957  1.00 14.03 ? 18   TRP A CB  1 
ATOM   136  C CG  . TRP A 1 18  ? 7.619   6.385   11.788  1.00 12.42 ? 18   TRP A CG  1 
ATOM   137  C CD1 . TRP A 1 18  ? 7.130   6.901   10.634  1.00 13.14 ? 18   TRP A CD1 1 
ATOM   138  C CD2 . TRP A 1 18  ? 9.040   6.421   11.670  1.00 12.62 ? 18   TRP A CD2 1 
ATOM   139  N NE1 . TRP A 1 18  ? 8.162   7.270   9.800   1.00 13.26 ? 18   TRP A NE1 1 
ATOM   140  C CE2 . TRP A 1 18  ? 9.348   6.967   10.412  1.00 14.25 ? 18   TRP A CE2 1 
ATOM   141  C CE3 . TRP A 1 18  ? 10.096  6.068   12.524  1.00 14.22 ? 18   TRP A CE3 1 
ATOM   142  C CZ2 . TRP A 1 18  ? 10.673  7.185   9.991   1.00 15.67 ? 18   TRP A CZ2 1 
ATOM   143  C CZ3 . TRP A 1 18  ? 11.413  6.258   12.084  1.00 15.36 ? 18   TRP A CZ3 1 
ATOM   144  C CH2 . TRP A 1 18  ? 11.679  6.803   10.840  1.00 13.95 ? 18   TRP A CH2 1 
ATOM   145  N N   . ALA A 1 19  ? 6.734   3.889   15.496  1.00 17.10 ? 19   ALA A N   1 
ATOM   146  C CA  . ALA A 1 19  ? 6.039   3.679   16.754  1.00 17.53 ? 19   ALA A CA  1 
ATOM   147  C C   . ALA A 1 19  ? 5.260   4.924   17.144  1.00 18.13 ? 19   ALA A C   1 
ATOM   148  O O   . ALA A 1 19  ? 5.576   6.024   16.694  1.00 15.87 ? 19   ALA A O   1 
ATOM   149  C CB  . ALA A 1 19  ? 7.037   3.343   17.814  1.00 17.83 ? 19   ALA A CB  1 
ATOM   150  N N   . LYS A 1 20  ? 4.230   4.743   17.973  1.00 18.02 ? 20   LYS A N   1 
ATOM   151  C CA  . LYS A 1 20  ? 3.461   5.841   18.535  1.00 18.96 ? 20   LYS A CA  1 
ATOM   152  C C   . LYS A 1 20  ? 2.609   6.640   17.556  1.00 19.74 ? 20   LYS A C   1 
ATOM   153  O O   . LYS A 1 20  ? 2.199   7.755   17.851  1.00 21.68 ? 20   LYS A O   1 
ATOM   154  C CB  . LYS A 1 20  ? 4.378   6.777   19.356  1.00 20.23 ? 20   LYS A CB  1 
ATOM   155  C CG  . LYS A 1 20  ? 5.286   6.032   20.290  1.00 24.29 ? 20   LYS A CG  1 
ATOM   156  C CD  . LYS A 1 20  ? 6.253   6.990   21.004  1.00 28.14 ? 20   LYS A CD  1 
ATOM   157  C CE  . LYS A 1 20  ? 7.425   6.243   21.617  1.00 32.23 ? 20   LYS A CE  1 
ATOM   158  N NZ  . LYS A 1 20  ? 7.009   5.295   22.707  1.00 31.13 ? 20   LYS A NZ  1 
ATOM   159  N N   . LYS A 1 21  ? 2.281   6.049   16.412  1.00 18.37 ? 21   LYS A N   1 
ATOM   160  C CA  . LYS A 1 21  ? 1.385   6.697   15.472  1.00 19.07 ? 21   LYS A CA  1 
ATOM   161  C C   . LYS A 1 21  ? -0.082  6.431   15.767  1.00 18.02 ? 21   LYS A C   1 
ATOM   162  O O   . LYS A 1 21  ? -0.940  7.269   15.477  1.00 17.17 ? 21   LYS A O   1 
ATOM   163  C CB  . LYS A 1 21  ? 1.723   6.292   14.042  1.00 18.90 ? 21   LYS A CB  1 
ATOM   164  C CG  . LYS A 1 21  ? 3.086   6.702   13.598  1.00 19.17 ? 21   LYS A CG  1 
ATOM   165  C CD  . LYS A 1 21  ? 3.236   8.222   13.643  1.00 19.32 ? 21   LYS A CD  1 
ATOM   166  C CE  . LYS A 1 21  ? 4.303   8.729   12.678  1.00 16.94 ? 21   LYS A CE  1 
ATOM   167  N NZ  . LYS A 1 21  ? 3.869   8.820   11.253  1.00 15.66 ? 21   LYS A NZ  1 
ATOM   168  N N   . ALA A 1 22  ? -0.357  5.291   16.401  1.00 15.91 ? 22   ALA A N   1 
ATOM   169  C CA  . ALA A 1 22  ? -1.739  4.848   16.604  1.00 15.29 ? 22   ALA A CA  1 
ATOM   170  C C   . ALA A 1 22  ? -1.730  3.767   17.660  1.00 14.49 ? 22   ALA A C   1 
ATOM   171  O O   . ALA A 1 22  ? -0.700  3.213   17.943  1.00 14.02 ? 22   ALA A O   1 
ATOM   172  C CB  . ALA A 1 22  ? -2.346  4.320   15.334  1.00 15.25 ? 22   ALA A CB  1 
ATOM   173  N N   . PRO A 1 23  ? -2.880  3.461   18.243  1.00 15.41 ? 23   PRO A N   1 
ATOM   174  C CA  . PRO A 1 23  ? -2.944  2.425   19.284  1.00 15.40 ? 23   PRO A CA  1 
ATOM   175  C C   . PRO A 1 23  ? -2.979  1.074   18.610  1.00 14.63 ? 23   PRO A C   1 
ATOM   176  O O   . PRO A 1 23  ? -4.027  0.644   18.193  1.00 14.46 ? 23   PRO A O   1 
ATOM   177  C CB  . PRO A 1 23  ? -4.286  2.692   19.968  1.00 16.57 ? 23   PRO A CB  1 
ATOM   178  C CG  . PRO A 1 23  ? -4.748  3.973   19.435  1.00 18.70 ? 23   PRO A CG  1 
ATOM   179  C CD  . PRO A 1 23  ? -4.164  4.137   18.079  1.00 16.31 ? 23   PRO A CD  1 
ATOM   180  N N   . VAL A 1 24  ? -1.826  0.462   18.482  1.00 14.19 ? 24   VAL A N   1 
ATOM   181  C CA  . VAL A 1 24  ? -1.652  -0.790  17.749  1.00 14.31 ? 24   VAL A CA  1 
ATOM   182  C C   . VAL A 1 24  ? -0.736  -1.690  18.567  1.00 14.97 ? 24   VAL A C   1 
ATOM   183  O O   . VAL A 1 24  ? -0.023  -1.215  19.485  1.00 16.61 ? 24   VAL A O   1 
ATOM   184  C CB  . VAL A 1 24  ? -1.015  -0.557  16.366  1.00 13.59 ? 24   VAL A CB  1 
ATOM   185  C CG1 . VAL A 1 24  ? -1.912  0.271   15.457  1.00 14.21 ? 24   VAL A CG1 1 
ATOM   186  C CG2 . VAL A 1 24  ? 0.340   0.090   16.492  1.00 15.28 ? 24   VAL A CG2 1 
ATOM   187  N N   . ASN A 1 25  ? -0.710  -2.969  18.224  1.00 15.06 ? 25   ASN A N   1 
ATOM   188  C CA  . ASN A 1 25  ? 0.128   -3.923  18.919  1.00 15.51 ? 25   ASN A CA  1 
ATOM   189  C C   . ASN A 1 25  ? 1.585   -3.716  18.582  1.00 16.37 ? 25   ASN A C   1 
ATOM   190  O O   . ASN A 1 25  ? 2.470   -3.860  19.441  1.00 17.31 ? 25   ASN A O   1 
ATOM   191  C CB  . ASN A 1 25  ? -0.316  -5.364  18.621  1.00 16.35 ? 25   ASN A CB  1 
ATOM   192  C CG  . ASN A 1 25  ? -0.191  -5.709  17.197  1.00 17.32 ? 25   ASN A CG  1 
ATOM   193  O OD1 . ASN A 1 25  ? -0.514  -4.915  16.360  1.00 13.84 ? 25   ASN A OD1 1 
ATOM   194  N ND2 . ASN A 1 25  ? 0.301   -6.916  16.903  1.00 21.55 ? 25   ASN A ND2 1 
ATOM   195  N N   . GLN A 1 26  ? 1.826   -3.390  17.312  1.00 14.88 ? 26   GLN A N   1 
ATOM   196  C CA  . GLN A 1 26  ? 3.147   -3.054  16.780  1.00 15.40 ? 26   GLN A CA  1 
ATOM   197  C C   . GLN A 1 26  ? 2.901   -2.281  15.503  1.00 13.64 ? 26   GLN A C   1 
ATOM   198  O O   . GLN A 1 26  ? 1.848   -2.424  14.876  1.00 13.28 ? 26   GLN A O   1 
ATOM   199  C CB  . GLN A 1 26  ? 3.950   -4.308  16.446  1.00 16.88 ? 26   GLN A CB  1 
ATOM   200  C CG  . GLN A 1 26  ? 3.403   -5.109  15.335  1.00 20.38 ? 26   GLN A CG  1 
ATOM   201  C CD  . GLN A 1 26  ? 4.506   -5.902  14.551  1.00 21.98 ? 26   GLN A CD  1 
ATOM   202  O OE1 . GLN A 1 26  ? 5.040   -6.888  15.075  1.00 26.15 ? 26   GLN A OE1 1 
ATOM   203  N NE2 . GLN A 1 26  ? 4.811   -5.480  13.296  1.00 18.83 ? 26   GLN A NE2 1 
ATOM   204  N N   . PRO A 1 27  ? 3.855   -1.442  15.095  1.00 12.25 ? 27   PRO A N   1 
ATOM   205  C CA  . PRO A 1 27  ? 3.696   -0.691  13.852  1.00 12.38 ? 27   PRO A CA  1 
ATOM   206  C C   . PRO A 1 27  ? 3.827   -1.582  12.618  1.00 12.31 ? 27   PRO A C   1 
ATOM   207  O O   . PRO A 1 27  ? 4.138   -2.760  12.717  1.00 12.84 ? 27   PRO A O   1 
ATOM   208  C CB  . PRO A 1 27  ? 4.894   0.286   13.873  1.00 12.65 ? 27   PRO A CB  1 
ATOM   209  C CG  . PRO A 1 27  ? 5.376   0.303   15.276  1.00 12.30 ? 27   PRO A CG  1 
ATOM   210  C CD  . PRO A 1 27  ? 5.105   -1.080  15.788  1.00 12.79 ? 27   PRO A CD  1 
ATOM   211  N N   . VAL A 1 28  ? 3.574   -0.988  11.457  1.00 11.66 ? 28   VAL A N   1 
ATOM   212  C CA  . VAL A 1 28  ? 3.808   -1.692  10.212  1.00 11.10 ? 28   VAL A CA  1 
ATOM   213  C C   . VAL A 1 28  ? 5.280   -2.072  10.056  1.00 12.20 ? 28   VAL A C   1 
ATOM   214  O O   . VAL A 1 28  ? 6.165   -1.276  10.291  1.00 13.07 ? 28   VAL A O   1 
ATOM   215  C CB  . VAL A 1 28  ? 3.315   -0.846  9.022   1.00 10.93 ? 28   VAL A CB  1 
ATOM   216  C CG1 . VAL A 1 28  ? 3.590   -1.578  7.719   1.00 10.37 ? 28   VAL A CG1 1 
ATOM   217  C CG2 . VAL A 1 28  ? 1.821   -0.575  9.153   1.00 11.11 ? 28   VAL A CG2 1 
ATOM   218  N N   . PHE A 1 29  ? 5.557   -3.318  9.672   1.00 11.77 ? 29   PHE A N   1 
ATOM   219  C CA  . PHE A 1 29  ? 6.931   -3.733  9.373   1.00 12.39 ? 29   PHE A CA  1 
ATOM   220  C C   . PHE A 1 29  ? 7.551   -2.906  8.267   1.00 11.52 ? 29   PHE A C   1 
ATOM   221  O O   . PHE A 1 29  ? 6.888   -2.588  7.240   1.00 11.01 ? 29   PHE A O   1 
ATOM   222  C CB  . PHE A 1 29  ? 6.963   -5.174  8.839   1.00 13.21 ? 29   PHE A CB  1 
ATOM   223  C CG  . PHE A 1 29  ? 6.711   -6.224  9.860   1.00 13.00 ? 29   PHE A CG  1 
ATOM   224  C CD1 . PHE A 1 29  ? 7.499   -6.336  10.988  1.00 14.96 ? 29   PHE A CD1 1 
ATOM   225  C CD2 . PHE A 1 29  ? 5.705   -7.101  9.677   1.00 13.64 ? 29   PHE A CD2 1 
ATOM   226  C CE1 . PHE A 1 29  ? 7.244   -7.321  11.912  1.00 14.95 ? 29   PHE A CE1 1 
ATOM   227  C CE2 . PHE A 1 29  ? 5.457   -8.084  10.610  1.00 14.23 ? 29   PHE A CE2 1 
ATOM   228  C CZ  . PHE A 1 29  ? 6.234   -8.183  11.707  1.00 13.93 ? 29   PHE A CZ  1 
ATOM   229  N N   . SER A 1 30  ? 8.815   -2.517  8.468   1.00 11.66 ? 30   SER A N   1 
ATOM   230  C CA  . SER A 1 30  ? 9.650   -2.034  7.372   1.00 12.14 ? 30   SER A CA  1 
ATOM   231  C C   . SER A 1 30  ? 10.722  -3.106  7.083   1.00 12.90 ? 30   SER A C   1 
ATOM   232  O O   . SER A 1 30  ? 10.863  -4.088  7.844   1.00 14.47 ? 30   SER A O   1 
ATOM   233  C CB  . SER A 1 30  ? 10.299  -0.688  7.675   1.00 12.13 ? 30   SER A CB  1 
ATOM   234  O OG  . SER A 1 30  ? 9.286   0.298   7.812   1.00 14.61 ? 30   SER A OG  1 
ATOM   235  N N   . CYS A 1 31  ? 11.431  -2.924  5.986   1.00 12.32 ? 31   CYS A N   1 
ATOM   236  C CA  . CYS A 1 31  ? 12.399  -3.890  5.548   1.00 13.24 ? 31   CYS A CA  1 
ATOM   237  C C   . CYS A 1 31  ? 13.708  -3.252  5.155   1.00 15.67 ? 31   CYS A C   1 
ATOM   238  O O   . CYS A 1 31  ? 13.789  -2.054  4.859   1.00 14.92 ? 31   CYS A O   1 
ATOM   239  C CB  . CYS A 1 31  ? 11.850  -4.651  4.326   1.00 13.07 ? 31   CYS A CB  1 
ATOM   240  S SG  . CYS A 1 31  ? 10.599  -5.883  4.632   1.00 11.77 ? 31   CYS A SG  1 
ATOM   241  N N   . ASN A 1 32  ? 14.759  -4.073  5.141   1.00 15.72 ? 32   ASN A N   1 
ATOM   242  C CA  . ASN A 1 32  ? 16.025  -3.610  4.629   1.00 17.11 ? 32   ASN A CA  1 
ATOM   243  C C   . ASN A 1 32  ? 16.000  -3.545  3.107   1.00 17.01 ? 32   ASN A C   1 
ATOM   244  O O   . ASN A 1 32  ? 14.994  -3.868  2.482   1.00 16.78 ? 32   ASN A O   1 
ATOM   245  C CB  . ASN A 1 32  ? 17.201  -4.462  5.142   1.00 17.00 ? 32   ASN A CB  1 
ATOM   246  C CG  . ASN A 1 32  ? 17.144  -5.924  4.737   1.00 18.25 ? 32   ASN A CG  1 
ATOM   247  O OD1 . ASN A 1 32  ? 16.521  -6.330  3.747   1.00 19.66 ? 32   ASN A OD1 1 
ATOM   248  N ND2 . ASN A 1 32  ? 17.827  -6.761  5.560   1.00 23.55 ? 32   ASN A ND2 1 
ATOM   249  N N   . ALA A 1 33  ? 17.115  -3.114  2.542   1.00 18.47 ? 33   ALA A N   1 
ATOM   250  C CA  . ALA A 1 33  ? 17.228  -2.985  1.109   1.00 19.24 ? 33   ALA A CA  1 
ATOM   251  C C   . ALA A 1 33  ? 16.972  -4.329  0.440   1.00 20.13 ? 33   ALA A C   1 
ATOM   252  O O   . ALA A 1 33  ? 16.489  -4.374  -0.691  1.00 18.98 ? 33   ALA A O   1 
ATOM   253  C CB  . ALA A 1 33  ? 18.574  -2.429  0.744   1.00 18.93 ? 33   ALA A CB  1 
ATOM   254  N N   . ASN A 1 34  ? 17.286  -5.430  1.124   1.00 21.73 ? 34   ASN A N   1 
ATOM   255  C CA  . ASN A 1 34  ? 17.064  -6.785  0.603   1.00 22.54 ? 34   ASN A CA  1 
ATOM   256  C C   . ASN A 1 34  ? 15.691  -7.427  0.894   1.00 22.19 ? 34   ASN A C   1 
ATOM   257  O O   . ASN A 1 34  ? 15.500  -8.639  0.743   1.00 21.06 ? 34   ASN A O   1 
ATOM   258  C CB  A ASN A 1 34  ? 18.176  -7.731  1.078   0.50 23.26 ? 34   ASN A CB  1 
ATOM   259  C CB  B ASN A 1 34  ? 18.239  -7.664  1.023   0.50 23.16 ? 34   ASN A CB  1 
ATOM   260  C CG  A ASN A 1 34  ? 18.974  -8.310  -0.072  0.50 24.94 ? 34   ASN A CG  1 
ATOM   261  C CG  B ASN A 1 34  ? 19.536  -7.203  0.375   0.50 24.51 ? 34   ASN A CG  1 
ATOM   262  O OD1 A ASN A 1 34  ? 19.753  -7.613  -0.721  0.50 30.00 ? 34   ASN A OD1 1 
ATOM   263  O OD1 B ASN A 1 34  ? 19.671  -7.241  -0.853  0.50 28.31 ? 34   ASN A OD1 1 
ATOM   264  N ND2 A ASN A 1 34  ? 18.762  -9.585  -0.343  0.50 28.79 ? 34   ASN A ND2 1 
ATOM   265  N ND2 B ASN A 1 34  ? 20.478  -6.732  1.185   0.50 27.69 ? 34   ASN A ND2 1 
ATOM   266  N N   . PHE A 1 35  ? 14.706  -6.583  1.241   1.00 20.87 ? 35   PHE A N   1 
ATOM   267  C CA  . PHE A 1 35  ? 13.329  -7.022  1.415   1.00 21.06 ? 35   PHE A CA  1 
ATOM   268  C C   . PHE A 1 35  ? 13.072  -7.900  2.662   1.00 19.72 ? 35   PHE A C   1 
ATOM   269  O O   . PHE A 1 35  ? 12.054  -8.558  2.743   1.00 21.61 ? 35   PHE A O   1 
ATOM   270  C CB  . PHE A 1 35  ? 12.819  -7.700  0.138   1.00 20.87 ? 35   PHE A CB  1 
ATOM   271  C CG  . PHE A 1 35  ? 12.783  -6.788  -1.063  1.00 22.02 ? 35   PHE A CG  1 
ATOM   272  C CD1 . PHE A 1 35  ? 11.880  -5.746  -1.132  1.00 23.05 ? 35   PHE A CD1 1 
ATOM   273  C CD2 . PHE A 1 35  ? 13.648  -6.995  -2.122  1.00 25.24 ? 35   PHE A CD2 1 
ATOM   274  C CE1 . PHE A 1 35  ? 11.839  -4.914  -2.271  1.00 21.40 ? 35   PHE A CE1 1 
ATOM   275  C CE2 . PHE A 1 35  ? 13.609  -6.158  -3.229  1.00 25.92 ? 35   PHE A CE2 1 
ATOM   276  C CZ  . PHE A 1 35  ? 12.701  -5.119  -3.279  1.00 22.72 ? 35   PHE A CZ  1 
ATOM   277  N N   . GLN A 1 36  ? 13.997  -7.858  3.617   1.00 20.41 ? 36   GLN A N   1 
ATOM   278  C CA  . GLN A 1 36  ? 13.926  -8.625  4.854   1.00 20.20 ? 36   GLN A CA  1 
ATOM   279  C C   . GLN A 1 36  ? 13.369  -7.726  5.960   1.00 18.66 ? 36   GLN A C   1 
ATOM   280  O O   . GLN A 1 36  ? 13.798  -6.617  6.099   1.00 16.60 ? 36   GLN A O   1 
ATOM   281  C CB  . GLN A 1 36  ? 15.336  -9.056  5.253   1.00 21.43 ? 36   GLN A CB  1 
ATOM   282  C CG  . GLN A 1 36  ? 16.063  -9.855  4.189   1.00 24.38 ? 36   GLN A CG  1 
ATOM   283  C CD  . GLN A 1 36  ? 17.456  -10.297 4.612   1.00 31.29 ? 36   GLN A CD  1 
ATOM   284  O OE1 . GLN A 1 36  ? 18.378  -9.476  4.768   1.00 34.56 ? 36   GLN A OE1 1 
ATOM   285  N NE2 . GLN A 1 36  ? 17.623  -11.613 4.792   1.00 36.57 ? 36   GLN A NE2 1 
ATOM   286  N N   . ARG A 1 37  ? 12.395  -8.217  6.712   1.00 19.74 ? 37   ARG A N   1 
ATOM   287  C CA  . ARG A 1 37  ? 11.797  -7.420  7.781   1.00 18.85 ? 37   ARG A CA  1 
ATOM   288  C C   . ARG A 1 37  ? 12.787  -6.965  8.831   1.00 19.24 ? 37   ARG A C   1 
ATOM   289  O O   . ARG A 1 37  ? 13.604  -7.759  9.302   1.00 18.52 ? 37   ARG A O   1 
ATOM   290  C CB  . ARG A 1 37  ? 10.685  -8.196  8.472   1.00 19.75 ? 37   ARG A CB  1 
ATOM   291  C CG  . ARG A 1 37  ? 9.391   -8.285  7.681   1.00 20.73 ? 37   ARG A CG  1 
ATOM   292  C CD  . ARG A 1 37  ? 8.315   -9.116  8.348   1.00 19.62 ? 37   ARG A CD  1 
ATOM   293  N NE  . ARG A 1 37  ? 7.171   -9.307  7.470   1.00 18.17 ? 37   ARG A NE  1 
ATOM   294  C CZ  . ARG A 1 37  ? 6.140   -10.075 7.727   1.00 17.13 ? 37   ARG A CZ  1 
ATOM   295  N NH1 . ARG A 1 37  ? 6.077   -10.780 8.878   1.00 19.46 ? 37   ARG A NH1 1 
ATOM   296  N NH2 . ARG A 1 37  ? 5.154   -10.171 6.838   1.00 18.47 ? 37   ARG A NH2 1 
ATOM   297  N N   . LEU A 1 38  ? 12.679  -5.697  9.224   1.00 18.24 ? 38   LEU A N   1 
ATOM   298  C CA  . LEU A 1 38  ? 13.531  -5.105  10.280  1.00 18.49 ? 38   LEU A CA  1 
ATOM   299  C C   . LEU A 1 38  ? 12.864  -5.265  11.644  1.00 19.31 ? 38   LEU A C   1 
ATOM   300  O O   . LEU A 1 38  ? 11.644  -5.221  11.738  1.00 18.82 ? 38   LEU A O   1 
ATOM   301  C CB  . LEU A 1 38  ? 13.733  -3.604  10.046  1.00 18.34 ? 38   LEU A CB  1 
ATOM   302  C CG  . LEU A 1 38  ? 14.345  -3.155  8.729   1.00 17.81 ? 38   LEU A CG  1 
ATOM   303  C CD1 . LEU A 1 38  ? 14.290  -1.656  8.566   1.00 17.73 ? 38   LEU A CD1 1 
ATOM   304  C CD2 . LEU A 1 38  ? 15.789  -3.652  8.662   1.00 21.01 ? 38   LEU A CD2 1 
ATOM   305  N N   . THR A 1 39  ? 13.660  -5.435  12.702  1.00 20.12 ? 39   THR A N   1 
ATOM   306  C CA  . THR A 1 39  ? 13.120  -5.495  14.071  1.00 20.81 ? 39   THR A CA  1 
ATOM   307  C C   . THR A 1 39  ? 13.109  -4.119  14.733  1.00 21.09 ? 39   THR A C   1 
ATOM   308  O O   . THR A 1 39  ? 12.368  -3.873  15.680  1.00 20.62 ? 39   THR A O   1 
ATOM   309  C CB  . THR A 1 39  ? 13.892  -6.509  14.933  1.00 21.95 ? 39   THR A CB  1 
ATOM   310  O OG1 . THR A 1 39  ? 15.294  -6.304  14.796  1.00 27.33 ? 39   THR A OG1 1 
ATOM   311  C CG2 . THR A 1 39  ? 13.716  -7.904  14.413  1.00 23.86 ? 39   THR A CG2 1 
ATOM   312  N N   . ASP A 1 40  ? 13.897  -3.185  14.202  1.00 20.47 ? 40   ASP A N   1 
ATOM   313  C CA  . ASP A 1 40  ? 13.932  -1.840  14.743  1.00 20.86 ? 40   ASP A CA  1 
ATOM   314  C C   . ASP A 1 40  ? 12.905  -0.938  14.065  1.00 19.96 ? 40   ASP A C   1 
ATOM   315  O O   . ASP A 1 40  ? 13.113  -0.469  12.952  1.00 19.81 ? 40   ASP A O   1 
ATOM   316  C CB  . ASP A 1 40  ? 15.334  -1.260  14.585  1.00 21.24 ? 40   ASP A CB  1 
ATOM   317  C CG  . ASP A 1 40  ? 15.457  0.166   15.132  1.00 22.79 ? 40   ASP A CG  1 
ATOM   318  O OD1 . ASP A 1 40  ? 14.515  0.725   15.732  1.00 20.67 ? 40   ASP A OD1 1 
ATOM   319  O OD2 . ASP A 1 40  ? 16.513  0.822   14.986  1.00 29.04 ? 40   ASP A OD2 1 
ATOM   320  N N   . PHE A 1 41  ? 11.788  -0.705  14.740  1.00 19.55 ? 41   PHE A N   1 
ATOM   321  C CA  . PHE A 1 41  ? 10.729  0.111   14.176  1.00 18.91 ? 41   PHE A CA  1 
ATOM   322  C C   . PHE A 1 41  ? 11.049  1.577   14.142  1.00 18.69 ? 41   PHE A C   1 
ATOM   323  O O   . PHE A 1 41  ? 10.278  2.339   13.589  1.00 18.58 ? 41   PHE A O   1 
ATOM   324  C CB  . PHE A 1 41  ? 9.424   -0.122  14.917  1.00 18.19 ? 41   PHE A CB  1 
ATOM   325  C CG  . PHE A 1 41  ? 8.837   -1.480  14.674  1.00 17.50 ? 41   PHE A CG  1 
ATOM   326  C CD1 . PHE A 1 41  ? 8.007   -1.703  13.598  1.00 16.87 ? 41   PHE A CD1 1 
ATOM   327  C CD2 . PHE A 1 41  ? 9.141   -2.547  15.507  1.00 19.43 ? 41   PHE A CD2 1 
ATOM   328  C CE1 . PHE A 1 41  ? 7.463   -2.945  13.361  1.00 16.53 ? 41   PHE A CE1 1 
ATOM   329  C CE2 . PHE A 1 41  ? 8.636   -3.795  15.254  1.00 20.04 ? 41   PHE A CE2 1 
ATOM   330  C CZ  . PHE A 1 41  ? 7.782   -3.995  14.178  1.00 19.29 ? 41   PHE A CZ  1 
ATOM   331  N N   . ASP A 1 42  ? 12.174  1.956   14.754  1.00 19.90 ? 42   ASP A N   1 
ATOM   332  C CA  . ASP A 1 42  ? 12.652  3.324   14.719  1.00 20.75 ? 42   ASP A CA  1 
ATOM   333  C C   . ASP A 1 42  ? 13.739  3.512   13.668  1.00 19.69 ? 42   ASP A C   1 
ATOM   334  O O   . ASP A 1 42  ? 14.351  4.577   13.605  1.00 20.26 ? 42   ASP A O   1 
ATOM   335  C CB  . ASP A 1 42  ? 13.236  3.751   16.064  1.00 22.31 ? 42   ASP A CB  1 
ATOM   336  C CG  . ASP A 1 42  ? 12.198  3.792   17.160  1.00 27.49 ? 42   ASP A CG  1 
ATOM   337  O OD1 . ASP A 1 42  ? 11.342  4.710   17.158  1.00 36.30 ? 42   ASP A OD1 1 
ATOM   338  O OD2 . ASP A 1 42  ? 12.182  2.941   18.066  1.00 36.77 ? 42   ASP A OD2 1 
ATOM   339  N N   . ALA A 1 43  ? 13.991  2.486   12.861  1.00 18.44 ? 43   ALA A N   1 
ATOM   340  C CA  . ALA A 1 43  ? 15.049  2.574   11.854  1.00 18.11 ? 43   ALA A CA  1 
ATOM   341  C C   . ALA A 1 43  ? 14.798  3.761   10.938  1.00 17.03 ? 43   ALA A C   1 
ATOM   342  O O   . ALA A 1 43  ? 13.641  4.045   10.557  1.00 16.90 ? 43   ALA A O   1 
ATOM   343  C CB  . ALA A 1 43  ? 15.142  1.309   11.049  1.00 18.25 ? 43   ALA A CB  1 
ATOM   344  N N   . LYS A 1 44  ? 15.882  4.450   10.583  1.00 17.00 ? 44   LYS A N   1 
ATOM   345  C CA  . LYS A 1 44  ? 15.856  5.620   9.737   1.00 16.58 ? 44   LYS A CA  1 
ATOM   346  C C   . LYS A 1 44  ? 15.349  5.266   8.338   1.00 15.60 ? 44   LYS A C   1 
ATOM   347  O O   . LYS A 1 44  ? 15.726  4.252   7.781   1.00 14.99 ? 44   LYS A O   1 
ATOM   348  C CB  . LYS A 1 44  ? 17.272  6.205   9.637   1.00 17.49 ? 44   LYS A CB  1 
ATOM   349  C CG  . LYS A 1 44  ? 17.284  7.551   8.987   1.00 22.13 ? 44   LYS A CG  1 
ATOM   350  C CD  . LYS A 1 44  ? 18.697  8.188   8.955   1.00 27.02 ? 44   LYS A CD  1 
ATOM   351  C CE  . LYS A 1 44  ? 18.800  9.266   7.892   1.00 30.90 ? 44   LYS A CE  1 
ATOM   352  N NZ  . LYS A 1 44  ? 18.338  10.623  8.296   1.00 32.79 ? 44   LYS A NZ  1 
ATOM   353  N N   . SER A 1 45  ? 14.468  6.109   7.808   1.00 15.60 ? 45   SER A N   1 
ATOM   354  C CA  . SER A 1 45  ? 13.875  5.866   6.484   1.00 15.00 ? 45   SER A CA  1 
ATOM   355  C C   . SER A 1 45  ? 14.878  5.920   5.365   1.00 15.39 ? 45   SER A C   1 
ATOM   356  O O   . SER A 1 45  ? 15.698  6.830   5.346   1.00 15.29 ? 45   SER A O   1 
ATOM   357  C CB  . SER A 1 45  ? 12.834  6.933   6.196   1.00 15.39 ? 45   SER A CB  1 
ATOM   358  O OG  . SER A 1 45  ? 12.276  6.735   4.898   1.00 14.90 ? 45   SER A OG  1 
ATOM   359  N N   . GLY A 1 46  ? 14.777  4.955   4.457   1.00 14.70 ? 46   GLY A N   1 
ATOM   360  C CA  . GLY A 1 46  ? 15.547  4.942   3.227   1.00 15.75 ? 46   GLY A CA  1 
ATOM   361  C C   . GLY A 1 46  ? 15.227  6.073   2.280   1.00 15.80 ? 46   GLY A C   1 
ATOM   362  O O   . GLY A 1 46  ? 15.951  6.274   1.291   1.00 17.48 ? 46   GLY A O   1 
ATOM   363  N N   . CYS A 1 47  ? 14.227  6.894   2.594   1.00 14.86 ? 47   CYS A N   1 
ATOM   364  C CA  . CYS A 1 47  ? 13.910  8.054   1.766   1.00 15.73 ? 47   CYS A CA  1 
ATOM   365  C C   . CYS A 1 47  ? 14.557  9.287   2.339   1.00 16.49 ? 47   CYS A C   1 
ATOM   366  O O   . CYS A 1 47  ? 14.193  10.391  1.977   1.00 18.13 ? 47   CYS A O   1 
ATOM   367  C CB  . CYS A 1 47  ? 12.399  8.229   1.612   1.00 15.64 ? 47   CYS A CB  1 
ATOM   368  S SG  . CYS A 1 47  ? 11.822  6.971   0.441   1.00 12.88 ? 47   CYS A SG  1 
ATOM   369  N N   . GLU A 1 48  ? 15.468  9.063   3.283   1.00 17.30 ? 48   GLU A N   1 
ATOM   370  C CA  . GLU A 1 48  ? 16.343  10.120  3.793   1.00 19.26 ? 48   GLU A CA  1 
ATOM   371  C C   . GLU A 1 48  ? 17.790  9.644   3.687   1.00 20.02 ? 48   GLU A C   1 
ATOM   372  O O   . GLU A 1 48  ? 18.074  8.457   3.756   1.00 19.51 ? 48   GLU A O   1 
ATOM   373  C CB  . GLU A 1 48  ? 15.976  10.507  5.235   1.00 20.06 ? 48   GLU A CB  1 
ATOM   374  C CG  . GLU A 1 48  ? 14.586  11.108  5.387   1.00 20.15 ? 48   GLU A CG  1 
ATOM   375  C CD  . GLU A 1 48  ? 14.382  12.411  4.653   1.00 22.85 ? 48   GLU A CD  1 
ATOM   376  O OE1 . GLU A 1 48  ? 15.355  13.165  4.483   1.00 27.14 ? 48   GLU A OE1 1 
ATOM   377  O OE2 . GLU A 1 48  ? 13.250  12.711  4.228   1.00 24.39 ? 48   GLU A OE2 1 
ATOM   378  N N   . PRO A 1 49  ? 18.738  10.565  3.497   1.00 21.41 ? 49   PRO A N   1 
ATOM   379  C CA  . PRO A 1 49  ? 20.153  10.182  3.385   1.00 21.68 ? 49   PRO A CA  1 
ATOM   380  C C   . PRO A 1 49  ? 20.688  9.277   4.499   1.00 21.29 ? 49   PRO A C   1 
ATOM   381  O O   . PRO A 1 49  ? 20.471  9.589   5.656   1.00 23.38 ? 49   PRO A O   1 
ATOM   382  C CB  . PRO A 1 49  ? 20.870  11.546  3.430   1.00 22.07 ? 49   PRO A CB  1 
ATOM   383  C CG  . PRO A 1 49  ? 19.906  12.473  2.811   1.00 23.42 ? 49   PRO A CG  1 
ATOM   384  C CD  . PRO A 1 49  ? 18.542  12.023  3.389   1.00 22.13 ? 49   PRO A CD  1 
ATOM   385  N N   . GLY A 1 50  ? 21.320  8.153   4.156   1.00 21.99 ? 50   GLY A N   1 
ATOM   386  C CA  . GLY A 1 50  ? 21.893  7.245   5.146   1.00 22.38 ? 50   GLY A CA  1 
ATOM   387  C C   . GLY A 1 50  ? 20.870  6.326   5.787   1.00 22.15 ? 50   GLY A C   1 
ATOM   388  O O   . GLY A 1 50  ? 21.205  5.492   6.603   1.00 23.96 ? 50   GLY A O   1 
ATOM   389  N N   . GLY A 1 51  ? 19.611  6.446   5.369   1.00 22.03 ? 51   GLY A N   1 
ATOM   390  C CA  . GLY A 1 51  ? 18.573  5.590   5.911   1.00 20.91 ? 51   GLY A CA  1 
ATOM   391  C C   . GLY A 1 51  ? 18.683  4.137   5.490   1.00 19.97 ? 51   GLY A C   1 
ATOM   392  O O   . GLY A 1 51  ? 19.355  3.791   4.502   1.00 21.21 ? 51   GLY A O   1 
ATOM   393  N N   . VAL A 1 52  ? 17.970  3.260   6.198   1.00 18.10 ? 52   VAL A N   1 
ATOM   394  C CA  . VAL A 1 52  ? 18.062  1.840   5.929   1.00 17.44 ? 52   VAL A CA  1 
ATOM   395  C C   . VAL A 1 52  ? 16.727  1.082   5.811   1.00 16.18 ? 52   VAL A C   1 
ATOM   396  O O   . VAL A 1 52  ? 16.696  -0.101  5.466   1.00 15.28 ? 52   VAL A O   1 
ATOM   397  C CB  . VAL A 1 52  ? 18.887  1.162   7.026   1.00 17.95 ? 52   VAL A CB  1 
ATOM   398  C CG1 . VAL A 1 52  ? 20.311  1.717   7.016   1.00 21.53 ? 52   VAL A CG1 1 
ATOM   399  C CG2 . VAL A 1 52  ? 18.256  1.387   8.392   1.00 19.51 ? 52   VAL A CG2 1 
ATOM   400  N N   . ALA A 1 53  ? 15.621  1.788   6.059   1.00 16.25 ? 53   ALA A N   1 
ATOM   401  C CA  . ALA A 1 53  ? 14.322  1.147   6.149   1.00 14.69 ? 53   ALA A CA  1 
ATOM   402  C C   . ALA A 1 53  ? 13.455  1.523   4.968   1.00 14.20 ? 53   ALA A C   1 
ATOM   403  O O   . ALA A 1 53  ? 13.263  2.694   4.660   1.00 14.22 ? 53   ALA A O   1 
ATOM   404  C CB  . ALA A 1 53  ? 13.609  1.550   7.441   1.00 14.93 ? 53   ALA A CB  1 
ATOM   405  N N   . TYR A 1 54  ? 12.923  0.489   4.354   1.00 13.33 ? 54   TYR A N   1 
ATOM   406  C CA  . TYR A 1 54  ? 12.147  0.604   3.129   1.00 12.63 ? 54   TYR A CA  1 
ATOM   407  C C   . TYR A 1 54  ? 10.827  -0.110  3.233   1.00 12.77 ? 54   TYR A C   1 
ATOM   408  O O   . TYR A 1 54  ? 10.597  -0.870  4.197   1.00 13.38 ? 54   TYR A O   1 
ATOM   409  C CB  . TYR A 1 54  ? 12.966  0.017   1.972   1.00 13.86 ? 54   TYR A CB  1 
ATOM   410  C CG  . TYR A 1 54  ? 14.305  0.705   1.739   1.00 15.25 ? 54   TYR A CG  1 
ATOM   411  C CD1 . TYR A 1 54  ? 14.385  1.810   0.916   1.00 16.16 ? 54   TYR A CD1 1 
ATOM   412  C CD2 . TYR A 1 54  ? 15.484  0.220   2.324   1.00 16.74 ? 54   TYR A CD2 1 
ATOM   413  C CE1 . TYR A 1 54  ? 15.601  2.459   0.688   1.00 15.63 ? 54   TYR A CE1 1 
ATOM   414  C CE2 . TYR A 1 54  ? 16.705  0.871   2.099   1.00 17.79 ? 54   TYR A CE2 1 
ATOM   415  C CZ  . TYR A 1 54  ? 16.736  1.971   1.291   1.00 16.56 ? 54   TYR A CZ  1 
ATOM   416  O OH  . TYR A 1 54  ? 17.957  2.598   1.040   1.00 14.94 ? 54   TYR A OH  1 
ATOM   417  N N   . SER A 1 55  ? 9.943   0.076   2.252   1.00 12.71 ? 55   SER A N   1 
ATOM   418  C CA  . SER A 1 55  ? 8.671   -0.659  2.222   1.00 12.72 ? 55   SER A CA  1 
ATOM   419  C C   . SER A 1 55  ? 8.939   -2.109  1.859   1.00 12.97 ? 55   SER A C   1 
ATOM   420  O O   . SER A 1 55  ? 9.723   -2.414  0.967   1.00 13.37 ? 55   SER A O   1 
ATOM   421  C CB  A SER A 1 55  ? 7.759   -0.033  1.150   0.50 13.75 ? 55   SER A CB  1 
ATOM   422  C CB  B SER A 1 55  ? 7.684   -0.035  1.257   0.50 13.66 ? 55   SER A CB  1 
ATOM   423  O OG  A SER A 1 55  ? 6.514   -0.710  1.008   0.50 14.00 ? 55   SER A OG  1 
ATOM   424  O OG  B SER A 1 55  ? 8.313   0.204   0.035   0.50 11.68 ? 55   SER A OG  1 
ATOM   425  N N   . CYS A 1 56  ? 8.274   -2.991  2.588   1.00 11.73 ? 56   CYS A N   1 
ATOM   426  C CA  . CYS A 1 56  ? 8.360   -4.427  2.381   1.00 11.85 ? 56   CYS A CA  1 
ATOM   427  C C   . CYS A 1 56  ? 7.589   -4.851  1.146   1.00 11.56 ? 56   CYS A C   1 
ATOM   428  O O   . CYS A 1 56  ? 6.499   -4.406  0.899   1.00 12.70 ? 56   CYS A O   1 
ATOM   429  C CB  . CYS A 1 56  ? 7.807   -5.132  3.613   1.00 11.30 ? 56   CYS A CB  1 
ATOM   430  S SG  . CYS A 1 56  ? 8.840   -4.913  5.079   1.00 11.56 ? 56   CYS A SG  1 
ATOM   431  N N   . ALA A 1 57  ? 8.159   -5.787  0.402   1.00 11.90 ? 57   ALA A N   1 
ATOM   432  C CA  . ALA A 1 57  ? 7.584   -6.182  -0.858  1.00 11.76 ? 57   ALA A CA  1 
ATOM   433  C C   . ALA A 1 57  ? 6.341   -7.014  -0.708  1.00 12.33 ? 57   ALA A C   1 
ATOM   434  O O   . ALA A 1 57  ? 5.562   -7.154  -1.671  1.00 14.22 ? 57   ALA A O   1 
ATOM   435  C CB  . ALA A 1 57  ? 8.661   -6.948  -1.707  1.00 12.82 ? 57   ALA A CB  1 
ATOM   436  N N   . ASP A 1 58  ? 6.103   -7.564  0.493   1.00 12.88 ? 58   ASP A N   1 
ATOM   437  C CA  . ASP A 1 58  ? 4.872   -8.326  0.720   1.00 13.03 ? 58   ASP A CA  1 
ATOM   438  C C   . ASP A 1 58  ? 3.692   -7.414  1.031   1.00 12.86 ? 58   ASP A C   1 
ATOM   439  O O   . ASP A 1 58  ? 2.564   -7.871  1.132   1.00 13.93 ? 58   ASP A O   1 
ATOM   440  C CB  . ASP A 1 58  ? 5.017   -9.431  1.784   1.00 13.57 ? 58   ASP A CB  1 
ATOM   441  C CG  . ASP A 1 58  ? 5.350   -8.912  3.148   1.00 16.34 ? 58   ASP A CG  1 
ATOM   442  O OD1 . ASP A 1 58  ? 6.007   -7.831  3.223   1.00 14.74 ? 58   ASP A OD1 1 
ATOM   443  O OD2 . ASP A 1 58  ? 4.987   -9.514  4.186   1.00 18.72 ? 58   ASP A OD2 1 
ATOM   444  N N   . GLN A 1 59  ? 3.934   -6.117  1.128   1.00 12.26 ? 59   GLN A N   1 
ATOM   445  C CA  . GLN A 1 59  ? 2.849   -5.178  1.322   1.00 12.09 ? 59   GLN A CA  1 
ATOM   446  C C   . GLN A 1 59  ? 2.378   -4.708  -0.040  1.00 12.48 ? 59   GLN A C   1 
ATOM   447  O O   . GLN A 1 59  ? 2.428   -3.533  -0.353  1.00 11.31 ? 59   GLN A O   1 
ATOM   448  C CB  . GLN A 1 59  ? 3.274   -4.037  2.238   1.00 12.18 ? 59   GLN A CB  1 
ATOM   449  C CG  . GLN A 1 59  ? 3.450   -4.565  3.615   1.00 12.96 ? 59   GLN A CG  1 
ATOM   450  C CD  . GLN A 1 59  ? 4.164   -3.646  4.576   1.00 11.74 ? 59   GLN A CD  1 
ATOM   451  O OE1 . GLN A 1 59  ? 4.065   -2.421  4.501   1.00 13.21 ? 59   GLN A OE1 1 
ATOM   452  N NE2 . GLN A 1 59  ? 4.861   -4.253  5.532   1.00 9.97  ? 59   GLN A NE2 1 
ATOM   453  N N   . THR A 1 60  ? 1.983   -5.695  -0.845  1.00 11.32 ? 60   THR A N   1 
ATOM   454  C CA  . THR A 1 60  ? 1.552   -5.483  -2.213  1.00 11.89 ? 60   THR A CA  1 
ATOM   455  C C   . THR A 1 60  ? 0.217   -6.195  -2.420  1.00 12.24 ? 60   THR A C   1 
ATOM   456  O O   . THR A 1 60  ? -0.176  -7.050  -1.651  1.00 12.93 ? 60   THR A O   1 
ATOM   457  C CB  . THR A 1 60  ? 2.587   -6.049  -3.185  1.00 12.96 ? 60   THR A CB  1 
ATOM   458  O OG1 . THR A 1 60  ? 3.056   -7.323  -2.692  1.00 12.88 ? 60   THR A OG1 1 
ATOM   459  C CG2 . THR A 1 60  ? 3.820   -5.151  -3.232  1.00 14.43 ? 60   THR A CG2 1 
ATOM   460  N N   . PRO A 1 61  ? -0.517  -5.769  -3.437  1.00 12.12 ? 61   PRO A N   1 
ATOM   461  C CA  . PRO A 1 61  ? -1.853  -6.279  -3.684  1.00 12.04 ? 61   PRO A CA  1 
ATOM   462  C C   . PRO A 1 61  ? -1.860  -7.640  -4.371  1.00 12.35 ? 61   PRO A C   1 
ATOM   463  O O   . PRO A 1 61  ? -0.909  -8.003  -5.073  1.00 13.01 ? 61   PRO A O   1 
ATOM   464  C CB  . PRO A 1 61  ? -2.441  -5.230  -4.630  1.00 11.14 ? 61   PRO A CB  1 
ATOM   465  C CG  . PRO A 1 61  ? -1.314  -4.681  -5.354  1.00 13.61 ? 61   PRO A CG  1 
ATOM   466  C CD  . PRO A 1 61  ? -0.125  -4.752  -4.418  1.00 12.48 ? 61   PRO A CD  1 
ATOM   467  N N   . TRP A 1 62  ? -2.928  -8.394  -4.144  1.00 12.90 ? 62   TRP A N   1 
ATOM   468  C CA  . TRP A 1 62  ? -3.142  -9.658  -4.822  1.00 13.78 ? 62   TRP A CA  1 
ATOM   469  C C   . TRP A 1 62  ? -4.587  -9.978  -5.003  1.00 15.23 ? 62   TRP A C   1 
ATOM   470  O O   . TRP A 1 62  ? -5.440  -9.489  -4.272  1.00 13.91 ? 62   TRP A O   1 
ATOM   471  C CB  . TRP A 1 62  ? -2.437  -10.800 -4.085  1.00 14.19 ? 62   TRP A CB  1 
ATOM   472  C CG  . TRP A 1 62  ? -3.041  -11.262 -2.825  1.00 15.04 ? 62   TRP A CG  1 
ATOM   473  C CD1 . TRP A 1 62  ? -3.774  -12.387 -2.656  1.00 16.76 ? 62   TRP A CD1 1 
ATOM   474  C CD2 . TRP A 1 62  ? -2.887  -10.685 -1.516  1.00 12.50 ? 62   TRP A CD2 1 
ATOM   475  N NE1 . TRP A 1 62  ? -4.106  -12.550 -1.331  1.00 15.85 ? 62   TRP A NE1 1 
ATOM   476  C CE2 . TRP A 1 62  ? -3.583  -11.510 -0.614  1.00 15.98 ? 62   TRP A CE2 1 
ATOM   477  C CE3 . TRP A 1 62  ? -2.256  -9.556  -1.024  1.00 14.83 ? 62   TRP A CE3 1 
ATOM   478  C CZ2 . TRP A 1 62  ? -3.649  -11.243 0.730   1.00 15.82 ? 62   TRP A CZ2 1 
ATOM   479  C CZ3 . TRP A 1 62  ? -2.342  -9.293  0.317   1.00 15.64 ? 62   TRP A CZ3 1 
ATOM   480  C CH2 . TRP A 1 62  ? -3.018  -10.137 1.174   1.00 15.22 ? 62   TRP A CH2 1 
ATOM   481  N N   . ALA A 1 63  ? -4.867  -10.815 -6.001  1.00 15.83 ? 63   ALA A N   1 
ATOM   482  C CA  . ALA A 1 63  ? -6.239  -11.210 -6.285  1.00 16.29 ? 63   ALA A CA  1 
ATOM   483  C C   . ALA A 1 63  ? -6.647  -12.445 -5.507  1.00 17.62 ? 63   ALA A C   1 
ATOM   484  O O   . ALA A 1 63  ? -5.882  -13.388 -5.380  1.00 18.25 ? 63   ALA A O   1 
ATOM   485  C CB  . ALA A 1 63  ? -6.390  -11.513 -7.773  1.00 16.73 ? 63   ALA A CB  1 
ATOM   486  N N   . VAL A 1 64  ? -7.868  -12.419 -4.999  1.00 18.13 ? 64   VAL A N   1 
ATOM   487  C CA  . VAL A 1 64  ? -8.462  -13.615 -4.412  1.00 19.40 ? 64   VAL A CA  1 
ATOM   488  C C   . VAL A 1 64  ? -9.251  -14.320 -5.525  1.00 19.56 ? 64   VAL A C   1 
ATOM   489  O O   . VAL A 1 64  ? -9.140  -15.531 -5.683  1.00 21.85 ? 64   VAL A O   1 
ATOM   490  C CB  . VAL A 1 64  ? -9.360  -13.285 -3.229  1.00 19.04 ? 64   VAL A CB  1 
ATOM   491  C CG1 . VAL A 1 64  ? -10.078 -14.516 -2.749  1.00 20.94 ? 64   VAL A CG1 1 
ATOM   492  C CG2 . VAL A 1 64  ? -8.522  -12.697 -2.108  1.00 19.75 ? 64   VAL A CG2 1 
ATOM   493  N N   . ASN A 1 65  ? -10.026 -13.544 -6.276  1.00 20.78 ? 65   ASN A N   1 
ATOM   494  C CA  . ASN A 1 65  ? -10.778 -13.995 -7.453  1.00 21.49 ? 65   ASN A CA  1 
ATOM   495  C C   . ASN A 1 65  ? -11.004 -12.784 -8.371  1.00 22.04 ? 65   ASN A C   1 
ATOM   496  O O   . ASN A 1 65  ? -10.583 -11.677 -8.034  1.00 20.56 ? 65   ASN A O   1 
ATOM   497  C CB  . ASN A 1 65  ? -12.088 -14.676 -7.011  1.00 21.10 ? 65   ASN A CB  1 
ATOM   498  C CG  . ASN A 1 65  ? -12.975 -13.760 -6.183  1.00 20.49 ? 65   ASN A CG  1 
ATOM   499  O OD1 . ASN A 1 65  ? -13.316 -12.668 -6.611  1.00 19.23 ? 65   ASN A OD1 1 
ATOM   500  N ND2 . ASN A 1 65  ? -13.393 -14.231 -5.003  1.00 23.77 ? 65   ASN A ND2 1 
ATOM   501  N N   . ASP A 1 66  ? -11.633 -12.935 -9.543  1.00 22.27 ? 66   ASP A N   1 
ATOM   502  C CA  . ASP A 1 66  ? -11.796 -11.775 -10.442 1.00 23.07 ? 66   ASP A CA  1 
ATOM   503  C C   . ASP A 1 66  ? -12.618 -10.605 -9.871  1.00 22.15 ? 66   ASP A C   1 
ATOM   504  O O   . ASP A 1 66  ? -12.610 -9.499  -10.419 1.00 23.89 ? 66   ASP A O   1 
ATOM   505  C CB  . ASP A 1 66  ? -12.409 -12.169 -11.781 1.00 23.04 ? 66   ASP A CB  1 
ATOM   506  C CG  . ASP A 1 66  ? -11.543 -13.119 -12.560 1.00 26.04 ? 66   ASP A CG  1 
ATOM   507  O OD1 . ASP A 1 66  ? -10.308 -13.100 -12.413 1.00 28.94 ? 66   ASP A OD1 1 
ATOM   508  O OD2 . ASP A 1 66  ? -12.044 -13.978 -13.313 1.00 28.26 ? 66   ASP A OD2 1 
ATOM   509  N N   . ASP A 1 67  ? -13.316 -10.866 -8.767  1.00 22.01 ? 67   ASP A N   1 
ATOM   510  C CA  . ASP A 1 67  ? -14.234 -9.906  -8.150  1.00 21.71 ? 67   ASP A CA  1 
ATOM   511  C C   . ASP A 1 67  ? -13.660 -9.243  -6.904  1.00 19.74 ? 67   ASP A C   1 
ATOM   512  O O   . ASP A 1 67  ? -14.158 -8.208  -6.485  1.00 19.89 ? 67   ASP A O   1 
ATOM   513  C CB  . ASP A 1 67  ? -15.511 -10.588 -7.650  1.00 22.65 ? 67   ASP A CB  1 
ATOM   514  C CG  . ASP A 1 67  ? -16.228 -11.416 -8.705  1.00 26.21 ? 67   ASP A CG  1 
ATOM   515  O OD1 . ASP A 1 67  ? -16.626 -10.808 -9.711  1.00 25.80 ? 67   ASP A OD1 1 
ATOM   516  O OD2 . ASP A 1 67  ? -16.521 -12.651 -8.569  1.00 30.51 ? 67   ASP A OD2 1 
ATOM   517  N N   . PHE A 1 68  ? -12.630 -9.846  -6.333  1.00 18.75 ? 68   PHE A N   1 
ATOM   518  C CA  . PHE A 1 68  ? -12.104 -9.435  -5.012  1.00 17.40 ? 68   PHE A CA  1 
ATOM   519  C C   . PHE A 1 68  ? -10.596 -9.507  -4.884  1.00 16.07 ? 68   PHE A C   1 
ATOM   520  O O   . PHE A 1 68  ? -9.941  -10.508 -5.240  1.00 17.00 ? 68   PHE A O   1 
ATOM   521  C CB  . PHE A 1 68  ? -12.717 -10.332 -3.939  1.00 17.77 ? 68   PHE A CB  1 
ATOM   522  C CG  . PHE A 1 68  ? -12.438 -9.892  -2.523  1.00 17.26 ? 68   PHE A CG  1 
ATOM   523  C CD1 . PHE A 1 68  ? -11.293 -10.335 -1.855  1.00 20.65 ? 68   PHE A CD1 1 
ATOM   524  C CD2 . PHE A 1 68  ? -13.330 -9.080  -1.844  1.00 20.01 ? 68   PHE A CD2 1 
ATOM   525  C CE1 . PHE A 1 68  ? -11.058 -9.968  -0.561  1.00 19.96 ? 68   PHE A CE1 1 
ATOM   526  C CE2 . PHE A 1 68  ? -13.083 -8.691  -0.533  1.00 19.98 ? 68   PHE A CE2 1 
ATOM   527  C CZ  . PHE A 1 68  ? -11.955 -9.149  0.108   1.00 18.30 ? 68   PHE A CZ  1 
ATOM   528  N N   . ALA A 1 69  ? -10.027 -8.435  -4.340  1.00 14.90 ? 69   ALA A N   1 
ATOM   529  C CA  . ALA A 1 69  ? -8.587  -8.346  -4.095  1.00 13.83 ? 69   ALA A CA  1 
ATOM   530  C C   . ALA A 1 69  ? -8.283  -7.795  -2.700  1.00 13.43 ? 69   ALA A C   1 
ATOM   531  O O   . ALA A 1 69  ? -9.164  -7.226  -2.037  1.00 14.18 ? 69   ALA A O   1 
ATOM   532  C CB  . ALA A 1 69  ? -7.934  -7.460  -5.120  1.00 13.85 ? 69   ALA A CB  1 
ATOM   533  N N   . PHE A 1 70  ? -7.060  -8.061  -2.267  1.00 12.48 ? 70   PHE A N   1 
ATOM   534  C CA  . PHE A 1 70  ? -6.505  -7.494  -1.044  1.00 13.32 ? 70   PHE A CA  1 
ATOM   535  C C   . PHE A 1 70  ? -5.351  -6.567  -1.389  1.00 12.40 ? 70   PHE A C   1 
ATOM   536  O O   . PHE A 1 70  ? -4.640  -6.755  -2.402  1.00 12.82 ? 70   PHE A O   1 
ATOM   537  C CB  . PHE A 1 70  ? -5.946  -8.600  -0.150  1.00 12.80 ? 70   PHE A CB  1 
ATOM   538  C CG  . PHE A 1 70  ? -6.972  -9.374  0.621   1.00 14.96 ? 70   PHE A CG  1 
ATOM   539  C CD1 . PHE A 1 70  ? -7.790  -8.745  1.544   1.00 15.86 ? 70   PHE A CD1 1 
ATOM   540  C CD2 . PHE A 1 70  ? -7.083  -10.747 0.469   1.00 17.14 ? 70   PHE A CD2 1 
ATOM   541  C CE1 . PHE A 1 70  ? -8.704  -9.463  2.271   1.00 16.21 ? 70   PHE A CE1 1 
ATOM   542  C CE2 . PHE A 1 70  ? -8.004  -11.479 1.225   1.00 17.32 ? 70   PHE A CE2 1 
ATOM   543  C CZ  . PHE A 1 70  ? -8.793  -10.840 2.127   1.00 15.86 ? 70   PHE A CZ  1 
ATOM   544  N N   . GLY A 1 71  ? -5.113  -5.574  -0.529  1.00 12.67 ? 71   GLY A N   1 
ATOM   545  C CA  . GLY A 1 71  ? -3.914  -4.755  -0.672  1.00 11.91 ? 71   GLY A CA  1 
ATOM   546  C C   . GLY A 1 71  ? -3.702  -3.719  0.416   1.00 12.38 ? 71   GLY A C   1 
ATOM   547  O O   . GLY A 1 71  ? -4.255  -3.827  1.484   1.00 12.60 ? 71   GLY A O   1 
ATOM   548  N N   . PHE A 1 72  ? -2.934  -2.683  0.077   1.00 10.99 ? 72   PHE A N   1 
ATOM   549  C CA  . PHE A 1 72  ? -2.479  -1.661  1.015   1.00 11.06 ? 72   PHE A CA  1 
ATOM   550  C C   . PHE A 1 72  ? -2.544  -0.300  0.389   1.00 11.46 ? 72   PHE A C   1 
ATOM   551  O O   . PHE A 1 72  ? -2.552  -0.175  -0.853  1.00 10.84 ? 72   PHE A O   1 
ATOM   552  C CB  . PHE A 1 72  ? -1.055  -2.022  1.440   1.00 10.61 ? 72   PHE A CB  1 
ATOM   553  C CG  . PHE A 1 72  ? -0.981  -3.422  2.020   1.00 10.99 ? 72   PHE A CG  1 
ATOM   554  C CD1 . PHE A 1 72  ? -1.257  -3.662  3.338   1.00 11.22 ? 72   PHE A CD1 1 
ATOM   555  C CD2 . PHE A 1 72  ? -0.746  -4.503  1.187   1.00 12.42 ? 72   PHE A CD2 1 
ATOM   556  C CE1 . PHE A 1 72  ? -1.269  -4.943  3.820   1.00 12.74 ? 72   PHE A CE1 1 
ATOM   557  C CE2 . PHE A 1 72  ? -0.747  -5.777  1.678   1.00 12.39 ? 72   PHE A CE2 1 
ATOM   558  C CZ  . PHE A 1 72  ? -1.019  -5.993  2.989   1.00 13.36 ? 72   PHE A CZ  1 
ATOM   559  N N   . ALA A 1 73  ? -2.525  0.733   1.214   1.00 11.36 ? 73   ALA A N   1 
ATOM   560  C CA  . ALA A 1 73  ? -2.634  2.086   0.682   1.00 11.41 ? 73   ALA A CA  1 
ATOM   561  C C   . ALA A 1 73  ? -2.082  3.127   1.621   1.00 11.74 ? 73   ALA A C   1 
ATOM   562  O O   . ALA A 1 73  ? -2.018  2.910   2.834   1.00 12.11 ? 73   ALA A O   1 
ATOM   563  C CB  . ALA A 1 73  ? -4.117  2.442   0.418   1.00 11.74 ? 73   ALA A CB  1 
ATOM   564  N N   . ALA A 1 74  ? -1.679  4.256   1.038   1.00 11.49 ? 74   ALA A N   1 
ATOM   565  C CA  . ALA A 1 74  ? -1.376  5.468   1.806   1.00 11.42 ? 74   ALA A CA  1 
ATOM   566  C C   . ALA A 1 74  ? -2.716  6.222   1.758   1.00 12.42 ? 74   ALA A C   1 
ATOM   567  O O   . ALA A 1 74  ? -3.264  6.409   0.660   1.00 13.36 ? 74   ALA A O   1 
ATOM   568  C CB  . ALA A 1 74  ? -0.292  6.284   1.114   1.00 13.17 ? 74   ALA A CB  1 
ATOM   569  N N   . THR A 1 75  ? -3.200  6.707   2.894   1.00 12.78 ? 75   THR A N   1 
ATOM   570  C CA  . THR A 1 75  ? -4.535  7.307   2.934   1.00 13.75 ? 75   THR A CA  1 
ATOM   571  C C   . THR A 1 75  ? -4.577  8.680   3.568   1.00 14.94 ? 75   THR A C   1 
ATOM   572  O O   . THR A 1 75  ? -3.767  9.007   4.413   1.00 15.84 ? 75   THR A O   1 
ATOM   573  C CB  . THR A 1 75  ? -5.497  6.441   3.779   1.00 13.37 ? 75   THR A CB  1 
ATOM   574  O OG1 . THR A 1 75  ? -4.965  6.252   5.106   1.00 14.07 ? 75   THR A OG1 1 
ATOM   575  C CG2 . THR A 1 75  ? -5.567  5.016   3.202   1.00 14.80 ? 75   THR A CG2 1 
ATOM   576  N N   . SER A 1 76  ? -5.622  9.396   3.177   1.00 16.06 ? 76   SER A N   1 
ATOM   577  C CA  . SER A 1 76  ? -6.043  10.623  3.836   1.00 17.99 ? 76   SER A CA  1 
ATOM   578  C C   . SER A 1 76  ? -7.548  10.374  3.998   1.00 17.20 ? 76   SER A C   1 
ATOM   579  O O   . SER A 1 76  ? -8.245  10.058  3.018   1.00 19.76 ? 76   SER A O   1 
ATOM   580  C CB  . SER A 1 76  ? -5.738  11.847  2.984   1.00 18.64 ? 76   SER A CB  1 
ATOM   581  O OG  . SER A 1 76  ? -5.806  13.020  3.760   1.00 27.07 ? 76   SER A OG  1 
ATOM   582  N N   . ILE A 1 77  ? -8.006  10.368  5.232   1.00 17.09 ? 77   ILE A N   1 
ATOM   583  C CA  . ILE A 1 77  ? -9.435  10.163  5.533   1.00 17.82 ? 77   ILE A CA  1 
ATOM   584  C C   . ILE A 1 77  ? -9.935  11.484  6.113   1.00 17.31 ? 77   ILE A C   1 
ATOM   585  O O   . ILE A 1 77  ? -9.455  11.943  7.133   1.00 16.41 ? 77   ILE A O   1 
ATOM   586  C CB  . ILE A 1 77  ? -9.667  9.041   6.568   1.00 18.52 ? 77   ILE A CB  1 
ATOM   587  C CG1 . ILE A 1 77  ? -8.982  7.733   6.175   1.00 20.07 ? 77   ILE A CG1 1 
ATOM   588  C CG2 . ILE A 1 77  ? -11.160 8.838   6.799   1.00 18.30 ? 77   ILE A CG2 1 
ATOM   589  C CD1 . ILE A 1 77  ? -9.588  7.099   5.002   1.00 21.57 ? 77   ILE A CD1 1 
ATOM   590  N N   . ALA A 1 78  ? -10.901 12.063  5.430   1.00 17.88 ? 78   ALA A N   1 
ATOM   591  C CA  . ALA A 1 78  ? -11.471 13.348  5.805   1.00 19.85 ? 78   ALA A CA  1 
ATOM   592  C C   . ALA A 1 78  ? -12.021 13.271  7.217   1.00 20.50 ? 78   ALA A C   1 
ATOM   593  O O   . ALA A 1 78  ? -12.797 12.374  7.536   1.00 21.52 ? 78   ALA A O   1 
ATOM   594  C CB  . ALA A 1 78  ? -12.550 13.708  4.843   1.00 20.60 ? 78   ALA A CB  1 
ATOM   595  N N   . GLY A 1 79  ? -11.575 14.196  8.059   1.00 21.65 ? 79   GLY A N   1 
ATOM   596  C CA  . GLY A 1 79  ? -12.073 14.328  9.417   1.00 22.93 ? 79   GLY A CA  1 
ATOM   597  C C   . GLY A 1 79  ? -11.293 13.498  10.410  1.00 23.84 ? 79   GLY A C   1 
ATOM   598  O O   . GLY A 1 79  ? -11.558 13.532  11.626  1.00 26.13 ? 79   GLY A O   1 
ATOM   599  N N   . SER A 1 80  ? -10.302 12.769  9.912   1.00 22.15 ? 80   SER A N   1 
ATOM   600  C CA  . SER A 1 80  ? -9.555  11.858  10.764  1.00 20.73 ? 80   SER A CA  1 
ATOM   601  C C   . SER A 1 80  ? -8.076  12.171  10.760  1.00 19.16 ? 80   SER A C   1 
ATOM   602  O O   . SER A 1 80  ? -7.667  13.264  10.386  1.00 19.74 ? 80   SER A O   1 
ATOM   603  C CB  . SER A 1 80  ? -9.793  10.429  10.336  1.00 20.98 ? 80   SER A CB  1 
ATOM   604  O OG  . SER A 1 80  ? -9.326  9.543   11.343  1.00 22.13 ? 80   SER A OG  1 
ATOM   605  N N   . ASN A 1 81  ? -7.262  11.227  11.218  1.00 17.40 ? 81   ASN A N   1 
ATOM   606  C CA  . ASN A 1 81  ? -5.844  11.449  11.314  1.00 15.66 ? 81   ASN A CA  1 
ATOM   607  C C   . ASN A 1 81  ? -5.135  10.109  11.416  1.00 15.50 ? 81   ASN A C   1 
ATOM   608  O O   . ASN A 1 81  ? -5.804  9.066   11.435  1.00 14.48 ? 81   ASN A O   1 
ATOM   609  C CB  . ASN A 1 81  ? -5.485  12.353  12.494  1.00 15.55 ? 81   ASN A CB  1 
ATOM   610  C CG  . ASN A 1 81  ? -6.066  11.877  13.803  1.00 17.72 ? 81   ASN A CG  1 
ATOM   611  O OD1 . ASN A 1 81  ? -6.252  10.682  14.046  1.00 15.26 ? 81   ASN A OD1 1 
ATOM   612  N ND2 . ASN A 1 81  ? -6.400  12.852  14.675  1.00 21.66 ? 81   ASN A ND2 1 
ATOM   613  N N   . GLU A 1 82  ? -3.804  10.118  11.451  1.00 14.72 ? 82   GLU A N   1 
ATOM   614  C CA  . GLU A 1 82  ? -3.073  8.856   11.562  1.00 14.32 ? 82   GLU A CA  1 
ATOM   615  C C   . GLU A 1 82  ? -3.448  8.010   12.743  1.00 13.70 ? 82   GLU A C   1 
ATOM   616  O O   . GLU A 1 82  ? -3.476  6.783   12.657  1.00 13.06 ? 82   GLU A O   1 
ATOM   617  C CB  . GLU A 1 82  ? -1.574  9.081   11.576  1.00 13.33 ? 82   GLU A CB  1 
ATOM   618  C CG  . GLU A 1 82  ? -1.042  9.306   10.197  1.00 14.48 ? 82   GLU A CG  1 
ATOM   619  C CD  . GLU A 1 82  ? 0.469   9.498   10.162  1.00 16.96 ? 82   GLU A CD  1 
ATOM   620  O OE1 . GLU A 1 82  ? 1.086   9.728   11.224  1.00 21.26 ? 82   GLU A OE1 1 
ATOM   621  O OE2 . GLU A 1 82  ? 1.010   9.412   9.023   1.00 20.83 ? 82   GLU A OE2 1 
ATOM   622  N N   . ALA A 1 83  ? -3.747  8.638   13.868  1.00 13.38 ? 83   ALA A N   1 
ATOM   623  C CA  . ALA A 1 83  ? -4.130  7.893   15.055  1.00 14.74 ? 83   ALA A CA  1 
ATOM   624  C C   . ALA A 1 83  ? -5.363  7.062   14.772  1.00 14.97 ? 83   ALA A C   1 
ATOM   625  O O   . ALA A 1 83  ? -5.536  6.022   15.368  1.00 15.43 ? 83   ALA A O   1 
ATOM   626  C CB  . ALA A 1 83  ? -4.370  8.850   16.183  1.00 15.78 ? 83   ALA A CB  1 
ATOM   627  N N   . GLY A 1 84  ? -6.190  7.519   13.835  1.00 13.53 ? 84   GLY A N   1 
ATOM   628  C CA  . GLY A 1 84  ? -7.399  6.820   13.464  1.00 13.23 ? 84   GLY A CA  1 
ATOM   629  C C   . GLY A 1 84  ? -7.306  5.884   12.291  1.00 12.95 ? 84   GLY A C   1 
ATOM   630  O O   . GLY A 1 84  ? -7.979  4.868   12.267  1.00 14.33 ? 84   GLY A O   1 
ATOM   631  N N   . TRP A 1 85  ? -6.448  6.182   11.319  1.00 12.34 ? 85   TRP A N   1 
ATOM   632  C CA  . TRP A 1 85  ? -6.384  5.382   10.106  1.00 11.98 ? 85   TRP A CA  1 
ATOM   633  C C   . TRP A 1 85  ? -5.160  4.457   10.022  1.00 11.71 ? 85   TRP A C   1 
ATOM   634  O O   . TRP A 1 85  ? -5.205  3.474   9.287   1.00 11.73 ? 85   TRP A O   1 
ATOM   635  C CB  . TRP A 1 85  ? -6.471  6.214   8.808   1.00 12.16 ? 85   TRP A CB  1 
ATOM   636  C CG  . TRP A 1 85  ? -5.335  7.122   8.417   1.00 12.62 ? 85   TRP A CG  1 
ATOM   637  C CD1 . TRP A 1 85  ? -4.052  6.779   8.080   1.00 12.89 ? 85   TRP A CD1 1 
ATOM   638  C CD2 . TRP A 1 85  ? -5.438  8.526   8.197   1.00 13.35 ? 85   TRP A CD2 1 
ATOM   639  N NE1 . TRP A 1 85  ? -3.355  7.907   7.690   1.00 11.97 ? 85   TRP A NE1 1 
ATOM   640  C CE2 . TRP A 1 85  ? -4.179  8.992   7.788   1.00 12.88 ? 85   TRP A CE2 1 
ATOM   641  C CE3 . TRP A 1 85  ? -6.465  9.445   8.359   1.00 15.86 ? 85   TRP A CE3 1 
ATOM   642  C CZ2 . TRP A 1 85  ? -3.933  10.334  7.500   1.00 13.28 ? 85   TRP A CZ2 1 
ATOM   643  C CZ3 . TRP A 1 85  ? -6.224  10.763  8.094   1.00 15.73 ? 85   TRP A CZ3 1 
ATOM   644  C CH2 . TRP A 1 85  ? -4.974  11.194  7.663   1.00 15.23 ? 85   TRP A CH2 1 
ATOM   645  N N   . CYS A 1 86  ? -4.117  4.691   10.806  1.00 12.18 ? 86   CYS A N   1 
ATOM   646  C CA  . CYS A 1 86  ? -2.952  3.816   10.705  1.00 12.01 ? 86   CYS A CA  1 
ATOM   647  C C   . CYS A 1 86  ? -3.351  2.398   11.054  1.00 12.36 ? 86   CYS A C   1 
ATOM   648  O O   . CYS A 1 86  ? -3.886  2.153   12.116  1.00 10.91 ? 86   CYS A O   1 
ATOM   649  C CB  . CYS A 1 86  ? -1.799  4.296   11.557  1.00 12.47 ? 86   CYS A CB  1 
ATOM   650  S SG  . CYS A 1 86  ? -0.737  5.441   10.600  1.00 11.06 ? 86   CYS A SG  1 
ATOM   651  N N   . CYS A 1 87  ? -3.067  1.489   10.125  1.00 10.32 ? 87   CYS A N   1 
ATOM   652  C CA  . CYS A 1 87  ? -3.382  0.078   10.278  1.00 9.91  ? 87   CYS A CA  1 
ATOM   653  C C   . CYS A 1 87  ? -4.869  -0.261  10.218  1.00 10.75 ? 87   CYS A C   1 
ATOM   654  O O   . CYS A 1 87  ? -5.258  -1.403  10.491  1.00 10.95 ? 87   CYS A O   1 
ATOM   655  C CB  . CYS A 1 87  ? -2.753  -0.428  11.554  1.00 9.72  ? 87   CYS A CB  1 
ATOM   656  S SG  . CYS A 1 87  ? -0.979  -0.151  11.526  1.00 10.26 ? 87   CYS A SG  1 
ATOM   657  N N   . ALA A 1 88  ? -5.708  0.733   9.940   1.00 10.67 ? 88   ALA A N   1 
ATOM   658  C CA  . ALA A 1 88  ? -7.137  0.479   9.767   1.00 11.14 ? 88   ALA A CA  1 
ATOM   659  C C   . ALA A 1 88  ? -7.337  -0.169  8.416   1.00 11.16 ? 88   ALA A C   1 
ATOM   660  O O   . ALA A 1 88  ? -6.501  -0.003  7.515   1.00 11.77 ? 88   ALA A O   1 
ATOM   661  C CB  . ALA A 1 88  ? -7.912  1.783   9.835   1.00 11.62 ? 88   ALA A CB  1 
ATOM   662  N N   . CYS A 1 89  ? -8.419  -0.938  8.270   1.00 11.12 ? 89   CYS A N   1 
ATOM   663  C CA  . CYS A 1 89  ? -8.773  -1.531  7.015   1.00 10.50 ? 89   CYS A CA  1 
ATOM   664  C C   . CYS A 1 89  ? -10.074 -0.951  6.489   1.00 11.34 ? 89   CYS A C   1 
ATOM   665  O O   . CYS A 1 89  ? -10.928 -0.510  7.246   1.00 11.65 ? 89   CYS A O   1 
ATOM   666  C CB  . CYS A 1 89  ? -8.893  -3.045  7.144   1.00 10.60 ? 89   CYS A CB  1 
ATOM   667  S SG  . CYS A 1 89  ? -7.243  -3.806  7.350   1.00 11.13 ? 89   CYS A SG  1 
ATOM   668  N N   . TYR A 1 90  ? -10.180 -0.957  5.172   1.00 11.59 ? 90   TYR A N   1 
ATOM   669  C CA  . TYR A 1 90  ? -11.315 -0.364  4.467   1.00 11.77 ? 90   TYR A CA  1 
ATOM   670  C C   . TYR A 1 90  ? -11.684 -1.280  3.312   1.00 12.85 ? 90   TYR A C   1 
ATOM   671  O O   . TYR A 1 90  ? -10.822 -1.756  2.565   1.00 14.25 ? 90   TYR A O   1 
ATOM   672  C CB  . TYR A 1 90  ? -10.969 1.044   3.927   1.00 11.25 ? 90   TYR A CB  1 
ATOM   673  C CG  . TYR A 1 90  ? -10.482 1.974   5.023   1.00 11.39 ? 90   TYR A CG  1 
ATOM   674  C CD1 . TYR A 1 90  ? -11.366 2.720   5.772   1.00 12.65 ? 90   TYR A CD1 1 
ATOM   675  C CD2 . TYR A 1 90  ? -9.135  2.055   5.356   1.00 11.38 ? 90   TYR A CD2 1 
ATOM   676  C CE1 . TYR A 1 90  ? -10.940 3.532   6.767   1.00 13.15 ? 90   TYR A CE1 1 
ATOM   677  C CE2 . TYR A 1 90  ? -8.709  2.854   6.384   1.00 12.44 ? 90   TYR A CE2 1 
ATOM   678  C CZ  . TYR A 1 90  ? -9.612  3.594   7.082   1.00 13.78 ? 90   TYR A CZ  1 
ATOM   679  O OH  . TYR A 1 90  ? -9.204  4.433   8.116   1.00 14.37 ? 90   TYR A OH  1 
ATOM   680  N N   . GLU A 1 91  ? -12.971 -1.507  3.139   1.00 13.27 ? 91   GLU A N   1 
ATOM   681  C CA  . GLU A 1 91  ? -13.442 -2.284  2.012   1.00 14.48 ? 91   GLU A CA  1 
ATOM   682  C C   . GLU A 1 91  ? -13.806 -1.275  0.937   1.00 14.19 ? 91   GLU A C   1 
ATOM   683  O O   . GLU A 1 91  ? -14.680 -0.420  1.175   1.00 14.71 ? 91   GLU A O   1 
ATOM   684  C CB  . GLU A 1 91  ? -14.654 -3.119  2.423   1.00 15.90 ? 91   GLU A CB  1 
ATOM   685  C CG  . GLU A 1 91  ? -15.264 -3.870  1.278   1.00 19.45 ? 91   GLU A CG  1 
ATOM   686  C CD  . GLU A 1 91  ? -16.670 -4.288  1.630   1.00 27.42 ? 91   GLU A CD  1 
ATOM   687  O OE1 . GLU A 1 91  ? -17.638 -3.475  1.442   1.00 31.55 ? 91   GLU A OE1 1 
ATOM   688  O OE2 . GLU A 1 91  ? -16.769 -5.404  2.175   1.00 32.16 ? 91   GLU A OE2 1 
ATOM   689  N N   . LEU A 1 92  ? -13.109 -1.315  -0.196  1.00 13.92 ? 92   LEU A N   1 
ATOM   690  C CA  . LEU A 1 92  ? -13.384 -0.403  -1.302  1.00 14.54 ? 92   LEU A CA  1 
ATOM   691  C C   . LEU A 1 92  ? -14.254 -1.122  -2.323  1.00 14.31 ? 92   LEU A C   1 
ATOM   692  O O   . LEU A 1 92  ? -14.047 -2.289  -2.617  1.00 14.41 ? 92   LEU A O   1 
ATOM   693  C CB  . LEU A 1 92  ? -12.083 0.036   -2.003  1.00 14.11 ? 92   LEU A CB  1 
ATOM   694  C CG  . LEU A 1 92  ? -10.814 0.380   -1.201  1.00 19.41 ? 92   LEU A CG  1 
ATOM   695  C CD1 . LEU A 1 92  ? -9.767  1.006   -2.080  1.00 19.58 ? 92   LEU A CD1 1 
ATOM   696  C CD2 . LEU A 1 92  ? -11.062 1.270   -0.023  1.00 18.41 ? 92   LEU A CD2 1 
ATOM   697  N N   . THR A 1 93  ? -15.235 -0.402  -2.861  1.00 15.50 ? 93   THR A N   1 
ATOM   698  C CA  . THR A 1 93  ? -16.017 -0.849  -3.994  1.00 15.10 ? 93   THR A CA  1 
ATOM   699  C C   . THR A 1 93  ? -15.725 0.178   -5.076  1.00 14.48 ? 93   THR A C   1 
ATOM   700  O O   . THR A 1 93  ? -16.013 1.366   -4.925  1.00 14.90 ? 93   THR A O   1 
ATOM   701  C CB  . THR A 1 93  ? -17.519 -0.837  -3.655  1.00 16.21 ? 93   THR A CB  1 
ATOM   702  O OG1 . THR A 1 93  ? -17.796 -1.831  -2.644  1.00 16.09 ? 93   THR A OG1 1 
ATOM   703  C CG2 . THR A 1 93  ? -18.331 -1.231  -4.873  1.00 16.99 ? 93   THR A CG2 1 
ATOM   704  N N   . PHE A 1 94  ? -15.157 -0.286  -6.177  1.00 15.00 ? 94   PHE A N   1 
ATOM   705  C CA  . PHE A 1 94  ? -14.723 0.683   -7.212  1.00 15.30 ? 94   PHE A CA  1 
ATOM   706  C C   . PHE A 1 94  ? -15.976 1.147   -7.937  1.00 16.19 ? 94   PHE A C   1 
ATOM   707  O O   . PHE A 1 94  ? -16.880 0.369   -8.122  1.00 16.29 ? 94   PHE A O   1 
ATOM   708  C CB  . PHE A 1 94  ? -13.699 0.033   -8.128  1.00 14.64 ? 94   PHE A CB  1 
ATOM   709  C CG  . PHE A 1 94  ? -12.361 -0.118  -7.473  1.00 14.43 ? 94   PHE A CG  1 
ATOM   710  C CD1 . PHE A 1 94  ? -11.631 0.990   -7.136  1.00 15.83 ? 94   PHE A CD1 1 
ATOM   711  C CD2 . PHE A 1 94  ? -11.876 -1.372  -7.143  1.00 16.49 ? 94   PHE A CD2 1 
ATOM   712  C CE1 . PHE A 1 94  ? -10.417 0.867   -6.477  1.00 16.01 ? 94   PHE A CE1 1 
ATOM   713  C CE2 . PHE A 1 94  ? -10.657 -1.506  -6.513  1.00 15.01 ? 94   PHE A CE2 1 
ATOM   714  C CZ  . PHE A 1 94  ? -9.932  -0.382  -6.181  1.00 15.88 ? 94   PHE A CZ  1 
ATOM   715  N N   . THR A 1 95  ? -15.986 2.406   -8.342  1.00 16.41 ? 95   THR A N   1 
ATOM   716  C CA  . THR A 1 95  ? -17.182 3.021   -8.916  1.00 17.53 ? 95   THR A CA  1 
ATOM   717  C C   . THR A 1 95  ? -16.920 3.653   -10.274 1.00 19.40 ? 95   THR A C   1 
ATOM   718  O O   . THR A 1 95  ? -17.794 4.340   -10.831 1.00 19.11 ? 95   THR A O   1 
ATOM   719  C CB  . THR A 1 95  ? -17.752 4.033   -7.957  1.00 17.27 ? 95   THR A CB  1 
ATOM   720  O OG1 . THR A 1 95  ? -16.767 5.026   -7.602  1.00 18.16 ? 95   THR A OG1 1 
ATOM   721  C CG2 . THR A 1 95  ? -18.140 3.383   -6.637  1.00 18.52 ? 95   THR A CG2 1 
ATOM   722  N N   . SER A 1 96  ? -15.723 3.425   -10.805 1.00 20.29 ? 96   SER A N   1 
ATOM   723  C CA  . SER A 1 96  ? -15.387 3.851   -12.158 1.00 20.95 ? 96   SER A CA  1 
ATOM   724  C C   . SER A 1 96  ? -14.364 2.911   -12.806 1.00 22.13 ? 96   SER A C   1 
ATOM   725  O O   . SER A 1 96  ? -13.794 2.021   -12.171 1.00 21.54 ? 96   SER A O   1 
ATOM   726  C CB  . SER A 1 96  ? -14.879 5.288   -12.155 1.00 21.82 ? 96   SER A CB  1 
ATOM   727  O OG  . SER A 1 96  ? -13.505 5.365   -11.768 1.00 21.08 ? 96   SER A OG  1 
ATOM   728  N N   . GLY A 1 97  ? -14.146 3.078   -14.109 1.00 22.03 ? 97   GLY A N   1 
ATOM   729  C CA  . GLY A 1 97  ? -13.130 2.310   -14.794 1.00 22.32 ? 97   GLY A CA  1 
ATOM   730  C C   . GLY A 1 97  ? -13.464 0.871   -15.008 1.00 22.89 ? 97   GLY A C   1 
ATOM   731  O O   . GLY A 1 97  ? -14.592 0.439   -14.721 1.00 23.07 ? 97   GLY A O   1 
ATOM   732  N N   . PRO A 1 98  ? -12.477 0.103   -15.457 1.00 22.22 ? 98   PRO A N   1 
ATOM   733  C CA  . PRO A 1 98  ? -12.681 -1.282  -15.833 1.00 23.27 ? 98   PRO A CA  1 
ATOM   734  C C   . PRO A 1 98  ? -12.817 -2.200  -14.637 1.00 22.48 ? 98   PRO A C   1 
ATOM   735  O O   . PRO A 1 98  ? -12.976 -3.395  -14.855 1.00 25.36 ? 98   PRO A O   1 
ATOM   736  C CB  . PRO A 1 98  ? -11.437 -1.626  -16.657 1.00 22.80 ? 98   PRO A CB  1 
ATOM   737  C CG  . PRO A 1 98  ? -10.427 -0.566  -16.344 1.00 22.53 ? 98   PRO A CG  1 
ATOM   738  C CD  . PRO A 1 98  ? -11.067 0.511   -15.589 1.00 22.83 ? 98   PRO A CD  1 
ATOM   739  N N   . VAL A 1 99  ? -12.770 -1.639  -13.425 1.00 22.76 ? 99   VAL A N   1 
ATOM   740  C CA  . VAL A 1 99  ? -12.926 -2.396  -12.193 1.00 22.59 ? 99   VAL A CA  1 
ATOM   741  C C   . VAL A 1 99  ? -14.205 -2.015  -11.460 1.00 21.81 ? 99   VAL A C   1 
ATOM   742  O O   . VAL A 1 99  ? -14.411 -2.452  -10.340 1.00 21.71 ? 99   VAL A O   1 
ATOM   743  C CB  . VAL A 1 99  ? -11.727 -2.146  -11.213 1.00 22.79 ? 99   VAL A CB  1 
ATOM   744  C CG1 . VAL A 1 99  ? -10.477 -2.862  -11.697 1.00 24.15 ? 99   VAL A CG1 1 
ATOM   745  C CG2 . VAL A 1 99  ? -11.450 -0.709  -11.122 1.00 22.80 ? 99   VAL A CG2 1 
ATOM   746  N N   . ALA A 1 100 ? -15.055 -1.207  -12.094 1.00 20.58 ? 100  ALA A N   1 
ATOM   747  C CA  . ALA A 1 100 ? -16.293 -0.769  -11.475 1.00 21.02 ? 100  ALA A CA  1 
ATOM   748  C C   . ALA A 1 100 ? -17.020 -1.976  -10.940 1.00 20.40 ? 100  ALA A C   1 
ATOM   749  O O   . ALA A 1 100 ? -17.195 -2.943  -11.668 1.00 20.77 ? 100  ALA A O   1 
ATOM   750  C CB  . ALA A 1 100 ? -17.147 -0.049  -12.484 1.00 22.05 ? 100  ALA A CB  1 
ATOM   751  N N   . GLY A 1 101 ? -17.408 -1.962  -9.663  1.00 19.31 ? 101  GLY A N   1 
ATOM   752  C CA  . GLY A 1 101 ? -18.124 -3.092  -9.089  1.00 18.99 ? 101  GLY A CA  1 
ATOM   753  C C   . GLY A 1 101 ? -17.299 -4.110  -8.327  1.00 18.77 ? 101  GLY A C   1 
ATOM   754  O O   . GLY A 1 101 ? -17.802 -4.804  -7.444  1.00 18.85 ? 101  GLY A O   1 
ATOM   755  N N   . LYS A 1 102 ? -16.017 -4.189  -8.651  1.00 18.88 ? 102  LYS A N   1 
ATOM   756  C CA  . LYS A 1 102 ? -15.088 -5.063  -7.942  1.00 18.37 ? 102  LYS A CA  1 
ATOM   757  C C   . LYS A 1 102 ? -14.799 -4.509  -6.544  1.00 16.95 ? 102  LYS A C   1 
ATOM   758  O O   . LYS A 1 102 ? -14.944 -3.315  -6.306  1.00 16.70 ? 102  LYS A O   1 
ATOM   759  C CB  . LYS A 1 102 ? -13.804 -5.215  -8.755  1.00 19.87 ? 102  LYS A CB  1 
ATOM   760  C CG  . LYS A 1 102 ? -14.036 -5.918  -10.091 1.00 22.01 ? 102  LYS A CG  1 
ATOM   761  C CD  . LYS A 1 102 ? -12.731 -6.115  -10.857 1.00 25.11 ? 102  LYS A CD  1 
ATOM   762  C CE  . LYS A 1 102 ? -13.004 -6.704  -12.270 1.00 26.26 ? 102  LYS A CE  1 
ATOM   763  N NZ  . LYS A 1 102 ? -13.621 -8.058  -12.254 1.00 26.36 ? 102  LYS A NZ  1 
ATOM   764  N N   . LYS A 1 103 ? -14.480 -5.391  -5.611  1.00 16.64 ? 103  LYS A N   1 
ATOM   765  C CA  . LYS A 1 103 ? -14.152 -4.972  -4.253  1.00 16.50 ? 103  LYS A CA  1 
ATOM   766  C C   . LYS A 1 103 ? -12.708 -5.235  -3.935  1.00 15.83 ? 103  LYS A C   1 
ATOM   767  O O   . LYS A 1 103 ? -12.111 -6.184  -4.424  1.00 15.13 ? 103  LYS A O   1 
ATOM   768  C CB  . LYS A 1 103 ? -15.051 -5.682  -3.234  1.00 17.27 ? 103  LYS A CB  1 
ATOM   769  C CG  . LYS A 1 103 ? -16.520 -5.249  -3.379  1.00 19.74 ? 103  LYS A CG  1 
ATOM   770  C CD  . LYS A 1 103 ? -17.342 -5.642  -2.173  1.00 25.95 ? 103  LYS A CD  1 
ATOM   771  C CE  . LYS A 1 103 ? -18.667 -4.926  -2.172  1.00 31.64 ? 103  LYS A CE  1 
ATOM   772  N NZ  . LYS A 1 103 ? -19.084 -4.436  -3.546  1.00 35.75 ? 103  LYS A NZ  1 
ATOM   773  N N   . MET A 1 104 ? -12.142 -4.393  -3.080  1.00 14.95 ? 104  MET A N   1 
ATOM   774  C CA  . MET A 1 104 ? -10.783 -4.599  -2.606  1.00 14.59 ? 104  MET A CA  1 
ATOM   775  C C   . MET A 1 104 ? -10.717 -4.161  -1.159  1.00 14.65 ? 104  MET A C   1 
ATOM   776  O O   . MET A 1 104 ? -11.133 -3.060  -0.835  1.00 16.08 ? 104  MET A O   1 
ATOM   777  C CB  . MET A 1 104 ? -9.804  -3.817  -3.471  1.00 15.29 ? 104  MET A CB  1 
ATOM   778  C CG  . MET A 1 104 ? -8.340  -3.926  -3.089  1.00 14.24 ? 104  MET A CG  1 
ATOM   779  S SD  . MET A 1 104 ? -7.365  -2.864  -4.228  1.00 13.19 ? 104  MET A SD  1 
ATOM   780  C CE  . MET A 1 104 ? -5.722  -3.292  -3.758  1.00 13.11 ? 104  MET A CE  1 
ATOM   781  N N   . VAL A 1 105 ? -10.206 -5.025  -0.279  1.00 13.71 ? 105  VAL A N   1 
ATOM   782  C CA  . VAL A 1 105 ? -10.053 -4.664  1.125   1.00 12.69 ? 105  VAL A CA  1 
ATOM   783  C C   . VAL A 1 105 ? -8.598  -4.292  1.303   1.00 12.04 ? 105  VAL A C   1 
ATOM   784  O O   . VAL A 1 105 ? -7.706  -5.043  0.940   1.00 11.40 ? 105  VAL A O   1 
ATOM   785  C CB  . VAL A 1 105 ? -10.449 -5.801  2.052   1.00 12.63 ? 105  VAL A CB  1 
ATOM   786  C CG1 . VAL A 1 105 ? -10.227 -5.389  3.488   1.00 13.13 ? 105  VAL A CG1 1 
ATOM   787  C CG2 . VAL A 1 105 ? -11.902 -6.129  1.778   1.00 14.93 ? 105  VAL A CG2 1 
ATOM   788  N N   . VAL A 1 106 ? -8.364  -3.081  1.778   1.00 12.03 ? 106  VAL A N   1 
ATOM   789  C CA  . VAL A 1 106 ? -7.000  -2.579  1.975   1.00 12.59 ? 106  VAL A CA  1 
ATOM   790  C C   . VAL A 1 106 ? -6.753  -2.177  3.411   1.00 12.22 ? 106  VAL A C   1 
ATOM   791  O O   . VAL A 1 106 ? -7.677  -1.819  4.141   1.00 13.03 ? 106  VAL A O   1 
ATOM   792  C CB  . VAL A 1 106 ? -6.665  -1.390  1.040   1.00 14.65 ? 106  VAL A CB  1 
ATOM   793  C CG1 . VAL A 1 106 ? -6.944  -1.779  -0.395  1.00 15.15 ? 106  VAL A CG1 1 
ATOM   794  C CG2 . VAL A 1 106 ? -7.390  -0.146  1.386   1.00 15.90 ? 106  VAL A CG2 1 
ATOM   795  N N   . GLN A 1 107 ? -5.497  -2.252  3.791   1.00 11.44 ? 107  GLN A N   1 
ATOM   796  C CA  . GLN A 1 107 ? -5.029  -1.791  5.075   1.00 10.85 ? 107  GLN A CA  1 
ATOM   797  C C   . GLN A 1 107 ? -4.207  -0.533  4.806   1.00 11.21 ? 107  GLN A C   1 
ATOM   798  O O   . GLN A 1 107 ? -3.357  -0.495  3.902   1.00 10.57 ? 107  GLN A O   1 
ATOM   799  C CB  . GLN A 1 107 ? -4.155  -2.816  5.803   1.00 10.60 ? 107  GLN A CB  1 
ATOM   800  C CG  . GLN A 1 107 ? -3.842  -2.357  7.210   1.00 11.52 ? 107  GLN A CG  1 
ATOM   801  C CD  . GLN A 1 107 ? -3.046  -3.347  8.037   1.00 12.06 ? 107  GLN A CD  1 
ATOM   802  O OE1 . GLN A 1 107 ? -2.252  -4.126  7.496   1.00 15.49 ? 107  GLN A OE1 1 
ATOM   803  N NE2 . GLN A 1 107 ? -3.252  -3.330  9.353   1.00 10.15 ? 107  GLN A NE2 1 
ATOM   804  N N   . SER A 1 108 ? -4.507  0.509   5.550   1.00 10.76 ? 108  SER A N   1 
ATOM   805  C CA  . SER A 1 108 ? -3.746  1.765   5.472   1.00 10.87 ? 108  SER A CA  1 
ATOM   806  C C   . SER A 1 108 ? -2.414  1.574   6.190   1.00 10.84 ? 108  SER A C   1 
ATOM   807  O O   . SER A 1 108 ? -2.388  1.229   7.363   1.00 11.33 ? 108  SER A O   1 
ATOM   808  C CB  . SER A 1 108 ? -4.532  2.894   6.137   1.00 12.24 ? 108  SER A CB  1 
ATOM   809  O OG  . SER A 1 108 ? -3.687  4.067   6.235   1.00 13.26 ? 108  SER A OG  1 
ATOM   810  N N   . THR A 1 109 ? -1.313  1.831   5.507   1.00 10.29 ? 109  THR A N   1 
ATOM   811  C CA  . THR A 1 109 ? 0.013   1.742   6.116   1.00 9.77  ? 109  THR A CA  1 
ATOM   812  C C   . THR A 1 109 ? 0.759   3.050   6.075   1.00 10.57 ? 109  THR A C   1 
ATOM   813  O O   . THR A 1 109 ? 1.832   3.131   6.600   1.00 10.53 ? 109  THR A O   1 
ATOM   814  C CB  . THR A 1 109 ? 0.884   0.727   5.390   1.00 9.09  ? 109  THR A CB  1 
ATOM   815  O OG1 . THR A 1 109 ? 0.993   1.074   4.011   1.00 11.74 ? 109  THR A OG1 1 
ATOM   816  C CG2 . THR A 1 109 ? 0.254   -0.662  5.482   1.00 10.01 ? 109  THR A CG2 1 
ATOM   817  N N   . SER A 1 110 ? 0.178   4.061   5.478   1.00 10.67 ? 110  SER A N   1 
ATOM   818  C CA  . SER A 1 110 ? 0.840   5.333   5.340   1.00 12.18 ? 110  SER A CA  1 
ATOM   819  C C   . SER A 1 110 ? -0.147  6.451   5.036   1.00 13.76 ? 110  SER A C   1 
ATOM   820  O O   . SER A 1 110 ? -1.350  6.237   4.962   1.00 13.17 ? 110  SER A O   1 
ATOM   821  C CB  . SER A 1 110 ? 1.888   5.259   4.225   1.00 12.84 ? 110  SER A CB  1 
ATOM   822  O OG  . SER A 1 110 ? 2.881   6.261   4.414   1.00 12.67 ? 110  SER A OG  1 
ATOM   823  N N   . THR A 1 111 ? 0.399   7.646   4.820   1.00 15.98 ? 111  THR A N   1 
ATOM   824  C CA  . THR A 1 111 ? -0.376  8.854   4.640   1.00 17.09 ? 111  THR A CA  1 
ATOM   825  C C   . THR A 1 111 ? 0.055   9.565   3.386   1.00 17.20 ? 111  THR A C   1 
ATOM   826  O O   . THR A 1 111 ? 1.241   9.565   3.057   1.00 18.31 ? 111  THR A O   1 
ATOM   827  C CB  . THR A 1 111 ? -0.124  9.803   5.857   1.00 16.98 ? 111  THR A CB  1 
ATOM   828  O OG1 . THR A 1 111 ? -0.655  9.213   7.046   1.00 18.00 ? 111  THR A OG1 1 
ATOM   829  C CG2 . THR A 1 111 ? -0.876  11.097  5.706   1.00 19.62 ? 111  THR A CG2 1 
ATOM   830  N N   . SER A 1 117 ? -9.499  15.271  2.350   1.00 27.26 ? 118  SER A N   1 
ATOM   831  C CA  . SER A 1 117 ? -10.305 14.569  1.358   1.00 26.18 ? 118  SER A CA  1 
ATOM   832  C C   . SER A 1 117 ? -10.026 13.102  1.567   1.00 24.77 ? 118  SER A C   1 
ATOM   833  O O   . SER A 1 117 ? -9.028  12.783  2.224   1.00 26.52 ? 118  SER A O   1 
ATOM   834  C CB  . SER A 1 117 ? -9.908  15.009  -0.043  1.00 27.08 ? 118  SER A CB  1 
ATOM   835  O OG  . SER A 1 117 ? -8.784  14.285  -0.519  1.00 28.65 ? 118  SER A OG  1 
ATOM   836  N N   . ASN A 1 118 ? -10.921 12.234  1.086   1.00 22.23 ? 119  ASN A N   1 
ATOM   837  C CA  . ASN A 1 118 ? -10.767 10.782  1.198   1.00 20.33 ? 119  ASN A CA  1 
ATOM   838  C C   . ASN A 1 118 ? -9.987  10.356  -0.046  1.00 20.10 ? 119  ASN A C   1 
ATOM   839  O O   . ASN A 1 118 ? -10.496 10.404  -1.177  1.00 20.37 ? 119  ASN A O   1 
ATOM   840  C CB  . ASN A 1 118 ? -12.113 10.086  1.187   1.00 19.57 ? 119  ASN A CB  1 
ATOM   841  C CG  . ASN A 1 118 ? -12.961 10.443  2.384   1.00 18.01 ? 119  ASN A CG  1 
ATOM   842  O OD1 . ASN A 1 118 ? -12.471 10.554  3.516   1.00 18.83 ? 119  ASN A OD1 1 
ATOM   843  N ND2 . ASN A 1 118 ? -14.247 10.641  2.132   1.00 20.66 ? 119  ASN A ND2 1 
ATOM   844  N N   . HIS A 1 119 ? -8.732  10.010  0.144   1.00 18.62 ? 120  HIS A N   1 
ATOM   845  C CA  . HIS A 1 119 ? -7.914  9.649   -0.965  1.00 17.27 ? 120  HIS A CA  1 
ATOM   846  C C   . HIS A 1 119 ? -7.120  8.451   -0.566  1.00 16.07 ? 120  HIS A C   1 
ATOM   847  O O   . HIS A 1 119 ? -6.611  8.378   0.545   1.00 14.88 ? 120  HIS A O   1 
ATOM   848  C CB  . HIS A 1 119 ? -6.955  10.792  -1.284  1.00 18.89 ? 120  HIS A CB  1 
ATOM   849  C CG  . HIS A 1 119 ? -6.347  10.672  -2.628  1.00 20.60 ? 120  HIS A CG  1 
ATOM   850  N ND1 . HIS A 1 119 ? -5.338  9.769   -2.897  1.00 22.51 ? 120  HIS A ND1 1 
ATOM   851  C CD2 . HIS A 1 119 ? -6.788  11.115  -3.828  1.00 19.93 ? 120  HIS A CD2 1 
ATOM   852  C CE1 . HIS A 1 119 ? -5.138  9.721   -4.201  1.00 20.64 ? 120  HIS A CE1 1 
ATOM   853  N NE2 . HIS A 1 119 ? -6.006  10.530  -4.788  1.00 24.35 ? 120  HIS A NE2 1 
ATOM   854  N N   . PHE A 1 120 ? -7.095  7.464   -1.435  1.00 14.37 ? 121  PHE A N   1 
ATOM   855  C CA  . PHE A 1 120 ? -6.290  6.278   -1.217  1.00 13.86 ? 121  PHE A CA  1 
ATOM   856  C C   . PHE A 1 120 ? -5.289  6.148   -2.361  1.00 13.71 ? 121  PHE A C   1 
ATOM   857  O O   . PHE A 1 120 ? -5.685  6.134   -3.514  1.00 14.08 ? 121  PHE A O   1 
ATOM   858  C CB  . PHE A 1 120 ? -7.157  5.005   -1.205  1.00 12.54 ? 121  PHE A CB  1 
ATOM   859  C CG  . PHE A 1 120 ? -7.917  4.765   0.078   1.00 14.92 ? 121  PHE A CG  1 
ATOM   860  C CD1 . PHE A 1 120 ? -8.738  5.723   0.633   1.00 15.94 ? 121  PHE A CD1 1 
ATOM   861  C CD2 . PHE A 1 120 ? -7.845  3.539   0.690   1.00 16.19 ? 121  PHE A CD2 1 
ATOM   862  C CE1 . PHE A 1 120 ? -9.445  5.450   1.812   1.00 17.33 ? 121  PHE A CE1 1 
ATOM   863  C CE2 . PHE A 1 120 ? -8.536  3.272   1.829   1.00 16.90 ? 121  PHE A CE2 1 
ATOM   864  C CZ  . PHE A 1 120 ? -9.342  4.201   2.392   1.00 14.28 ? 121  PHE A CZ  1 
ATOM   865  N N   . ASP A 1 121 ? -3.991  6.060   -2.031  1.00 14.09 ? 122  ASP A N   1 
ATOM   866  C CA  . ASP A 1 121 ? -2.937  5.881   -3.034  1.00 13.24 ? 122  ASP A CA  1 
ATOM   867  C C   . ASP A 1 121 ? -2.526  4.418   -2.838  1.00 13.28 ? 122  ASP A C   1 
ATOM   868  O O   . ASP A 1 121 ? -1.868  4.056   -1.861  1.00 13.74 ? 122  ASP A O   1 
ATOM   869  C CB  . ASP A 1 121 ? -1.841  6.882   -2.762  1.00 13.32 ? 122  ASP A CB  1 
ATOM   870  C CG  . ASP A 1 121 ? -0.819  6.972   -3.883  1.00 14.94 ? 122  ASP A CG  1 
ATOM   871  O OD1 . ASP A 1 121 ? -0.870  6.130   -4.805  1.00 16.12 ? 122  ASP A OD1 1 
ATOM   872  O OD2 . ASP A 1 121 ? 0.025   7.917   -3.904  1.00 19.99 ? 122  ASP A OD2 1 
ATOM   873  N N   . LEU A 1 122 ? -2.970  3.588   -3.762  1.00 11.93 ? 123  LEU A N   1 
ATOM   874  C CA  . LEU A 1 122 ? -2.813  2.145   -3.651  1.00 12.16 ? 123  LEU A CA  1 
ATOM   875  C C   . LEU A 1 122 ? -1.360  1.763   -3.826  1.00 11.86 ? 123  LEU A C   1 
ATOM   876  O O   . LEU A 1 122 ? -0.702  2.268   -4.743  1.00 12.61 ? 123  LEU A O   1 
ATOM   877  C CB  . LEU A 1 122 ? -3.666  1.439   -4.669  1.00 12.16 ? 123  LEU A CB  1 
ATOM   878  C CG  . LEU A 1 122 ? -5.174  1.589   -4.612  1.00 13.67 ? 123  LEU A CG  1 
ATOM   879  C CD1 . LEU A 1 122 ? -5.822  0.775   -5.678  1.00 16.38 ? 123  LEU A CD1 1 
ATOM   880  C CD2 . LEU A 1 122 ? -5.738  1.228   -3.237  1.00 15.26 ? 123  LEU A CD2 1 
ATOM   881  N N   . ASN A 1 123 ? -0.860  0.890   -2.945  1.00 11.47 ? 124  ASN A N   1 
ATOM   882  C CA  . ASN A 1 123 ? 0.481   0.354   -3.114  1.00 11.52 ? 124  ASN A CA  1 
ATOM   883  C C   . ASN A 1 123 ? 0.523   -0.503  -4.364  1.00 11.59 ? 124  ASN A C   1 
ATOM   884  O O   . ASN A 1 123 ? -0.152  -1.535  -4.419  1.00 13.21 ? 124  ASN A O   1 
ATOM   885  C CB  . ASN A 1 123 ? 0.852   -0.596  -1.972  1.00 12.45 ? 124  ASN A CB  1 
ATOM   886  C CG  . ASN A 1 123 ? 1.091   0.085   -0.640  1.00 13.00 ? 124  ASN A CG  1 
ATOM   887  O OD1 . ASN A 1 123 ? 0.571   1.152   -0.335  1.00 12.29 ? 124  ASN A OD1 1 
ATOM   888  N ND2 . ASN A 1 123 ? 1.900   -0.588  0.196   1.00 11.76 ? 124  ASN A ND2 1 
ATOM   889  N N   . ILE A 1 124 ? 1.270   -0.097  -5.382  1.00 11.34 ? 125  ILE A N   1 
ATOM   890  C CA  . ILE A 1 124 ? 1.357   -0.888  -6.606  1.00 11.83 ? 125  ILE A CA  1 
ATOM   891  C C   . ILE A 1 124 ? 2.745   -0.669  -7.175  1.00 11.84 ? 125  ILE A C   1 
ATOM   892  O O   . ILE A 1 124 ? 3.051   0.425   -7.659  1.00 13.07 ? 125  ILE A O   1 
ATOM   893  C CB  . ILE A 1 124 ? 0.364   -0.410  -7.686  1.00 12.61 ? 125  ILE A CB  1 
ATOM   894  C CG1 . ILE A 1 124 ? -1.097  -0.475  -7.240  1.00 12.02 ? 125  ILE A CG1 1 
ATOM   895  C CG2 . ILE A 1 124 ? 0.595   -1.254  -8.957  1.00 14.58 ? 125  ILE A CG2 1 
ATOM   896  C CD1 . ILE A 1 124 ? -2.128  -0.112  -8.374  1.00 13.03 ? 125  ILE A CD1 1 
ATOM   897  N N   . PRO A 1 125 ? 3.624   -1.659  -7.118  1.00 12.02 ? 126  PRO A N   1 
ATOM   898  C CA  . PRO A 1 125 ? 4.956   -1.500  -7.721  1.00 12.49 ? 126  PRO A CA  1 
ATOM   899  C C   . PRO A 1 125 ? 4.814   -1.095  -9.175  1.00 11.93 ? 126  PRO A C   1 
ATOM   900  O O   . PRO A 1 125 ? 4.078   -1.734  -9.894  1.00 12.65 ? 126  PRO A O   1 
ATOM   901  C CB  . PRO A 1 125 ? 5.559   -2.900  -7.591  1.00 12.15 ? 126  PRO A CB  1 
ATOM   902  C CG  . PRO A 1 125 ? 4.827   -3.504  -6.416  1.00 13.02 ? 126  PRO A CG  1 
ATOM   903  C CD  . PRO A 1 125 ? 3.433   -2.973  -6.484  1.00 13.67 ? 126  PRO A CD  1 
ATOM   904  N N   . GLY A 1 126 ? 5.507   -0.039  -9.592  1.00 11.99 ? 127  GLY A N   1 
ATOM   905  C CA  . GLY A 1 126 ? 5.398   0.445   -10.959 1.00 13.08 ? 127  GLY A CA  1 
ATOM   906  C C   . GLY A 1 126 ? 4.337   1.515   -11.142 1.00 14.08 ? 127  GLY A C   1 
ATOM   907  O O   . GLY A 1 126 ? 4.124   2.006   -12.257 1.00 14.53 ? 127  GLY A O   1 
ATOM   908  N N   . GLY A 1 127 ? 3.622   1.837   -10.055 1.00 13.02 ? 128  GLY A N   1 
ATOM   909  C CA  . GLY A 1 127 ? 2.647   2.922   -10.097 1.00 13.54 ? 128  GLY A CA  1 
ATOM   910  C C   . GLY A 1 127 ? 3.297   4.293   -10.144 1.00 14.17 ? 128  GLY A C   1 
ATOM   911  O O   . GLY A 1 127 ? 2.674   5.281   -10.550 1.00 15.21 ? 128  GLY A O   1 
ATOM   912  N N   . GLY A 1 128 ? 4.557   4.364   -9.712  1.00 13.64 ? 129  GLY A N   1 
ATOM   913  C CA  . GLY A 1 128 ? 5.388   5.559   -9.776  1.00 14.30 ? 129  GLY A CA  1 
ATOM   914  C C   . GLY A 1 128 ? 6.023   5.851   -8.429  1.00 14.52 ? 129  GLY A C   1 
ATOM   915  O O   . GLY A 1 128 ? 5.370   5.746   -7.403  1.00 14.91 ? 129  GLY A O   1 
ATOM   916  N N   . VAL A 1 129 ? 7.292   6.238   -8.446  1.00 15.39 ? 130  VAL A N   1 
ATOM   917  C CA  . VAL A 1 129 ? 8.054   6.536   -7.244  1.00 17.75 ? 130  VAL A CA  1 
ATOM   918  C C   . VAL A 1 129 ? 7.909   7.959   -6.779  1.00 20.25 ? 130  VAL A C   1 
ATOM   919  O O   . VAL A 1 129 ? 8.427   8.304   -5.715  1.00 22.15 ? 130  VAL A O   1 
ATOM   920  C CB  . VAL A 1 129 ? 9.571   6.251   -7.409  1.00 18.37 ? 130  VAL A CB  1 
ATOM   921  C CG1 . VAL A 1 129 ? 9.810   4.859   -7.859  1.00 19.40 ? 130  VAL A CG1 1 
ATOM   922  C CG2 . VAL A 1 129 ? 10.234  7.269   -8.408  1.00 20.00 ? 130  VAL A CG2 1 
ATOM   923  N N   . GLY A 1 130 ? 7.332   8.819   -7.602  1.00 20.16 ? 131  GLY A N   1 
ATOM   924  C CA  . GLY A 1 130 ? 7.090   10.202  -7.171  1.00 22.28 ? 131  GLY A CA  1 
ATOM   925  C C   . GLY A 1 130 ? 8.299   10.977  -6.671  1.00 22.29 ? 131  GLY A C   1 
ATOM   926  O O   . GLY A 1 130 ? 9.442   10.695  -7.002  1.00 24.06 ? 131  GLY A O   1 
ATOM   927  N N   . ILE A 1 131 ? 8.037   11.945  -5.813  1.00 24.85 ? 132  ILE A N   1 
ATOM   928  C CA  . ILE A 1 131 ? 9.046   12.902  -5.366  1.00 25.77 ? 132  ILE A CA  1 
ATOM   929  C C   . ILE A 1 131 ? 10.119  12.261  -4.473  1.00 24.84 ? 132  ILE A C   1 
ATOM   930  O O   . ILE A 1 131 ? 11.315  12.541  -4.631  1.00 25.74 ? 132  ILE A O   1 
ATOM   931  C CB  . ILE A 1 131 ? 8.266   14.155  -4.768  1.00 27.46 ? 132  ILE A CB  1 
ATOM   932  C CG1 . ILE A 1 131 ? 9.125   15.407  -4.511  1.00 29.56 ? 132  ILE A CG1 1 
ATOM   933  C CG2 . ILE A 1 131 ? 7.350   13.757  -3.586  1.00 28.44 ? 132  ILE A CG2 1 
ATOM   934  C CD1 . ILE A 1 131 ? 10.607  15.322  -4.735  1.00 33.27 ? 132  ILE A CD1 1 
ATOM   935  N N   . PHE A 1 132 ? 9.737   11.256  -3.668  1.00 23.20 ? 133  PHE A N   1 
ATOM   936  C CA  . PHE A 1 132 ? 10.674  10.681  -2.717  1.00 22.04 ? 133  PHE A CA  1 
ATOM   937  C C   . PHE A 1 132 ? 11.716  9.698   -3.259  1.00 22.40 ? 133  PHE A C   1 
ATOM   938  O O   . PHE A 1 132 ? 12.865  9.670   -2.805  1.00 25.69 ? 133  PHE A O   1 
ATOM   939  C CB  . PHE A 1 132 ? 9.882   10.101  -1.532  1.00 21.03 ? 133  PHE A CB  1 
ATOM   940  C CG  . PHE A 1 132 ? 9.183   11.164  -0.744  1.00 18.91 ? 133  PHE A CG  1 
ATOM   941  C CD1 . PHE A 1 132 ? 9.828   12.371  -0.509  1.00 21.74 ? 133  PHE A CD1 1 
ATOM   942  C CD2 . PHE A 1 132 ? 7.906   10.996  -0.248  1.00 18.04 ? 133  PHE A CD2 1 
ATOM   943  C CE1 . PHE A 1 132 ? 9.196   13.376  0.186   1.00 21.52 ? 133  PHE A CE1 1 
ATOM   944  C CE2 . PHE A 1 132 ? 7.298   12.006  0.468   1.00 20.72 ? 133  PHE A CE2 1 
ATOM   945  C CZ  . PHE A 1 132 ? 7.955   13.176  0.680   1.00 19.79 ? 133  PHE A CZ  1 
ATOM   946  N N   . ASP A 1 133 ? 11.307  8.884   -4.189  1.00 21.12 ? 134  ASP A N   1 
ATOM   947  C CA  . ASP A 1 133 ? 12.178  7.881   -4.798  1.00 18.49 ? 134  ASP A CA  1 
ATOM   948  C C   . ASP A 1 133 ? 13.171  7.229   -3.862  1.00 17.04 ? 134  ASP A C   1 
ATOM   949  O O   . ASP A 1 133 ? 14.393  7.468   -3.923  1.00 18.55 ? 134  ASP A O   1 
ATOM   950  C CB  . ASP A 1 133 ? 12.936  8.399   -6.008  1.00 17.93 ? 134  ASP A CB  1 
ATOM   951  C CG  . ASP A 1 133 ? 13.570  7.277   -6.785  1.00 17.96 ? 134  ASP A CG  1 
ATOM   952  O OD1 . ASP A 1 133 ? 13.258  6.107   -6.481  1.00 17.07 ? 134  ASP A OD1 1 
ATOM   953  O OD2 . ASP A 1 133 ? 14.351  7.459   -7.747  1.00 17.69 ? 134  ASP A OD2 1 
ATOM   954  N N   . GLY A 1 134 ? 12.658  6.344   -3.032  1.00 15.57 ? 135  GLY A N   1 
ATOM   955  C CA  . GLY A 1 134 ? 13.485  5.524   -2.208  1.00 13.63 ? 135  GLY A CA  1 
ATOM   956  C C   . GLY A 1 134 ? 13.995  4.312   -2.936  1.00 13.65 ? 135  GLY A C   1 
ATOM   957  O O   . GLY A 1 134 ? 14.881  3.620   -2.447  1.00 12.70 ? 135  GLY A O   1 
ATOM   958  N N   . CYS A 1 135 ? 13.436  4.055   -4.117  1.00 12.63 ? 136  CYS A N   1 
ATOM   959  C CA  . CYS A 1 135 ? 13.810  2.855   -4.844  1.00 12.87 ? 136  CYS A CA  1 
ATOM   960  C C   . CYS A 1 135 ? 15.209  2.976   -5.440  1.00 14.42 ? 136  CYS A C   1 
ATOM   961  O O   . CYS A 1 135 ? 15.887  1.970   -5.642  1.00 15.52 ? 136  CYS A O   1 
ATOM   962  C CB  . CYS A 1 135 ? 12.796  2.531   -5.907  1.00 12.83 ? 136  CYS A CB  1 
ATOM   963  S SG  . CYS A 1 135 ? 11.132  2.302   -5.251  1.00 10.84 ? 136  CYS A SG  1 
ATOM   964  N N   . THR A 1 136 ? 15.608  4.189   -5.748  1.00 14.97 ? 137  THR A N   1 
ATOM   965  C CA  . THR A 1 136 ? 16.958  4.383   -6.273  1.00 15.28 ? 137  THR A CA  1 
ATOM   966  C C   . THR A 1 136 ? 18.005  4.036   -5.191  1.00 15.53 ? 137  THR A C   1 
ATOM   967  O O   . THR A 1 136 ? 18.862  3.188   -5.433  1.00 16.50 ? 137  THR A O   1 
ATOM   968  C CB  . THR A 1 136 ? 17.070  5.759   -6.880  1.00 15.85 ? 137  THR A CB  1 
ATOM   969  O OG1 . THR A 1 136 ? 16.298  5.783   -8.113  1.00 15.92 ? 137  THR A OG1 1 
ATOM   970  C CG2 . THR A 1 136 ? 18.486  6.036   -7.285  1.00 17.28 ? 137  THR A CG2 1 
ATOM   971  N N   . PRO A 1 137 ? 17.924  4.583   -3.976  1.00 15.78 ? 138  PRO A N   1 
ATOM   972  C CA  . PRO A 1 137 ? 18.792  4.096   -2.893  1.00 16.43 ? 138  PRO A CA  1 
ATOM   973  C C   . PRO A 1 137 ? 18.647  2.647   -2.519  1.00 16.92 ? 138  PRO A C   1 
ATOM   974  O O   . PRO A 1 137 ? 19.623  2.003   -2.130  1.00 16.45 ? 138  PRO A O   1 
ATOM   975  C CB  . PRO A 1 137 ? 18.414  4.958   -1.684  1.00 17.34 ? 138  PRO A CB  1 
ATOM   976  C CG  . PRO A 1 137 ? 17.401  5.877   -2.122  1.00 16.63 ? 138  PRO A CG  1 
ATOM   977  C CD  . PRO A 1 137 ? 17.137  5.757   -3.585  1.00 15.38 ? 138  PRO A CD  1 
ATOM   978  N N   . GLN A 1 138 ? 17.437  2.098   -2.604  1.00 15.14 ? 139  GLN A N   1 
ATOM   979  C CA  . GLN A 1 138 ? 17.231  0.720   -2.179  1.00 15.03 ? 139  GLN A CA  1 
ATOM   980  C C   . GLN A 1 138 ? 18.003  -0.246  -3.058  1.00 14.70 ? 139  GLN A C   1 
ATOM   981  O O   . GLN A 1 138 ? 18.789  -1.052  -2.561  1.00 14.60 ? 139  GLN A O   1 
ATOM   982  C CB  . GLN A 1 138 ? 15.771  0.355   -2.197  1.00 15.31 ? 139  GLN A CB  1 
ATOM   983  C CG  . GLN A 1 138 ? 15.599  -0.994  -1.544  1.00 15.53 ? 139  GLN A CG  1 
ATOM   984  C CD  . GLN A 1 138 ? 14.180  -1.427  -1.321  1.00 16.59 ? 139  GLN A CD  1 
ATOM   985  O OE1 . GLN A 1 138 ? 13.207  -0.662  -1.475  1.00 14.52 ? 139  GLN A OE1 1 
ATOM   986  N NE2 . GLN A 1 138 ? 14.047  -2.655  -0.922  1.00 14.86 ? 139  GLN A NE2 1 
ATOM   987  N N   . PHE A 1 139 ? 17.771  -0.168  -4.356  1.00 15.22 ? 140  PHE A N   1 
ATOM   988  C CA  . PHE A 1 139 ? 18.345  -1.150  -5.277  1.00 14.59 ? 140  PHE A CA  1 
ATOM   989  C C   . PHE A 1 139 ? 18.694  -0.606  -6.669  1.00 15.72 ? 140  PHE A C   1 
ATOM   990  O O   . PHE A 1 139 ? 18.908  -1.385  -7.606  1.00 15.93 ? 140  PHE A O   1 
ATOM   991  C CB  . PHE A 1 139 ? 17.438  -2.357  -5.348  1.00 14.42 ? 140  PHE A CB  1 
ATOM   992  C CG  . PHE A 1 139 ? 15.982  -2.003  -5.608  1.00 14.13 ? 140  PHE A CG  1 
ATOM   993  C CD1 . PHE A 1 139 ? 15.585  -1.418  -6.815  1.00 17.43 ? 140  PHE A CD1 1 
ATOM   994  C CD2 . PHE A 1 139 ? 15.046  -2.216  -4.633  1.00 15.22 ? 140  PHE A CD2 1 
ATOM   995  C CE1 . PHE A 1 139 ? 14.243  -1.083  -7.015  1.00 15.97 ? 140  PHE A CE1 1 
ATOM   996  C CE2 . PHE A 1 139 ? 13.732  -1.897  -4.840  1.00 13.20 ? 140  PHE A CE2 1 
ATOM   997  C CZ  . PHE A 1 139 ? 13.331  -1.345  -6.008  1.00 14.08 ? 140  PHE A CZ  1 
ATOM   998  N N   . GLY A 1 140 ? 18.766  0.714   -6.785  1.00 15.87 ? 141  GLY A N   1 
ATOM   999  C CA  . GLY A 1 140 ? 19.245  1.352   -8.000  1.00 17.02 ? 141  GLY A CA  1 
ATOM   1000 C C   . GLY A 1 140 ? 18.163  1.913   -8.874  1.00 18.12 ? 141  GLY A C   1 
ATOM   1001 O O   . GLY A 1 140 ? 18.462  2.505   -9.927  1.00 19.62 ? 141  GLY A O   1 
ATOM   1002 N N   . GLY A 1 141 ? 16.913  1.743   -8.449  1.00 17.08 ? 142  GLY A N   1 
ATOM   1003 C CA  . GLY A 1 141 ? 15.807  2.337   -9.172  1.00 16.51 ? 142  GLY A CA  1 
ATOM   1004 C C   . GLY A 1 141 ? 14.902  1.341   -9.813  1.00 16.01 ? 142  GLY A C   1 
ATOM   1005 O O   . GLY A 1 141 ? 15.316  0.226   -10.147 1.00 16.14 ? 142  GLY A O   1 
ATOM   1006 N N   . LEU A 1 142 ? 13.618  1.688   -9.892  1.00 15.19 ? 143  LEU A N   1 
ATOM   1007 C CA  . LEU A 1 142 ? 12.656  0.898   -10.633 1.00 15.05 ? 143  LEU A CA  1 
ATOM   1008 C C   . LEU A 1 142 ? 12.445  1.480   -12.017 1.00 14.99 ? 143  LEU A C   1 
ATOM   1009 O O   . LEU A 1 142 ? 12.546  2.693   -12.212 1.00 15.94 ? 143  LEU A O   1 
ATOM   1010 C CB  . LEU A 1 142 ? 11.269  0.939   -9.975  1.00 16.08 ? 143  LEU A CB  1 
ATOM   1011 C CG  . LEU A 1 142 ? 11.078  0.155   -8.699  1.00 14.70 ? 143  LEU A CG  1 
ATOM   1012 C CD1 . LEU A 1 142 ? 9.681   0.437   -8.157  1.00 13.94 ? 143  LEU A CD1 1 
ATOM   1013 C CD2 . LEU A 1 142 ? 11.241  -1.354  -8.970  1.00 14.24 ? 143  LEU A CD2 1 
ATOM   1014 N N   . PRO A 1 143 ? 12.033  0.632   -12.941 1.00 16.04 ? 144  PRO A N   1 
ATOM   1015 C CA  . PRO A 1 143 ? 11.639  1.102   -14.267 1.00 15.86 ? 144  PRO A CA  1 
ATOM   1016 C C   . PRO A 1 143 ? 10.428  2.025   -14.154 1.00 16.15 ? 144  PRO A C   1 
ATOM   1017 O O   . PRO A 1 143 ? 9.709   1.998   -13.154 1.00 14.02 ? 144  PRO A O   1 
ATOM   1018 C CB  . PRO A 1 143 ? 11.271  -0.168  -15.001 1.00 16.12 ? 144  PRO A CB  1 
ATOM   1019 C CG  . PRO A 1 143 ? 11.875  -1.288  -14.236 1.00 16.68 ? 144  PRO A CG  1 
ATOM   1020 C CD  . PRO A 1 143 ? 11.864  -0.822  -12.812 1.00 15.15 ? 144  PRO A CD  1 
ATOM   1021 N N   . GLY A 1 144 ? 10.214  2.838   -15.180 1.00 16.59 ? 145  GLY A N   1 
ATOM   1022 C CA  . GLY A 1 144 ? 9.082   3.747   -15.178 1.00 16.88 ? 145  GLY A CA  1 
ATOM   1023 C C   . GLY A 1 144 ? 9.444   5.217   -15.112 1.00 17.27 ? 145  GLY A C   1 
ATOM   1024 O O   . GLY A 1 144 ? 10.569  5.626   -14.746 1.00 17.89 ? 145  GLY A O   1 
ATOM   1025 N N   . GLN A 1 145 ? 8.481   6.037   -15.473 1.00 17.88 ? 146  GLN A N   1 
ATOM   1026 C CA  . GLN A 1 145 ? 8.640   7.457   -15.274 1.00 18.24 ? 146  GLN A CA  1 
ATOM   1027 C C   . GLN A 1 145 ? 8.584   7.757   -13.780 1.00 17.81 ? 146  GLN A C   1 
ATOM   1028 O O   . GLN A 1 145 ? 7.809   7.133   -13.050 1.00 16.84 ? 146  GLN A O   1 
ATOM   1029 C CB  . GLN A 1 145 ? 7.531   8.188   -15.969 1.00 19.46 ? 146  GLN A CB  1 
ATOM   1030 C CG  . GLN A 1 145 ? 7.566   7.999   -17.451 1.00 22.53 ? 146  GLN A CG  1 
ATOM   1031 C CD  . GLN A 1 145 ? 7.552   9.325   -18.175 1.00 30.04 ? 146  GLN A CD  1 
ATOM   1032 O OE1 . GLN A 1 145 ? 8.616   9.885   -18.493 1.00 33.12 ? 146  GLN A OE1 1 
ATOM   1033 N NE2 . GLN A 1 145 ? 6.351   9.852   -18.416 1.00 33.67 ? 146  GLN A NE2 1 
ATOM   1034 N N   . ARG A 1 146 ? 9.399   8.689   -13.313 1.00 18.75 ? 147  ARG A N   1 
ATOM   1035 C CA  . ARG A 1 146 ? 9.355   9.037   -11.895 1.00 19.26 ? 147  ARG A CA  1 
ATOM   1036 C C   . ARG A 1 146 ? 7.915   9.337   -11.476 1.00 18.39 ? 147  ARG A C   1 
ATOM   1037 O O   . ARG A 1 146 ? 7.423   8.857   -10.454 1.00 19.20 ? 147  ARG A O   1 
ATOM   1038 C CB  . ARG A 1 146 ? 10.290  10.187  -11.578 1.00 19.53 ? 147  ARG A CB  1 
ATOM   1039 C CG  . ARG A 1 146 ? 10.274  10.637  -10.154 1.00 22.60 ? 147  ARG A CG  1 
ATOM   1040 C CD  . ARG A 1 146 ? 11.046  11.907  -9.950  1.00 27.04 ? 147  ARG A CD  1 
ATOM   1041 N NE  . ARG A 1 146 ? 11.303  12.151  -8.547  1.00 34.22 ? 147  ARG A NE  1 
ATOM   1042 C CZ  . ARG A 1 146 ? 12.479  11.938  -7.961  1.00 35.26 ? 147  ARG A CZ  1 
ATOM   1043 N NH1 . ARG A 1 146 ? 13.509  11.493  -8.660  1.00 37.15 ? 147  ARG A NH1 1 
ATOM   1044 N NH2 . ARG A 1 146 ? 12.628  12.206  -6.675  1.00 39.01 ? 147  ARG A NH2 1 
ATOM   1045 N N   . TYR A 1 147 ? 7.217   10.125  -12.279 1.00 18.73 ? 148  TYR A N   1 
ATOM   1046 C CA  . TYR A 1 147 ? 5.818   10.400  -12.065 1.00 18.82 ? 148  TYR A CA  1 
ATOM   1047 C C   . TYR A 1 147 ? 4.987   9.656   -13.104 1.00 18.19 ? 148  TYR A C   1 
ATOM   1048 O O   . TYR A 1 147 ? 5.053   9.971   -14.310 1.00 18.30 ? 148  TYR A O   1 
ATOM   1049 C CB  . TYR A 1 147 ? 5.559   11.914  -12.194 1.00 19.62 ? 148  TYR A CB  1 
ATOM   1050 C CG  . TYR A 1 147 ? 6.274   12.715  -11.140 1.00 20.62 ? 148  TYR A CG  1 
ATOM   1051 C CD1 . TYR A 1 147 ? 5.777   12.784  -9.852  1.00 23.63 ? 148  TYR A CD1 1 
ATOM   1052 C CD2 . TYR A 1 147 ? 7.470   13.350  -11.423 1.00 22.32 ? 148  TYR A CD2 1 
ATOM   1053 C CE1 . TYR A 1 147 ? 6.433   13.518  -8.876  1.00 23.17 ? 148  TYR A CE1 1 
ATOM   1054 C CE2 . TYR A 1 147 ? 8.128   14.071  -10.454 1.00 25.24 ? 148  TYR A CE2 1 
ATOM   1055 C CZ  . TYR A 1 147 ? 7.599   14.142  -9.195  1.00 22.88 ? 148  TYR A CZ  1 
ATOM   1056 O OH  . TYR A 1 147 ? 8.286   14.840  -8.240  1.00 27.29 ? 148  TYR A OH  1 
ATOM   1057 N N   . GLY A 1 148 ? 4.208   8.681   -12.657 1.00 18.19 ? 149  GLY A N   1 
ATOM   1058 C CA  . GLY A 1 148 ? 3.381   7.896   -13.554 1.00 18.25 ? 149  GLY A CA  1 
ATOM   1059 C C   . GLY A 1 148 ? 3.826   6.440   -13.601 1.00 16.82 ? 149  GLY A C   1 
ATOM   1060 O O   . GLY A 1 148 ? 3.040   5.577   -13.969 1.00 18.06 ? 149  GLY A O   1 
ATOM   1061 N N   . GLY A 1 149 ? 5.093   6.181   -13.296 1.00 15.48 ? 150  GLY A N   1 
ATOM   1062 C CA  . GLY A 1 149 ? 5.607   4.822   -13.297 1.00 15.31 ? 150  GLY A CA  1 
ATOM   1063 C C   . GLY A 1 149 ? 5.545   4.185   -14.673 1.00 15.38 ? 150  GLY A C   1 
ATOM   1064 O O   . GLY A 1 149 ? 5.738   4.866   -15.675 1.00 15.34 ? 150  GLY A O   1 
ATOM   1065 N N   . ILE A 1 150 ? 5.329   2.868   -14.730 1.00 15.10 ? 151  ILE A N   1 
ATOM   1066 C CA  . ILE A 1 150 ? 5.336   2.145   -16.011 1.00 15.55 ? 151  ILE A CA  1 
ATOM   1067 C C   . ILE A 1 150 ? 3.996   2.251   -16.689 1.00 17.13 ? 151  ILE A C   1 
ATOM   1068 O O   . ILE A 1 150 ? 2.969   2.607   -16.047 1.00 16.51 ? 151  ILE A O   1 
ATOM   1069 C CB  . ILE A 1 150 ? 5.734   0.663   -15.814 1.00 15.84 ? 151  ILE A CB  1 
ATOM   1070 C CG1 . ILE A 1 150 ? 4.738   -0.100  -14.928 1.00 15.62 ? 151  ILE A CG1 1 
ATOM   1071 C CG2 . ILE A 1 150 ? 7.132   0.621   -15.256 1.00 14.50 ? 151  ILE A CG2 1 
ATOM   1072 C CD1 . ILE A 1 150 ? 5.003   -1.633  -14.937 1.00 16.35 ? 151  ILE A CD1 1 
ATOM   1073 N N   . SER A 1 151 ? 3.995   1.927   -17.984 1.00 18.71 ? 152  SER A N   1 
ATOM   1074 C CA  . SER A 1 151 ? 2.797   2.009   -18.807 1.00 20.32 ? 152  SER A CA  1 
ATOM   1075 C C   . SER A 1 151 ? 2.321   0.668   -19.318 1.00 20.52 ? 152  SER A C   1 
ATOM   1076 O O   . SER A 1 151 ? 1.116   0.462   -19.508 1.00 21.26 ? 152  SER A O   1 
ATOM   1077 C CB  . SER A 1 151 ? 3.068   2.904   -20.003 1.00 21.35 ? 152  SER A CB  1 
ATOM   1078 O OG  . SER A 1 151 ? 3.329   4.217   -19.564 1.00 26.50 ? 152  SER A OG  1 
ATOM   1079 N N   . SER A 1 152 ? 3.239   -0.282  -19.487 1.00 19.67 ? 153  SER A N   1 
ATOM   1080 C CA  . SER A 1 152 ? 2.909   -1.570  -20.077 1.00 20.16 ? 153  SER A CA  1 
ATOM   1081 C C   . SER A 1 152 ? 3.336   -2.746  -19.190 1.00 18.82 ? 153  SER A C   1 
ATOM   1082 O O   . SER A 1 152 ? 4.375   -2.726  -18.539 1.00 17.44 ? 153  SER A O   1 
ATOM   1083 C CB  A SER A 1 152 ? 3.524   -1.683  -21.476 0.50 20.33 ? 153  SER A CB  1 
ATOM   1084 C CB  B SER A 1 152 ? 3.595   -1.683  -21.448 0.50 20.16 ? 153  SER A CB  1 
ATOM   1085 O OG  A SER A 1 152 ? 4.937   -1.745  -21.418 0.50 23.55 ? 153  SER A OG  1 
ATOM   1086 O OG  B SER A 1 152 ? 3.328   -0.561  -22.274 0.50 22.45 ? 153  SER A OG  1 
ATOM   1087 N N   . ARG A 1 153 ? 2.506   -3.768  -19.207 1.00 19.00 ? 154  ARG A N   1 
ATOM   1088 C CA  . ARG A 1 153 ? 2.712   -4.976  -18.423 1.00 18.23 ? 154  ARG A CA  1 
ATOM   1089 C C   . ARG A 1 153 ? 4.107   -5.568  -18.559 1.00 18.61 ? 154  ARG A C   1 
ATOM   1090 O O   . ARG A 1 153 ? 4.707   -5.977  -17.565 1.00 18.53 ? 154  ARG A O   1 
ATOM   1091 C CB  . ARG A 1 153 ? 1.682   -6.036  -18.827 1.00 18.95 ? 154  ARG A CB  1 
ATOM   1092 C CG  . ARG A 1 153 ? 1.630   -7.210  -17.900 1.00 18.37 ? 154  ARG A CG  1 
ATOM   1093 C CD  . ARG A 1 153 ? 0.568   -8.228  -18.272 1.00 17.90 ? 154  ARG A CD  1 
ATOM   1094 N NE  . ARG A 1 153 ? 0.378   -9.249  -17.251 1.00 17.75 ? 154  ARG A NE  1 
ATOM   1095 C CZ  . ARG A 1 153 ? 1.165   -10.289 -17.058 1.00 21.23 ? 154  ARG A CZ  1 
ATOM   1096 N NH1 . ARG A 1 153 ? 2.246   -10.492 -17.826 1.00 21.60 ? 154  ARG A NH1 1 
ATOM   1097 N NH2 . ARG A 1 153 ? 0.860   -11.164 -16.118 1.00 20.73 ? 154  ARG A NH2 1 
ATOM   1098 N N   . ASN A 1 154 ? 4.647   -5.604  -19.773 1.00 18.59 ? 155  ASN A N   1 
ATOM   1099 C CA  . ASN A 1 154 ? 5.969   -6.176  -19.966 1.00 20.73 ? 155  ASN A CA  1 
ATOM   1100 C C   . ASN A 1 154 ? 7.072   -5.484  -19.173 1.00 19.27 ? 155  ASN A C   1 
ATOM   1101 O O   . ASN A 1 154 ? 8.113   -6.075  -18.920 1.00 19.59 ? 155  ASN A O   1 
ATOM   1102 C CB  . ASN A 1 154 ? 6.316   -6.262  -21.464 1.00 21.70 ? 155  ASN A CB  1 
ATOM   1103 C CG  . ASN A 1 154 ? 6.570   -4.881  -22.098 1.00 26.86 ? 155  ASN A CG  1 
ATOM   1104 O OD1 . ASN A 1 154 ? 7.473   -4.170  -21.692 1.00 35.31 ? 155  ASN A OD1 1 
ATOM   1105 N ND2 . ASN A 1 154 ? 5.767   -4.514  -23.092 1.00 35.93 ? 155  ASN A ND2 1 
ATOM   1106 N N   . GLU A 1 155 ? 6.863   -4.236  -18.774 1.00 17.73 ? 156  GLU A N   1 
ATOM   1107 C CA  . GLU A 1 155 ? 7.870   -3.513  -18.003 1.00 16.85 ? 156  GLU A CA  1 
ATOM   1108 C C   . GLU A 1 155 ? 8.079   -4.143  -16.623 1.00 16.08 ? 156  GLU A C   1 
ATOM   1109 O O   . GLU A 1 155 ? 9.098   -3.922  -15.997 1.00 14.99 ? 156  GLU A O   1 
ATOM   1110 C CB  . GLU A 1 155 ? 7.496   -2.025  -17.873 1.00 17.32 ? 156  GLU A CB  1 
ATOM   1111 C CG  . GLU A 1 155 ? 7.481   -1.283  -19.207 1.00 17.54 ? 156  GLU A CG  1 
ATOM   1112 C CD  . GLU A 1 155 ? 7.183   0.202   -19.080 1.00 18.47 ? 156  GLU A CD  1 
ATOM   1113 O OE1 . GLU A 1 155 ? 8.066   0.981   -18.662 1.00 21.65 ? 156  GLU A OE1 1 
ATOM   1114 O OE2 . GLU A 1 155 ? 6.040   0.589   -19.400 1.00 17.55 ? 156  GLU A OE2 1 
ATOM   1115 N N   . CYS A 1 156 ? 7.100   -4.909  -16.162 1.00 15.68 ? 157  CYS A N   1 
ATOM   1116 C CA  . CYS A 1 156 ? 7.183   -5.575  -14.875 1.00 15.23 ? 157  CYS A CA  1 
ATOM   1117 C C   . CYS A 1 156 ? 8.245   -6.671  -14.915 1.00 15.93 ? 157  CYS A C   1 
ATOM   1118 O O   . CYS A 1 156 ? 8.785   -7.060  -13.884 1.00 15.12 ? 157  CYS A O   1 
ATOM   1119 C CB  . CYS A 1 156 ? 5.869   -6.234  -14.503 1.00 14.68 ? 157  CYS A CB  1 
ATOM   1120 S SG  . CYS A 1 156 ? 4.499   -5.136  -14.058 1.00 13.32 ? 157  CYS A SG  1 
ATOM   1121 N N   . ASP A 1 157 ? 8.546   -7.186  -16.110 1.00 17.13 ? 158  ASP A N   1 
ATOM   1122 C CA  . ASP A 1 157 ? 9.499   -8.295  -16.188 1.00 18.65 ? 158  ASP A CA  1 
ATOM   1123 C C   . ASP A 1 157 ? 10.864  -7.958  -15.585 1.00 18.66 ? 158  ASP A C   1 
ATOM   1124 O O   . ASP A 1 157 ? 11.560  -8.845  -15.094 1.00 20.24 ? 158  ASP A O   1 
ATOM   1125 C CB  . ASP A 1 157 ? 9.709   -8.754  -17.650 1.00 19.37 ? 158  ASP A CB  1 
ATOM   1126 C CG  . ASP A 1 157 ? 8.437   -9.141  -18.368 1.00 21.04 ? 158  ASP A CG  1 
ATOM   1127 O OD1 . ASP A 1 157 ? 7.338   -9.231  -17.763 1.00 20.08 ? 158  ASP A OD1 1 
ATOM   1128 O OD2 . ASP A 1 157 ? 8.433   -9.379  -19.605 1.00 23.62 ? 158  ASP A OD2 1 
ATOM   1129 N N   . ARG A 1 158 ? 11.271  -6.697  -15.634 1.00 18.58 ? 159  ARG A N   1 
ATOM   1130 C CA  . ARG A 1 158 ? 12.567  -6.263  -15.108 1.00 18.82 ? 159  ARG A CA  1 
ATOM   1131 C C   . ARG A 1 158 ? 12.560  -5.865  -13.632 1.00 17.13 ? 159  ARG A C   1 
ATOM   1132 O O   . ARG A 1 158 ? 13.573  -5.470  -13.096 1.00 18.10 ? 159  ARG A O   1 
ATOM   1133 C CB  . ARG A 1 158 ? 13.091  -5.065  -15.929 1.00 20.15 ? 159  ARG A CB  1 
ATOM   1134 C CG  . ARG A 1 158 ? 13.105  -5.330  -17.400 1.00 24.65 ? 159  ARG A CG  1 
ATOM   1135 C CD  . ARG A 1 158 ? 13.889  -4.293  -18.192 1.00 29.29 ? 159  ARG A CD  1 
ATOM   1136 N NE  . ARG A 1 158 ? 13.462  -2.905  -17.933 1.00 34.34 ? 159  ARG A NE  1 
ATOM   1137 C CZ  . ARG A 1 158 ? 14.189  -2.007  -17.274 1.00 38.49 ? 159  ARG A CZ  1 
ATOM   1138 N NH1 . ARG A 1 158 ? 15.381  -2.330  -16.766 1.00 41.24 ? 159  ARG A NH1 1 
ATOM   1139 N NH2 . ARG A 1 158 ? 13.738  -0.772  -17.122 1.00 40.82 ? 159  ARG A NH2 1 
ATOM   1140 N N   . PHE A 1 159 ? 11.403  -5.942  -12.983 1.00 16.37 ? 160  PHE A N   1 
ATOM   1141 C CA  . PHE A 1 159 ? 11.315  -5.577  -11.576 1.00 16.18 ? 160  PHE A CA  1 
ATOM   1142 C C   . PHE A 1 159 ? 12.006  -6.598  -10.684 1.00 16.13 ? 160  PHE A C   1 
ATOM   1143 O O   . PHE A 1 159 ? 12.072  -7.769  -11.015 1.00 16.76 ? 160  PHE A O   1 
ATOM   1144 C CB  . PHE A 1 159 ? 9.836   -5.468  -11.145 1.00 15.34 ? 160  PHE A CB  1 
ATOM   1145 C CG  . PHE A 1 159 ? 9.209   -4.142  -11.452 1.00 14.64 ? 160  PHE A CG  1 
ATOM   1146 C CD1 . PHE A 1 159 ? 9.342   -3.574  -12.680 1.00 14.90 ? 160  PHE A CD1 1 
ATOM   1147 C CD2 . PHE A 1 159 ? 8.475   -3.465  -10.477 1.00 14.55 ? 160  PHE A CD2 1 
ATOM   1148 C CE1 . PHE A 1 159 ? 8.753   -2.360  -12.966 1.00 16.71 ? 160  PHE A CE1 1 
ATOM   1149 C CE2 . PHE A 1 159 ? 7.929   -2.248  -10.744 1.00 14.37 ? 160  PHE A CE2 1 
ATOM   1150 C CZ  . PHE A 1 159 ? 8.070   -1.700  -12.006 1.00 13.58 ? 160  PHE A CZ  1 
ATOM   1151 N N   . PRO A 1 160 ? 12.466  -6.180  -9.516  1.00 16.49 ? 161  PRO A N   1 
ATOM   1152 C CA  . PRO A 1 160 ? 12.950  -7.135  -8.530  1.00 16.19 ? 161  PRO A CA  1 
ATOM   1153 C C   . PRO A 1 160 ? 11.876  -8.223  -8.345  1.00 16.23 ? 161  PRO A C   1 
ATOM   1154 O O   . PRO A 1 160 ? 10.663  -7.924  -8.328  1.00 15.60 ? 161  PRO A O   1 
ATOM   1155 C CB  . PRO A 1 160 ? 13.075  -6.282  -7.272  1.00 15.37 ? 161  PRO A CB  1 
ATOM   1156 C CG  . PRO A 1 160 ? 13.306  -4.916  -7.783  1.00 17.17 ? 161  PRO A CG  1 
ATOM   1157 C CD  . PRO A 1 160 ? 12.518  -4.787  -9.030  1.00 16.15 ? 161  PRO A CD  1 
ATOM   1158 N N   . ASP A 1 161 ? 12.274  -9.498  -8.236  1.00 16.96 ? 162  ASP A N   1 
ATOM   1159 C CA  . ASP A 1 161 ? 11.307  -10.594 -8.228  1.00 18.11 ? 162  ASP A CA  1 
ATOM   1160 C C   . ASP A 1 161 ? 10.233  -10.432 -7.137  1.00 15.80 ? 162  ASP A C   1 
ATOM   1161 O O   . ASP A 1 161 ? 9.076   -10.695 -7.386  1.00 16.84 ? 162  ASP A O   1 
ATOM   1162 C CB  A ASP A 1 161 ? 12.004  -11.964 -8.102  0.50 18.80 ? 162  ASP A CB  1 
ATOM   1163 C CB  B ASP A 1 161 ? 12.011  -11.960 -8.106  0.50 18.47 ? 162  ASP A CB  1 
ATOM   1164 C CG  A ASP A 1 161 ? 11.074  -13.135 -8.452  0.50 21.97 ? 162  ASP A CG  1 
ATOM   1165 C CG  B ASP A 1 161 ? 12.725  -12.406 -9.401  0.50 21.15 ? 162  ASP A CG  1 
ATOM   1166 O OD1 A ASP A 1 161 ? 9.843   -12.988 -8.324  0.50 27.55 ? 162  ASP A OD1 1 
ATOM   1167 O OD1 B ASP A 1 161 ? 12.281  -12.117 -10.553 0.50 23.33 ? 162  ASP A OD1 1 
ATOM   1168 O OD2 A ASP A 1 161 ? 11.470  -14.258 -8.833  0.50 29.89 ? 162  ASP A OD2 1 
ATOM   1169 O OD2 B ASP A 1 161 ? 13.757  -13.098 -9.341  0.50 25.81 ? 162  ASP A OD2 1 
ATOM   1170 N N   . ALA A 1 162 ? 10.617  -9.961  -5.954  1.00 15.75 ? 163  ALA A N   1 
ATOM   1171 C CA  . ALA A 1 162 ? 9.681   -9.760  -4.864  1.00 14.61 ? 163  ALA A CA  1 
ATOM   1172 C C   . ALA A 1 162 ? 8.580   -8.765  -5.171  1.00 14.50 ? 163  ALA A C   1 
ATOM   1173 O O   . ALA A 1 162 ? 7.512   -8.859  -4.577  1.00 14.93 ? 163  ALA A O   1 
ATOM   1174 C CB  . ALA A 1 162 ? 10.401  -9.351  -3.596  1.00 15.43 ? 163  ALA A CB  1 
ATOM   1175 N N   . LEU A 1 163 ? 8.853   -7.839  -6.099  1.00 13.96 ? 164  LEU A N   1 
ATOM   1176 C CA  . LEU A 1 163 ? 7.898   -6.807  -6.468  1.00 13.56 ? 164  LEU A CA  1 
ATOM   1177 C C   . LEU A 1 163 ? 7.100   -7.152  -7.717  1.00 14.04 ? 164  LEU A C   1 
ATOM   1178 O O   . LEU A 1 163 ? 6.136   -6.465  -8.094  1.00 13.77 ? 164  LEU A O   1 
ATOM   1179 C CB  . LEU A 1 163 ? 8.636   -5.462  -6.639  1.00 13.13 ? 164  LEU A CB  1 
ATOM   1180 C CG  . LEU A 1 163 ? 9.226   -4.848  -5.387  1.00 13.50 ? 164  LEU A CG  1 
ATOM   1181 C CD1 . LEU A 1 163 ? 10.012  -3.586  -5.760  1.00 12.88 ? 164  LEU A CD1 1 
ATOM   1182 C CD2 . LEU A 1 163 ? 8.135   -4.523  -4.358  1.00 14.61 ? 164  LEU A CD2 1 
ATOM   1183 N N   . LYS A 1 164 ? 7.422   -8.259  -8.368  1.00 14.53 ? 165  LYS A N   1 
ATOM   1184 C CA  . LYS A 1 164 ? 6.692   -8.605  -9.593  1.00 14.09 ? 165  LYS A CA  1 
ATOM   1185 C C   . LYS A 1 164 ? 5.226   -8.941  -9.421  1.00 14.42 ? 165  LYS A C   1 
ATOM   1186 O O   . LYS A 1 164 ? 4.386   -8.489  -10.182 1.00 13.25 ? 165  LYS A O   1 
ATOM   1187 C CB  . LYS A 1 164 ? 7.418   -9.732  -10.336 1.00 14.66 ? 165  LYS A CB  1 
ATOM   1188 C CG  . LYS A 1 164 ? 8.667   -9.277  -11.029 1.00 16.74 ? 165  LYS A CG  1 
ATOM   1189 C CD  . LYS A 1 164 ? 9.239   -10.468 -11.751 1.00 19.01 ? 165  LYS A CD  1 
ATOM   1190 C CE  . LYS A 1 164 ? 10.413  -10.084 -12.543 1.00 22.70 ? 165  LYS A CE  1 
ATOM   1191 N NZ  . LYS A 1 164 ? 10.691  -11.218 -13.440 1.00 22.14 ? 165  LYS A NZ  1 
ATOM   1192 N N   . PRO A 1 165 ? 4.867   -9.768  -8.434  1.00 14.73 ? 166  PRO A N   1 
ATOM   1193 C CA  . PRO A 1 165 ? 3.443   -10.094 -8.273  1.00 15.35 ? 166  PRO A CA  1 
ATOM   1194 C C   . PRO A 1 165 ? 2.560   -8.863  -8.163  1.00 14.69 ? 166  PRO A C   1 
ATOM   1195 O O   . PRO A 1 165 ? 1.504   -8.778  -8.795  1.00 14.84 ? 166  PRO A O   1 
ATOM   1196 C CB  . PRO A 1 165 ? 3.430   -10.921 -6.977  1.00 15.35 ? 166  PRO A CB  1 
ATOM   1197 C CG  . PRO A 1 165 ? 4.756   -11.518 -6.913  1.00 16.19 ? 166  PRO A CG  1 
ATOM   1198 C CD  . PRO A 1 165 ? 5.713   -10.463 -7.450  1.00 16.09 ? 166  PRO A CD  1 
ATOM   1199 N N   . GLY A 1 166 ? 3.002   -7.879  -7.377  1.00 14.06 ? 167  GLY A N   1 
ATOM   1200 C CA  . GLY A 1 166 ? 2.257   -6.647  -7.230  1.00 12.65 ? 167  GLY A CA  1 
ATOM   1201 C C   . GLY A 1 166 ? 2.211   -5.798  -8.484  1.00 13.31 ? 167  GLY A C   1 
ATOM   1202 O O   . GLY A 1 166 ? 1.192   -5.177  -8.804  1.00 12.85 ? 167  GLY A O   1 
ATOM   1203 N N   . CYS A 1 167 ? 3.327   -5.796  -9.208  1.00 12.64 ? 168  CYS A N   1 
ATOM   1204 C CA  . CYS A 1 167 ? 3.430   -5.093  -10.467 1.00 12.76 ? 168  CYS A CA  1 
ATOM   1205 C C   . CYS A 1 167 ? 2.416   -5.646  -11.485 1.00 13.45 ? 168  CYS A C   1 
ATOM   1206 O O   . CYS A 1 167 ? 1.663   -4.877  -12.116 1.00 13.39 ? 168  CYS A O   1 
ATOM   1207 C CB  . CYS A 1 167 ? 4.855   -5.190  -11.007 1.00 12.65 ? 168  CYS A CB  1 
ATOM   1208 S SG  . CYS A 1 167 ? 5.169   -4.132  -12.448 1.00 12.37 ? 168  CYS A SG  1 
ATOM   1209 N N   . TYR A 1 168 ? 2.391   -6.960  -11.682 1.00 13.76 ? 169  TYR A N   1 
ATOM   1210 C CA  . TYR A 1 168 ? 1.480   -7.566  -12.671 1.00 14.07 ? 169  TYR A CA  1 
ATOM   1211 C C   . TYR A 1 168 ? 0.002   -7.392  -12.272 1.00 14.46 ? 169  TYR A C   1 
ATOM   1212 O O   . TYR A 1 168 ? -0.886  -7.230  -13.123 1.00 15.88 ? 169  TYR A O   1 
ATOM   1213 C CB  . TYR A 1 168 ? 1.814   -9.051  -12.865 1.00 13.77 ? 169  TYR A CB  1 
ATOM   1214 C CG  . TYR A 1 168 ? 3.123   -9.334  -13.555 1.00 15.43 ? 169  TYR A CG  1 
ATOM   1215 C CD1 . TYR A 1 168 ? 3.363   -8.892  -14.865 1.00 17.65 ? 169  TYR A CD1 1 
ATOM   1216 C CD2 . TYR A 1 168 ? 4.104   -10.088 -12.947 1.00 17.14 ? 169  TYR A CD2 1 
ATOM   1217 C CE1 . TYR A 1 168 ? 4.550   -9.161  -15.488 1.00 16.55 ? 169  TYR A CE1 1 
ATOM   1218 C CE2 . TYR A 1 168 ? 5.295   -10.370 -13.588 1.00 18.86 ? 169  TYR A CE2 1 
ATOM   1219 C CZ  . TYR A 1 168 ? 5.508   -9.928  -14.854 1.00 20.03 ? 169  TYR A CZ  1 
ATOM   1220 O OH  . TYR A 1 168 ? 6.727   -10.202 -15.460 1.00 20.40 ? 169  TYR A OH  1 
ATOM   1221 N N   . TRP A 1 169 ? -0.281  -7.396  -10.972 1.00 13.60 ? 170  TRP A N   1 
ATOM   1222 C CA  . TRP A 1 169 ? -1.642  -7.251  -10.493 1.00 14.73 ? 170  TRP A CA  1 
ATOM   1223 C C   . TRP A 1 169 ? -2.324  -6.039  -11.104 1.00 14.58 ? 170  TRP A C   1 
ATOM   1224 O O   . TRP A 1 169 ? -3.518  -6.052  -11.401 1.00 16.43 ? 170  TRP A O   1 
ATOM   1225 C CB  . TRP A 1 169 ? -1.615  -7.112  -8.965  1.00 14.50 ? 170  TRP A CB  1 
ATOM   1226 C CG  . TRP A 1 169 ? -2.944  -6.889  -8.332  1.00 15.15 ? 170  TRP A CG  1 
ATOM   1227 C CD1 . TRP A 1 169 ? -3.835  -7.836  -7.917  1.00 14.60 ? 170  TRP A CD1 1 
ATOM   1228 C CD2 . TRP A 1 169 ? -3.546  -5.622  -8.038  1.00 15.40 ? 170  TRP A CD2 1 
ATOM   1229 N NE1 . TRP A 1 169 ? -4.939  -7.240  -7.366  1.00 15.19 ? 170  TRP A NE1 1 
ATOM   1230 C CE2 . TRP A 1 169 ? -4.794  -5.878  -7.429  1.00 14.80 ? 170  TRP A CE2 1 
ATOM   1231 C CE3 . TRP A 1 169 ? -3.156  -4.295  -8.223  1.00 15.56 ? 170  TRP A CE3 1 
ATOM   1232 C CZ2 . TRP A 1 169 ? -5.651  -4.857  -7.016  1.00 13.76 ? 170  TRP A CZ2 1 
ATOM   1233 C CZ3 . TRP A 1 169 ? -3.999  -3.295  -7.807  1.00 16.52 ? 170  TRP A CZ3 1 
ATOM   1234 C CH2 . TRP A 1 169 ? -5.246  -3.586  -7.203  1.00 13.23 ? 170  TRP A CH2 1 
ATOM   1235 N N   . ARG A 1 170 ? -1.540  -4.986  -11.323 1.00 15.20 ? 171  ARG A N   1 
ATOM   1236 C CA  . ARG A 1 170 ? -2.120  -3.764  -11.835 1.00 15.76 ? 171  ARG A CA  1 
ATOM   1237 C C   . ARG A 1 170 ? -2.741  -3.991  -13.213 1.00 15.90 ? 171  ARG A C   1 
ATOM   1238 O O   . ARG A 1 170 ? -3.734  -3.354  -13.551 1.00 16.16 ? 171  ARG A O   1 
ATOM   1239 C CB  . ARG A 1 170 ? -1.075  -2.690  -11.916 1.00 16.57 ? 171  ARG A CB  1 
ATOM   1240 C CG  . ARG A 1 170 ? -1.623  -1.380  -12.384 1.00 19.75 ? 171  ARG A CG  1 
ATOM   1241 C CD  . ARG A 1 170 ? -0.500  -0.513  -12.723 1.00 26.44 ? 171  ARG A CD  1 
ATOM   1242 N NE  . ARG A 1 170 ? -0.567  0.166   -14.005 1.00 26.44 ? 171  ARG A NE  1 
ATOM   1243 C CZ  . ARG A 1 170 ? 0.415   0.928   -14.417 1.00 27.36 ? 171  ARG A CZ  1 
ATOM   1244 N NH1 . ARG A 1 170 ? 1.512   0.994   -13.663 1.00 27.74 ? 171  ARG A NH1 1 
ATOM   1245 N NH2 . ARG A 1 170 ? 0.324   1.605   -15.551 1.00 25.66 ? 171  ARG A NH2 1 
ATOM   1246 N N   . PHE A 1 171 ? -2.120  -4.850  -14.002 1.00 16.22 ? 172  PHE A N   1 
ATOM   1247 C CA  . PHE A 1 171 ? -2.585  -5.111  -15.375 1.00 17.83 ? 172  PHE A CA  1 
ATOM   1248 C C   . PHE A 1 171 ? -3.567  -6.261  -15.498 1.00 19.71 ? 172  PHE A C   1 
ATOM   1249 O O   . PHE A 1 171 ? -4.407  -6.278  -16.397 1.00 22.28 ? 172  PHE A O   1 
ATOM   1250 C CB  . PHE A 1 171 ? -1.383  -5.349  -16.294 1.00 17.56 ? 172  PHE A CB  1 
ATOM   1251 C CG  . PHE A 1 171 ? -0.429  -4.193  -16.319 1.00 14.78 ? 172  PHE A CG  1 
ATOM   1252 C CD1 . PHE A 1 171 ? -0.653  -3.075  -17.151 1.00 14.49 ? 172  PHE A CD1 1 
ATOM   1253 C CD2 . PHE A 1 171 ? 0.678   -4.180  -15.501 1.00 14.69 ? 172  PHE A CD2 1 
ATOM   1254 C CE1 . PHE A 1 171 ? 0.190   -2.014  -17.159 1.00 15.31 ? 172  PHE A CE1 1 
ATOM   1255 C CE2 . PHE A 1 171 ? 1.530   -3.086  -15.482 1.00 15.56 ? 172  PHE A CE2 1 
ATOM   1256 C CZ  . PHE A 1 171 ? 1.300   -2.003  -16.338 1.00 16.83 ? 172  PHE A CZ  1 
ATOM   1257 N N   . ASP A 1 172 ? -3.449  -7.206  -14.584 1.00 19.72 ? 173  ASP A N   1 
ATOM   1258 C CA  . ASP A 1 172 ? -4.264  -8.386  -14.595 1.00 19.62 ? 173  ASP A CA  1 
ATOM   1259 C C   . ASP A 1 172 ? -5.576  -8.115  -13.845 1.00 19.34 ? 173  ASP A C   1 
ATOM   1260 O O   . ASP A 1 172 ? -6.545  -7.679  -14.468 1.00 20.42 ? 173  ASP A O   1 
ATOM   1261 C CB  . ASP A 1 172 ? -3.462  -9.533  -13.993 1.00 20.04 ? 173  ASP A CB  1 
ATOM   1262 C CG  . ASP A 1 172 ? -2.205  -9.842  -14.776 1.00 20.64 ? 173  ASP A CG  1 
ATOM   1263 O OD1 . ASP A 1 172 ? -2.019  -9.296  -15.900 1.00 19.91 ? 173  ASP A OD1 1 
ATOM   1264 O OD2 . ASP A 1 172 ? -1.342  -10.629 -14.360 1.00 19.49 ? 173  ASP A OD2 1 
ATOM   1265 N N   . TRP A 1 173 ? -5.586  -8.271  -12.519 1.00 18.66 ? 174  TRP A N   1 
ATOM   1266 C CA  . TRP A 1 173 ? -6.835  -8.106  -11.748 1.00 18.09 ? 174  TRP A CA  1 
ATOM   1267 C C   . TRP A 1 173 ? -7.389  -6.711  -11.920 1.00 17.19 ? 174  TRP A C   1 
ATOM   1268 O O   . TRP A 1 173 ? -8.580  -6.505  -12.145 1.00 18.17 ? 174  TRP A O   1 
ATOM   1269 C CB  . TRP A 1 173 ? -6.622  -8.356  -10.247 1.00 17.13 ? 174  TRP A CB  1 
ATOM   1270 C CG  . TRP A 1 173 ? -7.912  -8.354  -9.442  1.00 18.59 ? 174  TRP A CG  1 
ATOM   1271 C CD1 . TRP A 1 173 ? -8.674  -9.434  -9.159  1.00 18.78 ? 174  TRP A CD1 1 
ATOM   1272 C CD2 . TRP A 1 173 ? -8.562  -7.230  -8.809  1.00 17.85 ? 174  TRP A CD2 1 
ATOM   1273 N NE1 . TRP A 1 173 ? -9.769  -9.065  -8.420  1.00 16.61 ? 174  TRP A NE1 1 
ATOM   1274 C CE2 . TRP A 1 173 ? -9.725  -7.719  -8.187  1.00 16.67 ? 174  TRP A CE2 1 
ATOM   1275 C CE3 . TRP A 1 173 ? -8.282  -5.858  -8.715  1.00 14.91 ? 174  TRP A CE3 1 
ATOM   1276 C CZ2 . TRP A 1 173 ? -10.605 -6.897  -7.492  1.00 15.36 ? 174  TRP A CZ2 1 
ATOM   1277 C CZ3 . TRP A 1 173 ? -9.148  -5.043  -8.073  1.00 15.22 ? 174  TRP A CZ3 1 
ATOM   1278 C CH2 . TRP A 1 173 ? -10.292 -5.565  -7.420  1.00 17.76 ? 174  TRP A CH2 1 
ATOM   1279 N N   . PHE A 1 174 ? -6.493  -5.732  -11.825 1.00 16.66 ? 175  PHE A N   1 
ATOM   1280 C CA  . PHE A 1 174 ? -6.845  -4.312  -11.795 1.00 17.34 ? 175  PHE A CA  1 
ATOM   1281 C C   . PHE A 1 174 ? -7.104  -3.721  -13.181 1.00 19.14 ? 175  PHE A C   1 
ATOM   1282 O O   . PHE A 1 174 ? -7.575  -2.590  -13.299 1.00 18.62 ? 175  PHE A O   1 
ATOM   1283 C CB  . PHE A 1 174 ? -5.743  -3.535  -11.055 1.00 17.43 ? 175  PHE A CB  1 
ATOM   1284 C CG  . PHE A 1 174 ? -6.154  -2.170  -10.503 1.00 17.26 ? 175  PHE A CG  1 
ATOM   1285 C CD1 . PHE A 1 174 ? -7.226  -2.017  -9.650  1.00 17.97 ? 175  PHE A CD1 1 
ATOM   1286 C CD2 . PHE A 1 174 ? -5.354  -1.059  -10.751 1.00 16.75 ? 175  PHE A CD2 1 
ATOM   1287 C CE1 . PHE A 1 174 ? -7.525  -0.767  -9.113  1.00 16.90 ? 175  PHE A CE1 1 
ATOM   1288 C CE2 . PHE A 1 174 ? -5.653  0.168   -10.218 1.00 17.18 ? 175  PHE A CE2 1 
ATOM   1289 C CZ  . PHE A 1 174 ? -6.738  0.303   -9.383  1.00 17.93 ? 175  PHE A CZ  1 
ATOM   1290 N N   . LYS A 1 175 ? -6.838  -4.509  -14.223 1.00 21.32 ? 176  LYS A N   1 
ATOM   1291 C CA  . LYS A 1 175 ? -7.191  -4.097  -15.592 1.00 22.48 ? 176  LYS A CA  1 
ATOM   1292 C C   . LYS A 1 175 ? -6.617  -2.743  -16.030 1.00 22.26 ? 176  LYS A C   1 
ATOM   1293 O O   . LYS A 1 175 ? -7.200  -2.009  -16.839 1.00 21.81 ? 176  LYS A O   1 
ATOM   1294 C CB  . LYS A 1 175 ? -8.721  -4.169  -15.703 1.00 23.41 ? 176  LYS A CB  1 
ATOM   1295 C CG  . LYS A 1 175 ? -9.160  -5.601  -15.532 1.00 25.76 ? 176  LYS A CG  1 
ATOM   1296 C CD  . LYS A 1 175 ? -10.408 -5.943  -16.287 1.00 31.88 ? 176  LYS A CD  1 
ATOM   1297 C CE  . LYS A 1 175 ? -10.905 -7.334  -15.891 1.00 34.11 ? 176  LYS A CE  1 
ATOM   1298 N NZ  . LYS A 1 175 ? -11.921 -7.860  -16.864 1.00 35.45 ? 176  LYS A NZ  1 
ATOM   1299 N N   . ASN A 1 176 ? -5.447  -2.410  -15.501 1.00 21.90 ? 177  ASN A N   1 
ATOM   1300 C CA  . ASN A 1 176 ? -4.777  -1.149  -15.775 1.00 22.86 ? 177  ASN A CA  1 
ATOM   1301 C C   . ASN A 1 176 ? -5.682  0.031   -15.526 1.00 22.49 ? 177  ASN A C   1 
ATOM   1302 O O   . ASN A 1 176 ? -5.561  1.058   -16.173 1.00 23.24 ? 177  ASN A O   1 
ATOM   1303 C CB  . ASN A 1 176 ? -4.171  -1.072  -17.193 1.00 23.16 ? 177  ASN A CB  1 
ATOM   1304 C CG  . ASN A 1 176 ? -3.122  0.050   -17.323 1.00 24.36 ? 177  ASN A CG  1 
ATOM   1305 O OD1 . ASN A 1 176 ? -2.545  0.494   -16.326 1.00 24.53 ? 177  ASN A OD1 1 
ATOM   1306 N ND2 . ASN A 1 176 ? -2.906  0.546   -18.539 1.00 29.38 ? 177  ASN A ND2 1 
ATOM   1307 N N   . ALA A 1 177 ? -6.560  -0.095  -14.533 1.00 22.85 ? 178  ALA A N   1 
ATOM   1308 C CA  . ALA A 1 177 ? -7.488  0.981   -14.230 1.00 23.16 ? 178  ALA A CA  1 
ATOM   1309 C C   . ALA A 1 177 ? -6.693  2.200   -13.909 1.00 23.00 ? 178  ALA A C   1 
ATOM   1310 O O   . ALA A 1 177 ? -5.671  2.103   -13.238 1.00 25.31 ? 178  ALA A O   1 
ATOM   1311 C CB  . ALA A 1 177 ? -8.340  0.624   -13.046 1.00 23.02 ? 178  ALA A CB  1 
ATOM   1312 N N   . ASP A 1 178 ? -7.178  3.345   -14.337 1.00 23.14 ? 179  ASP A N   1 
ATOM   1313 C CA  . ASP A 1 178 ? -6.474  4.585   -14.136 1.00 23.90 ? 179  ASP A CA  1 
ATOM   1314 C C   . ASP A 1 178 ? -7.171  5.420   -13.068 1.00 22.26 ? 179  ASP A C   1 
ATOM   1315 O O   . ASP A 1 178 ? -8.161  6.057   -13.320 1.00 21.76 ? 179  ASP A O   1 
ATOM   1316 C CB  . ASP A 1 178 ? -6.408  5.336   -15.468 1.00 24.69 ? 179  ASP A CB  1 
ATOM   1317 C CG  . ASP A 1 178 ? -5.475  6.517   -15.430 1.00 29.99 ? 179  ASP A CG  1 
ATOM   1318 O OD1 . ASP A 1 178 ? -4.604  6.549   -14.537 1.00 34.89 ? 179  ASP A OD1 1 
ATOM   1319 O OD2 . ASP A 1 178 ? -5.527  7.460   -16.270 1.00 36.28 ? 179  ASP A OD2 1 
ATOM   1320 N N   . ASN A 1 179 ? -6.674  5.338   -11.836 1.00 20.69 ? 180  ASN A N   1 
ATOM   1321 C CA  . ASN A 1 179 ? -7.158  6.198   -10.754 1.00 19.01 ? 180  ASN A CA  1 
ATOM   1322 C C   . ASN A 1 179 ? -8.677  6.115   -10.571 1.00 17.94 ? 180  ASN A C   1 
ATOM   1323 O O   . ASN A 1 179 ? -9.395  7.104   -10.639 1.00 17.47 ? 180  ASN A O   1 
ATOM   1324 C CB  . ASN A 1 179 ? -6.768  7.618   -10.993 1.00 18.18 ? 180  ASN A CB  1 
ATOM   1325 C CG  . ASN A 1 179 ? -5.244  7.833   -10.913 1.00 20.78 ? 180  ASN A CG  1 
ATOM   1326 O OD1 . ASN A 1 179 ? -4.457  6.887   -10.598 1.00 17.70 ? 180  ASN A OD1 1 
ATOM   1327 N ND2 . ASN A 1 179 ? -4.813  9.085   -11.181 1.00 24.48 ? 180  ASN A ND2 1 
ATOM   1328 N N   . PRO A 1 180 ? -9.170  4.926   -10.328 1.00 17.64 ? 181  PRO A N   1 
ATOM   1329 C CA  . PRO A 1 180 ? -10.607 4.734   -10.175 1.00 17.45 ? 181  PRO A CA  1 
ATOM   1330 C C   . PRO A 1 180 ? -11.145 5.374   -8.901  1.00 16.68 ? 181  PRO A C   1 
ATOM   1331 O O   . PRO A 1 180 ? -10.479 5.439   -7.876  1.00 16.36 ? 181  PRO A O   1 
ATOM   1332 C CB  . PRO A 1 180 ? -10.724 3.245   -10.143 1.00 17.24 ? 181  PRO A CB  1 
ATOM   1333 C CG  . PRO A 1 180 ? -9.459  2.753   -9.604  1.00 17.59 ? 181  PRO A CG  1 
ATOM   1334 C CD  . PRO A 1 180 ? -8.415  3.677   -10.179 1.00 17.40 ? 181  PRO A CD  1 
ATOM   1335 N N   . SER A 1 181 ? -12.397 5.801   -8.967  1.00 16.27 ? 182  SER A N   1 
ATOM   1336 C CA  . SER A 1 181 ? -13.100 6.264   -7.787  1.00 16.32 ? 182  SER A CA  1 
ATOM   1337 C C   . SER A 1 181 ? -13.654 4.998   -7.076  1.00 15.21 ? 182  SER A C   1 
ATOM   1338 O O   . SER A 1 181 ? -13.708 3.898   -7.638  1.00 16.44 ? 182  SER A O   1 
ATOM   1339 C CB  . SER A 1 181 ? -14.277 7.176   -8.141  1.00 15.66 ? 182  SER A CB  1 
ATOM   1340 O OG  . SER A 1 181 ? -15.108 6.551   -9.118  1.00 18.76 ? 182  SER A OG  1 
ATOM   1341 N N   . PHE A 1 182 ? -14.040 5.195   -5.832  1.00 16.07 ? 183  PHE A N   1 
ATOM   1342 C CA  . PHE A 1 182 ? -14.586 4.095   -5.063  1.00 16.05 ? 183  PHE A CA  1 
ATOM   1343 C C   . PHE A 1 182 ? -15.439 4.642   -3.955  1.00 15.18 ? 183  PHE A C   1 
ATOM   1344 O O   . PHE A 1 182 ? -15.415 5.829   -3.600  1.00 15.76 ? 183  PHE A O   1 
ATOM   1345 C CB  . PHE A 1 182 ? -13.425 3.268   -4.451  1.00 15.38 ? 183  PHE A CB  1 
ATOM   1346 C CG  . PHE A 1 182 ? -12.495 4.096   -3.628  1.00 15.05 ? 183  PHE A CG  1 
ATOM   1347 C CD1 . PHE A 1 182 ? -12.731 4.334   -2.289  1.00 14.60 ? 183  PHE A CD1 1 
ATOM   1348 C CD2 . PHE A 1 182 ? -11.378 4.670   -4.219  1.00 16.04 ? 183  PHE A CD2 1 
ATOM   1349 C CE1 . PHE A 1 182 ? -11.895 5.147   -1.561  1.00 15.79 ? 183  PHE A CE1 1 
ATOM   1350 C CE2 . PHE A 1 182 ? -10.552 5.466   -3.494  1.00 15.37 ? 183  PHE A CE2 1 
ATOM   1351 C CZ  . PHE A 1 182 ? -10.787 5.693   -2.162  1.00 15.33 ? 183  PHE A CZ  1 
ATOM   1352 N N   . SER A 1 183 ? -16.272 3.753   -3.428  1.00 15.85 ? 184  SER A N   1 
ATOM   1353 C CA  . SER A 1 183 ? -16.901 4.011   -2.148  1.00 15.38 ? 184  SER A CA  1 
ATOM   1354 C C   . SER A 1 183 ? -16.200 3.098   -1.157  1.00 15.43 ? 184  SER A C   1 
ATOM   1355 O O   . SER A 1 183 ? -15.634 2.092   -1.551  1.00 15.64 ? 184  SER A O   1 
ATOM   1356 C CB  . SER A 1 183 ? -18.410 3.750   -2.179  1.00 16.18 ? 184  SER A CB  1 
ATOM   1357 O OG  . SER A 1 183 ? -18.686 2.381   -2.448  1.00 21.85 ? 184  SER A OG  1 
ATOM   1358 N N   . PHE A 1 184 ? -16.219 3.453   0.115   1.00 15.04 ? 185  PHE A N   1 
ATOM   1359 C CA  . PHE A 1 184 ? -15.518 2.644   1.102   1.00 14.40 ? 185  PHE A CA  1 
ATOM   1360 C C   . PHE A 1 184 ? -16.193 2.659   2.472   1.00 15.15 ? 185  PHE A C   1 
ATOM   1361 O O   . PHE A 1 184 ? -16.964 3.555   2.796   1.00 15.54 ? 185  PHE A O   1 
ATOM   1362 C CB  . PHE A 1 184 ? -14.066 3.103   1.234   1.00 14.45 ? 185  PHE A CB  1 
ATOM   1363 C CG  . PHE A 1 184 ? -13.892 4.417   1.921   1.00 14.27 ? 185  PHE A CG  1 
ATOM   1364 C CD1 . PHE A 1 184 ? -14.112 5.595   1.257   1.00 16.76 ? 185  PHE A CD1 1 
ATOM   1365 C CD2 . PHE A 1 184 ? -13.462 4.488   3.227   1.00 16.92 ? 185  PHE A CD2 1 
ATOM   1366 C CE1 . PHE A 1 184 ? -13.908 6.789   1.883   1.00 18.37 ? 185  PHE A CE1 1 
ATOM   1367 C CE2 . PHE A 1 184 ? -13.263 5.690   3.843   1.00 19.23 ? 185  PHE A CE2 1 
ATOM   1368 C CZ  . PHE A 1 184 ? -13.494 6.844   3.175   1.00 19.46 ? 185  PHE A CZ  1 
ATOM   1369 N N   . ARG A 1 185 ? -15.853 1.657   3.280   1.00 15.19 ? 186  ARG A N   1 
ATOM   1370 C CA  . ARG A 1 185 ? -16.312 1.585   4.659   1.00 15.89 ? 186  ARG A CA  1 
ATOM   1371 C C   . ARG A 1 185 ? -15.208 0.939   5.450   1.00 15.01 ? 186  ARG A C   1 
ATOM   1372 O O   . ARG A 1 185 ? -14.527 0.029   4.941   1.00 15.22 ? 186  ARG A O   1 
ATOM   1373 C CB  . ARG A 1 185 ? -17.580 0.740   4.788   1.00 18.37 ? 186  ARG A CB  1 
ATOM   1374 C CG  . ARG A 1 185 ? -17.460 -0.604  4.137   1.00 21.89 ? 186  ARG A CG  1 
ATOM   1375 C CD  . ARG A 1 185 ? -18.756 -1.395  3.990   1.00 29.33 ? 186  ARG A CD  1 
ATOM   1376 N NE  . ARG A 1 185 ? -19.017 -2.194  5.160   1.00 33.10 ? 186  ARG A NE  1 
ATOM   1377 C CZ  . ARG A 1 185 ? -18.926 -3.514  5.216   1.00 35.66 ? 186  ARG A CZ  1 
ATOM   1378 N NH1 . ARG A 1 185 ? -18.564 -4.230  4.155   1.00 38.17 ? 186  ARG A NH1 1 
ATOM   1379 N NH2 . ARG A 1 185 ? -19.194 -4.127  6.355   1.00 33.37 ? 186  ARG A NH2 1 
ATOM   1380 N N   . GLN A 1 186 ? -15.025 1.398   6.684   1.00 14.32 ? 187  GLN A N   1 
ATOM   1381 C CA  . GLN A 1 186 ? -14.022 0.818   7.554   1.00 14.72 ? 187  GLN A CA  1 
ATOM   1382 C C   . GLN A 1 186 ? -14.517 -0.533  8.044   1.00 14.59 ? 187  GLN A C   1 
ATOM   1383 O O   . GLN A 1 186 ? -15.674 -0.687  8.431   1.00 15.66 ? 187  GLN A O   1 
ATOM   1384 C CB  . GLN A 1 186 ? -13.764 1.701   8.761   1.00 14.08 ? 187  GLN A CB  1 
ATOM   1385 C CG  . GLN A 1 186 ? -12.648 1.195   9.633   1.00 12.54 ? 187  GLN A CG  1 
ATOM   1386 C CD  . GLN A 1 186 ? -12.080 2.232   10.585  1.00 12.01 ? 187  GLN A CD  1 
ATOM   1387 O OE1 . GLN A 1 186 ? -12.521 3.395   10.624  1.00 15.05 ? 187  GLN A OE1 1 
ATOM   1388 N NE2 . GLN A 1 186 ? -11.103 1.824   11.369  1.00 13.55 ? 187  GLN A NE2 1 
ATOM   1389 N N   . VAL A 1 187 ? -13.608 -1.498  8.052   1.00 14.55 ? 188  VAL A N   1 
ATOM   1390 C CA  . VAL A 1 187 ? -13.905 -2.853  8.461   1.00 13.57 ? 188  VAL A CA  1 
ATOM   1391 C C   . VAL A 1 187 ? -12.773 -3.380  9.346   1.00 12.95 ? 188  VAL A C   1 
ATOM   1392 O O   . VAL A 1 187 ? -11.661 -2.914  9.274   1.00 13.97 ? 188  VAL A O   1 
ATOM   1393 C CB  . VAL A 1 187 ? -14.066 -3.790  7.271   1.00 13.97 ? 188  VAL A CB  1 
ATOM   1394 C CG1 . VAL A 1 187 ? -15.260 -3.390  6.426   1.00 13.33 ? 188  VAL A CG1 1 
ATOM   1395 C CG2 . VAL A 1 187 ? -12.806 -3.812  6.386   1.00 13.91 ? 188  VAL A CG2 1 
ATOM   1396 N N   . GLN A 1 188 ? -13.069 -4.364  10.181  1.00 13.59 ? 189  GLN A N   1 
ATOM   1397 C CA  . GLN A 1 188 ? -12.042 -5.038  10.933  1.00 14.04 ? 189  GLN A CA  1 
ATOM   1398 C C   . GLN A 1 188 ? -11.055 -5.596  9.912   1.00 13.47 ? 189  GLN A C   1 
ATOM   1399 O O   . GLN A 1 188 ? -11.466 -6.105  8.880   1.00 14.39 ? 189  GLN A O   1 
ATOM   1400 C CB  . GLN A 1 188 ? -12.621 -6.223  11.709  1.00 13.83 ? 189  GLN A CB  1 
ATOM   1401 C CG  . GLN A 1 188 ? -11.541 -6.856  12.593  1.00 16.26 ? 189  GLN A CG  1 
ATOM   1402 C CD  . GLN A 1 188 ? -12.051 -7.998  13.396  1.00 21.27 ? 189  GLN A CD  1 
ATOM   1403 O OE1 . GLN A 1 188 ? -12.662 -8.908  12.827  1.00 21.83 ? 189  GLN A OE1 1 
ATOM   1404 N NE2 . GLN A 1 188 ? -11.799 -7.973  14.728  1.00 19.68 ? 189  GLN A NE2 1 
ATOM   1405 N N   . CYS A 1 189 ? -9.767  -5.499  10.183  1.00 13.75 ? 190  CYS A N   1 
ATOM   1406 C CA  . CYS A 1 189 ? -8.785  -6.050  9.245   1.00 13.28 ? 190  CYS A CA  1 
ATOM   1407 C C   . CYS A 1 189 ? -8.814  -7.556  9.164   1.00 13.30 ? 190  CYS A C   1 
ATOM   1408 O O   . CYS A 1 189 ? -8.804  -8.253  10.195  1.00 14.37 ? 190  CYS A O   1 
ATOM   1409 C CB  . CYS A 1 189 ? -7.364  -5.652  9.597   1.00 12.65 ? 190  CYS A CB  1 
ATOM   1410 S SG  . CYS A 1 189 ? -7.001  -3.937  9.348   1.00 11.30 ? 190  CYS A SG  1 
ATOM   1411 N N   . PRO A 1 190 ? -8.855  -8.073  7.945   1.00 14.42 ? 191  PRO A N   1 
ATOM   1412 C CA  . PRO A 1 190 ? -8.713  -9.526  7.750   1.00 14.86 ? 191  PRO A CA  1 
ATOM   1413 C C   . PRO A 1 190 ? -7.354  -10.023 8.185   1.00 14.29 ? 191  PRO A C   1 
ATOM   1414 O O   . PRO A 1 190 ? -6.330  -9.316  8.090   1.00 14.31 ? 191  PRO A O   1 
ATOM   1415 C CB  . PRO A 1 190 ? -8.871  -9.722  6.236   1.00 16.09 ? 191  PRO A CB  1 
ATOM   1416 C CG  . PRO A 1 190 ? -9.325  -8.415  5.647   1.00 18.32 ? 191  PRO A CG  1 
ATOM   1417 C CD  . PRO A 1 190 ? -9.144  -7.355  6.698   1.00 15.53 ? 191  PRO A CD  1 
ATOM   1418 N N   . ALA A 1 191 ? -7.286  -11.276 8.637   1.00 14.94 ? 192  ALA A N   1 
ATOM   1419 C CA  . ALA A 1 191 ? -5.994  -11.816 9.060   1.00 14.78 ? 192  ALA A CA  1 
ATOM   1420 C C   . ALA A 1 191 ? -4.915  -11.739 7.971   1.00 14.28 ? 192  ALA A C   1 
ATOM   1421 O O   . ALA A 1 191 ? -3.755  -11.495 8.267   1.00 13.10 ? 192  ALA A O   1 
ATOM   1422 C CB  . ALA A 1 191 ? -6.158  -13.289 9.547   1.00 16.23 ? 192  ALA A CB  1 
ATOM   1423 N N   . GLU A 1 192 ? -5.313  -11.851 6.701   1.00 14.19 ? 193  GLU A N   1 
ATOM   1424 C CA  . GLU A 1 192 ? -4.333  -11.865 5.626   1.00 14.88 ? 193  GLU A CA  1 
ATOM   1425 C C   . GLU A 1 192 ? -3.573  -10.564 5.509   1.00 13.91 ? 193  GLU A C   1 
ATOM   1426 O O   . GLU A 1 192 ? -2.426  -10.550 5.045   1.00 15.40 ? 193  GLU A O   1 
ATOM   1427 C CB  . GLU A 1 192 ? -5.020  -12.130 4.317   1.00 14.62 ? 193  GLU A CB  1 
ATOM   1428 C CG  . GLU A 1 192 ? -5.576  -13.547 4.251   1.00 17.83 ? 193  GLU A CG  1 
ATOM   1429 C CD  . GLU A 1 192 ? -6.991  -13.719 4.748   1.00 22.57 ? 193  GLU A CD  1 
ATOM   1430 O OE1 . GLU A 1 192 ? -7.515  -12.846 5.437   1.00 17.33 ? 193  GLU A OE1 1 
ATOM   1431 O OE2 . GLU A 1 192 ? -7.603  -14.766 4.434   1.00 25.64 ? 193  GLU A OE2 1 
ATOM   1432 N N   . LEU A 1 193 ? -4.225  -9.464  5.876   1.00 13.01 ? 194  LEU A N   1 
ATOM   1433 C CA  . LEU A 1 193 ? -3.552  -8.169  5.778   1.00 11.76 ? 194  LEU A CA  1 
ATOM   1434 C C   . LEU A 1 193 ? -2.640  -7.946  6.950   1.00 12.00 ? 194  LEU A C   1 
ATOM   1435 O O   . LEU A 1 193 ? -1.482  -7.522  6.782   1.00 12.76 ? 194  LEU A O   1 
ATOM   1436 C CB  . LEU A 1 193 ? -4.547  -7.006  5.596   1.00 12.32 ? 194  LEU A CB  1 
ATOM   1437 C CG  . LEU A 1 193 ? -5.343  -7.116  4.290   1.00 13.00 ? 194  LEU A CG  1 
ATOM   1438 C CD1 . LEU A 1 193 ? -6.363  -5.953  4.213   1.00 14.56 ? 194  LEU A CD1 1 
ATOM   1439 C CD2 . LEU A 1 193 ? -4.418  -7.085  3.089   1.00 14.38 ? 194  LEU A CD2 1 
ATOM   1440 N N   . VAL A 1 194 ? -3.134  -8.272  8.150   1.00 11.54 ? 195  VAL A N   1 
ATOM   1441 C CA  . VAL A 1 194 ? -2.336  -8.114  9.345   1.00 12.81 ? 195  VAL A CA  1 
ATOM   1442 C C   . VAL A 1 194 ? -1.130  -9.056  9.292   1.00 12.94 ? 195  VAL A C   1 
ATOM   1443 O O   . VAL A 1 194 ? -0.094  -8.775  9.890   1.00 14.04 ? 195  VAL A O   1 
ATOM   1444 C CB  . VAL A 1 194 ? -3.168  -8.339  10.613  1.00 13.04 ? 195  VAL A CB  1 
ATOM   1445 C CG1 . VAL A 1 194 ? -2.293  -8.447  11.831  1.00 13.25 ? 195  VAL A CG1 1 
ATOM   1446 C CG2 . VAL A 1 194 ? -4.184  -7.222  10.804  1.00 14.34 ? 195  VAL A CG2 1 
ATOM   1447 N N   . ALA A 1 195 ? -1.269  -10.185 8.591   1.00 13.22 ? 196  ALA A N   1 
ATOM   1448 C CA  . ALA A 1 195 ? -0.144  -11.120 8.463   1.00 14.09 ? 196  ALA A CA  1 
ATOM   1449 C C   . ALA A 1 195 ? 1.038   -10.429 7.764   1.00 14.74 ? 196  ALA A C   1 
ATOM   1450 O O   . ALA A 1 195 ? 2.194   -10.691 8.096   1.00 15.93 ? 196  ALA A O   1 
ATOM   1451 C CB  . ALA A 1 195 ? -0.514  -12.305 7.688   1.00 14.09 ? 196  ALA A CB  1 
ATOM   1452 N N   . ARG A 1 196 ? 0.751   -9.563  6.785   1.00 13.92 ? 197  ARG A N   1 
ATOM   1453 C CA  . ARG A 1 196 ? 1.789   -8.880  6.049   1.00 15.22 ? 197  ARG A CA  1 
ATOM   1454 C C   . ARG A 1 196 ? 2.367   -7.667  6.758   1.00 14.32 ? 197  ARG A C   1 
ATOM   1455 O O   . ARG A 1 196 ? 3.562   -7.415  6.639   1.00 16.22 ? 197  ARG A O   1 
ATOM   1456 C CB  . ARG A 1 196 ? 1.278   -8.515  4.660   1.00 14.59 ? 197  ARG A CB  1 
ATOM   1457 C CG  . ARG A 1 196 ? 1.174   -9.804  3.777   1.00 18.26 ? 197  ARG A CG  1 
ATOM   1458 C CD  . ARG A 1 196 ? 0.359   -9.631  2.628   1.00 21.65 ? 197  ARG A CD  1 
ATOM   1459 N NE  . ARG A 1 196 ? 0.123   -10.882 1.893   1.00 20.48 ? 197  ARG A NE  1 
ATOM   1460 C CZ  . ARG A 1 196 ? 0.402   -11.051 0.603   1.00 22.70 ? 197  ARG A CZ  1 
ATOM   1461 N NH1 . ARG A 1 196 ? 1.109   -10.152 -0.076  1.00 22.05 ? 197  ARG A NH1 1 
ATOM   1462 N NH2 . ARG A 1 196 ? 0.008   -12.161 0.003   1.00 23.51 ? 197  ARG A NH2 1 
ATOM   1463 N N   . THR A 1 197 ? 1.555   -6.930  7.511   1.00 12.71 ? 198  THR A N   1 
ATOM   1464 C CA  . THR A 1 197 ? 2.084   -5.717  8.164   1.00 11.66 ? 198  THR A CA  1 
ATOM   1465 C C   . THR A 1 197 ? 2.457   -5.911  9.615   1.00 11.15 ? 198  THR A C   1 
ATOM   1466 O O   . THR A 1 197 ? 3.261   -5.139  10.150  1.00 11.93 ? 198  THR A O   1 
ATOM   1467 C CB  . THR A 1 197 ? 1.076   -4.563  8.140   1.00 10.86 ? 198  THR A CB  1 
ATOM   1468 O OG1 . THR A 1 197 ? -0.143  -5.002  8.770   1.00 11.55 ? 198  THR A OG1 1 
ATOM   1469 C CG2 . THR A 1 197 ? 0.705   -4.184  6.733   1.00 11.88 ? 198  THR A CG2 1 
ATOM   1470 N N   . GLY A 1 198 ? 1.871   -6.935  10.233  1.00 11.98 ? 199  GLY A N   1 
ATOM   1471 C CA  . GLY A 1 198 ? 2.022   -7.193  11.648  1.00 12.82 ? 199  GLY A CA  1 
ATOM   1472 C C   . GLY A 1 198 ? 1.256   -6.248  12.539  1.00 13.98 ? 199  GLY A C   1 
ATOM   1473 O O   . GLY A 1 198 ? 1.285   -6.403  13.758  1.00 15.49 ? 199  GLY A O   1 
ATOM   1474 N N   . CYS A 1 199 ? 0.539   -5.312  11.925  1.00 12.60 ? 200  CYS A N   1 
ATOM   1475 C CA  . CYS A 1 199 ? -0.075  -4.212  12.672  1.00 11.91 ? 200  CYS A CA  1 
ATOM   1476 C C   . CYS A 1 199 ? -1.570  -4.342  12.839  1.00 12.13 ? 200  CYS A C   1 
ATOM   1477 O O   . CYS A 1 199 ? -2.313  -4.237  11.864  1.00 13.20 ? 200  CYS A O   1 
ATOM   1478 C CB  . CYS A 1 199 ? 0.257   -2.928  11.913  1.00 11.92 ? 200  CYS A CB  1 
ATOM   1479 S SG  . CYS A 1 199 ? -0.142  -1.414  12.853  1.00 10.79 ? 200  CYS A SG  1 
ATOM   1480 N N   . ARG A 1 200 ? -2.020  -4.537  14.076  1.00 11.83 ? 201  ARG A N   1 
ATOM   1481 C CA  . ARG A 1 200 ? -3.436  -4.656  14.384  1.00 12.14 ? 201  ARG A CA  1 
ATOM   1482 C C   . ARG A 1 200 ? -3.842  -3.533  15.324  1.00 12.24 ? 201  ARG A C   1 
ATOM   1483 O O   . ARG A 1 200 ? -3.252  -3.346  16.393  1.00 13.61 ? 201  ARG A O   1 
ATOM   1484 C CB  . ARG A 1 200 ? -3.704  -5.973  15.114  1.00 12.66 ? 201  ARG A CB  1 
ATOM   1485 C CG  . ARG A 1 200 ? -5.104  -6.109  15.683  1.00 15.98 ? 201  ARG A CG  1 
ATOM   1486 C CD  . ARG A 1 200 ? -6.162  -6.352  14.629  1.00 16.95 ? 201  ARG A CD  1 
ATOM   1487 N NE  . ARG A 1 200 ? -6.114  -7.722  14.069  1.00 18.89 ? 201  ARG A NE  1 
ATOM   1488 C CZ  . ARG A 1 200 ? -6.921  -8.164  13.113  1.00 19.42 ? 201  ARG A CZ  1 
ATOM   1489 N NH1 . ARG A 1 200 ? -7.895  -7.394  12.666  1.00 16.40 ? 201  ARG A NH1 1 
ATOM   1490 N NH2 . ARG A 1 200 ? -6.783  -9.393  12.624  1.00 22.62 ? 201  ARG A NH2 1 
ATOM   1491 N N   . ARG A 1 201 ? -4.854  -2.807  14.940  1.00 11.93 ? 202  ARG A N   1 
ATOM   1492 C CA  . ARG A 1 201 ? -5.400  -1.745  15.774  1.00 12.89 ? 202  ARG A CA  1 
ATOM   1493 C C   . ARG A 1 201 ? -6.152  -2.303  16.962  1.00 13.82 ? 202  ARG A C   1 
ATOM   1494 O O   . ARG A 1 201 ? -6.903  -3.257  16.841  1.00 13.05 ? 202  ARG A O   1 
ATOM   1495 C CB  . ARG A 1 201 ? -6.365  -0.909  14.954  1.00 12.78 ? 202  ARG A CB  1 
ATOM   1496 C CG  . ARG A 1 201 ? -5.695  0.027   13.941  1.00 12.41 ? 202  ARG A CG  1 
ATOM   1497 C CD  . ARG A 1 201 ? -6.721  0.859   13.239  1.00 14.16 ? 202  ARG A CD  1 
ATOM   1498 N NE  . ARG A 1 201 ? -7.325  1.787   14.184  1.00 13.55 ? 202  ARG A NE  1 
ATOM   1499 C CZ  . ARG A 1 201 ? -6.777  2.972   14.518  1.00 14.27 ? 202  ARG A CZ  1 
ATOM   1500 N NH1 . ARG A 1 201 ? -5.607  3.360   14.010  1.00 15.05 ? 202  ARG A NH1 1 
ATOM   1501 N NH2 . ARG A 1 201 ? -7.398  3.738   15.411  1.00 16.02 ? 202  ARG A NH2 1 
ATOM   1502 N N   . ASN A 1 202 ? -5.987  -1.610  18.082  1.00 15.24 ? 203  ASN A N   1 
ATOM   1503 C CA  . ASN A 1 202 ? -6.662  -1.938  19.323  1.00 15.42 ? 203  ASN A CA  1 
ATOM   1504 C C   . ASN A 1 202 ? -8.173  -1.795  19.209  1.00 15.25 ? 203  ASN A C   1 
ATOM   1505 O O   . ASN A 1 202 ? -8.891  -2.454  19.963  1.00 15.51 ? 203  ASN A O   1 
ATOM   1506 C CB  . ASN A 1 202 ? -6.168  -1.032  20.454  1.00 16.51 ? 203  ASN A CB  1 
ATOM   1507 C CG  . ASN A 1 202 ? -4.677  -1.219  20.804  1.00 18.86 ? 203  ASN A CG  1 
ATOM   1508 O OD1 . ASN A 1 202 ? -3.990  -2.179  20.391  1.00 22.00 ? 203  ASN A OD1 1 
ATOM   1509 N ND2 . ASN A 1 202 ? -4.174  -0.293  21.621  1.00 21.42 ? 203  ASN A ND2 1 
ATOM   1510 N N   . ASP A 1 203 ? -8.646  -0.897  18.334  1.00 13.70 ? 204  ASP A N   1 
ATOM   1511 C CA  . ASP A 1 203 ? -10.076 -0.620  18.145  1.00 13.94 ? 204  ASP A CA  1 
ATOM   1512 C C   . ASP A 1 203 ? -10.722 -1.470  17.034  1.00 13.27 ? 204  ASP A C   1 
ATOM   1513 O O   . ASP A 1 203 ? -11.852 -1.239  16.641  1.00 13.40 ? 204  ASP A O   1 
ATOM   1514 C CB  . ASP A 1 203 ? -10.386 0.857   17.905  1.00 13.76 ? 204  ASP A CB  1 
ATOM   1515 C CG  . ASP A 1 203 ? -9.856  1.373   16.565  1.00 14.81 ? 204  ASP A CG  1 
ATOM   1516 O OD1 . ASP A 1 203 ? -9.284  0.567   15.804  1.00 14.86 ? 204  ASP A OD1 1 
ATOM   1517 O OD2 . ASP A 1 203 ? -9.929  2.593   16.188  1.00 15.57 ? 204  ASP A OD2 1 
ATOM   1518 N N   . ASP A 1 204 ? -10.031 -2.484  16.544  1.00 12.86 ? 205  ASP A N   1 
ATOM   1519 C CA  . ASP A 1 204 ? -10.578 -3.248  15.431  1.00 13.79 ? 205  ASP A CA  1 
ATOM   1520 C C   . ASP A 1 204 ? -11.839 -4.068  15.749  1.00 14.28 ? 205  ASP A C   1 
ATOM   1521 O O   . ASP A 1 204 ? -12.469 -4.559  14.848  1.00 16.01 ? 205  ASP A O   1 
ATOM   1522 C CB  . ASP A 1 204 ? -9.507  -4.147  14.848  1.00 14.59 ? 205  ASP A CB  1 
ATOM   1523 C CG  . ASP A 1 204 ? -9.303  -3.894  13.370  1.00 16.29 ? 205  ASP A CG  1 
ATOM   1524 O OD1 . ASP A 1 204 ? -9.747  -2.834  12.870  1.00 20.37 ? 205  ASP A OD1 1 
ATOM   1525 O OD2 . ASP A 1 204 ? -8.677  -4.657  12.655  1.00 16.53 ? 205  ASP A OD2 1 
ATOM   1526 N N   . GLY A 1 205 ? -12.225 -4.154  17.011  1.00 14.38 ? 206  GLY A N   1 
ATOM   1527 C CA  . GLY A 1 205 ? -13.460 -4.854  17.365  1.00 12.86 ? 206  GLY A CA  1 
ATOM   1528 C C   . GLY A 1 205 ? -14.631 -3.917  17.249  1.00 13.33 ? 206  GLY A C   1 
ATOM   1529 O O   . GLY A 1 205 ? -15.774 -4.302  17.476  1.00 13.45 ? 206  GLY A O   1 
ATOM   1530 N N   . ASN A 1 206 ? -14.376 -2.663  16.869  1.00 12.95 ? 207  ASN A N   1 
ATOM   1531 C CA  . ASN A 1 206 ? -15.450 -1.699  16.781  1.00 13.38 ? 207  ASN A CA  1 
ATOM   1532 C C   . ASN A 1 206 ? -16.051 -1.514  15.395  1.00 14.09 ? 207  ASN A C   1 
ATOM   1533 O O   . ASN A 1 206 ? -16.850 -0.641  15.214  1.00 15.01 ? 207  ASN A O   1 
ATOM   1534 C CB  . ASN A 1 206 ? -14.953 -0.324  17.224  1.00 13.02 ? 207  ASN A CB  1 
ATOM   1535 C CG  . ASN A 1 206 ? -14.677 -0.239  18.701  1.00 14.11 ? 207  ASN A CG  1 
ATOM   1536 O OD1 . ASN A 1 206 ? -14.995 -1.132  19.494  1.00 15.18 ? 207  ASN A OD1 1 
ATOM   1537 N ND2 . ASN A 1 206 ? -14.074 0.882   19.092  1.00 16.46 ? 207  ASN A ND2 1 
ATOM   1538 N N   . PHE A 1 207 ? -15.663 -2.350  14.434  1.00 14.68 ? 208  PHE A N   1 
ATOM   1539 C CA  . PHE A 1 207 ? -16.064 -2.230  13.035  1.00 14.90 ? 208  PHE A CA  1 
ATOM   1540 C C   . PHE A 1 207 ? -16.534 -3.545  12.483  1.00 14.28 ? 208  PHE A C   1 
ATOM   1541 O O   . PHE A 1 207 ? -16.056 -4.593  12.916  1.00 14.71 ? 208  PHE A O   1 
ATOM   1542 C CB  . PHE A 1 207 ? -14.841 -1.770  12.237  1.00 14.23 ? 208  PHE A CB  1 
ATOM   1543 C CG  . PHE A 1 207 ? -14.333 -0.480  12.738  1.00 14.44 ? 208  PHE A CG  1 
ATOM   1544 C CD1 . PHE A 1 207 ? -15.083 0.661   12.533  1.00 17.05 ? 208  PHE A CD1 1 
ATOM   1545 C CD2 . PHE A 1 207 ? -13.229 -0.418  13.548  1.00 15.50 ? 208  PHE A CD2 1 
ATOM   1546 C CE1 . PHE A 1 207 ? -14.693 1.863   13.060  1.00 15.93 ? 208  PHE A CE1 1 
ATOM   1547 C CE2 . PHE A 1 207 ? -12.840 0.784   14.076  1.00 17.62 ? 208  PHE A CE2 1 
ATOM   1548 C CZ  . PHE A 1 207 ? -13.559 1.910   13.825  1.00 18.55 ? 208  PHE A CZ  1 
ATOM   1549 N N   . PRO A 1 208 ? -17.393 -3.493  11.478  1.00 13.71 ? 209  PRO A N   1 
ATOM   1550 C CA  . PRO A 1 208 ? -17.876 -4.714  10.833  1.00 15.49 ? 209  PRO A CA  1 
ATOM   1551 C C   . PRO A 1 208 ? -16.806 -5.480  10.083  1.00 16.13 ? 209  PRO A C   1 
ATOM   1552 O O   . PRO A 1 208 ? -15.749 -4.967  9.709   1.00 15.47 ? 209  PRO A O   1 
ATOM   1553 C CB  . PRO A 1 208 ? -18.943 -4.198  9.866   1.00 14.86 ? 209  PRO A CB  1 
ATOM   1554 C CG  . PRO A 1 208 ? -18.580 -2.806  9.588   1.00 15.89 ? 209  PRO A CG  1 
ATOM   1555 C CD  . PRO A 1 208 ? -17.949 -2.286  10.827  1.00 14.03 ? 209  PRO A CD  1 
ATOM   1556 N N   . ALA A 1 209 ? -17.115 -6.752  9.880   1.00 17.58 ? 210  ALA A N   1 
ATOM   1557 C CA  . ALA A 1 209 ? -16.306 -7.639  9.098   1.00 19.43 ? 210  ALA A CA  1 
ATOM   1558 C C   . ALA A 1 209 ? -16.611 -7.402  7.626   1.00 20.44 ? 210  ALA A C   1 
ATOM   1559 O O   . ALA A 1 209 ? -17.649 -6.831  7.265   1.00 22.55 ? 210  ALA A O   1 
ATOM   1560 C CB  . ALA A 1 209 ? -16.617 -9.117  9.491   1.00 21.05 ? 210  ALA A CB  1 
ATOM   1561 N N   . VAL A 1 210 ? -15.650 -7.734  6.783   1.00 21.55 ? 211  VAL A N   1 
ATOM   1562 C CA  . VAL A 1 210 ? -15.816 -7.639  5.336   1.00 23.20 ? 211  VAL A CA  1 
ATOM   1563 C C   . VAL A 1 210 ? -17.092 -8.344  4.922   1.00 24.67 ? 211  VAL A C   1 
ATOM   1564 O O   . VAL A 1 210 ? -17.371 -9.396  5.484   1.00 26.85 ? 211  VAL A O   1 
ATOM   1565 C CB  . VAL A 1 210 ? -14.609 -8.277  4.639   1.00 22.53 ? 211  VAL A CB  1 
ATOM   1566 C CG1 . VAL A 1 210 ? -14.845 -8.414  3.122   1.00 23.65 ? 211  VAL A CG1 1 
ATOM   1567 C CG2 . VAL A 1 210 ? -13.382 -7.446  4.907   1.00 22.72 ? 211  VAL A CG2 1 
HETATM 1568 O O   . HOH B 2 .   ? -15.722 8.770   -5.396  1.00 25.61 ? 2001 HOH A O   1 
HETATM 1569 O O   . HOH B 2 .   ? 4.104   10.371  -2.715  1.00 34.15 ? 2002 HOH A O   1 
HETATM 1570 O O   . HOH B 2 .   ? -5.562  3.622   -8.065  1.00 16.17 ? 2003 HOH A O   1 
HETATM 1571 O O   . HOH B 2 .   ? -1.770  10.742  -4.642  1.00 28.52 ? 2004 HOH A O   1 
HETATM 1572 O O   . HOH B 2 .   ? 0.778   8.348   -6.627  1.00 34.38 ? 2005 HOH A O   1 
HETATM 1573 O O   . HOH B 2 .   ? -4.432  3.810   -10.659 1.00 20.83 ? 2006 HOH A O   1 
HETATM 1574 O O   . HOH B 2 .   ? 4.291   1.695   1.499   1.00 22.71 ? 2007 HOH A O   1 
HETATM 1575 O O   . HOH B 2 .   ? 1.330   2.737   1.693   1.00 14.18 ? 2008 HOH A O   1 
HETATM 1576 O O   . HOH B 2 .   ? 6.702   2.488   -8.672  1.00 13.24 ? 2009 HOH A O   1 
HETATM 1577 O O   . HOH B 2 .   ? 7.047   9.458   -3.330  1.00 22.51 ? 2010 HOH A O   1 
HETATM 1578 O O   . HOH B 2 .   ? 5.752   7.904   0.972   1.00 17.35 ? 2011 HOH A O   1 
HETATM 1579 O O   . HOH B 2 .   ? 16.491  -5.983  -5.775  1.00 35.09 ? 2012 HOH A O   1 
HETATM 1580 O O   . HOH B 2 .   ? 6.142   3.483   0.816   1.00 15.50 ? 2013 HOH A O   1 
HETATM 1581 O O   . HOH B 2 .   ? 11.600  -11.328 -0.575  1.00 31.43 ? 2014 HOH A O   1 
HETATM 1582 O O   . HOH B 2 .   ? 11.555  0.326   10.738  1.00 17.25 ? 2015 HOH A O   1 
HETATM 1583 O O   . HOH B 2 .   ? 6.199   7.510   4.885   1.00 12.98 ? 2016 HOH A O   1 
HETATM 1584 O O   . HOH B 2 .   ? 1.073   2.222   13.168  1.00 15.71 ? 2017 HOH A O   1 
HETATM 1585 O O   . HOH B 2 .   ? 8.631   -0.119  10.528  1.00 14.41 ? 2018 HOH A O   1 
HETATM 1586 O O   . HOH B 2 .   ? 2.411   3.172   15.469  1.00 18.58 ? 2019 HOH A O   1 
HETATM 1587 O O   . HOH B 2 .   ? 19.825  -2.846  6.936   1.00 33.45 ? 2020 HOH A O   1 
HETATM 1588 O O   . HOH B 2 .   ? 8.140   6.948   16.223  1.00 16.47 ? 2021 HOH A O   1 
HETATM 1589 O O   . HOH B 2 .   ? 2.845   2.212   18.126  1.00 18.12 ? 2022 HOH A O   1 
HETATM 1590 O O   . HOH B 2 .   ? -0.845  9.884   15.311  1.00 23.37 ? 2023 HOH A O   1 
HETATM 1591 O O   . HOH B 2 .   ? 5.361   -13.003 -10.424 1.00 28.03 ? 2024 HOH A O   1 
HETATM 1592 O O   . HOH B 2 .   ? -6.836  1.427   17.802  1.00 15.60 ? 2025 HOH A O   1 
HETATM 1593 O O   . HOH B 2 .   ? 0.525   1.260   20.467  1.00 40.31 ? 2026 HOH A O   1 
HETATM 1594 O O   . HOH B 2 .   ? -16.611 -12.637 -13.649 1.00 33.73 ? 2027 HOH A O   1 
HETATM 1595 O O   . HOH B 2 .   ? 6.757   -1.657  4.631   1.00 11.40 ? 2028 HOH A O   1 
HETATM 1596 O O   . HOH B 2 .   ? -11.712 5.886   13.491  1.00 30.50 ? 2029 HOH A O   1 
HETATM 1597 O O   . HOH B 2 .   ? 9.991   -3.010  10.988  1.00 15.20 ? 2030 HOH A O   1 
HETATM 1598 O O   . HOH B 2 .   ? -9.062  7.456   16.359  1.00 29.80 ? 2031 HOH A O   1 
HETATM 1599 O O   . HOH B 2 .   ? 12.416  -3.733  1.344   1.00 22.88 ? 2032 HOH A O   1 
HETATM 1600 O O   . HOH B 2 .   ? 17.738  -5.466  -2.882  1.00 25.42 ? 2033 HOH A O   1 
HETATM 1601 O O   . HOH B 2 .   ? 19.916  -5.116  3.001   1.00 30.80 ? 2034 HOH A O   1 
HETATM 1602 O O   . HOH B 2 .   ? 11.550  -11.588 2.150   1.00 35.18 ? 2035 HOH A O   1 
HETATM 1603 O O   . HOH B 2 .   ? 9.704   -7.997  2.043   1.00 23.20 ? 2036 HOH A O   1 
HETATM 1604 O O   . HOH B 2 .   ? 8.046   -11.203 11.112  1.00 25.75 ? 2037 HOH A O   1 
HETATM 1605 O O   . HOH B 2 .   ? 16.433  -3.623  12.599  1.00 25.46 ? 2038 HOH A O   1 
HETATM 1606 O O   . HOH B 2 .   ? 14.292  -0.962  18.155  1.00 32.67 ? 2039 HOH A O   1 
HETATM 1607 O O   . HOH B 2 .   ? 11.605  -1.218  17.609  1.00 22.07 ? 2040 HOH A O   1 
HETATM 1608 O O   . HOH B 2 .   ? -4.397  14.949  -0.419  1.00 32.36 ? 2041 HOH A O   1 
HETATM 1609 O O   . HOH B 2 .   ? -5.145  16.519  2.475   1.00 29.74 ? 2042 HOH A O   1 
HETATM 1610 O O   . HOH B 2 .   ? -14.925 8.250   7.303   1.00 31.59 ? 2043 HOH A O   1 
HETATM 1611 O O   . HOH B 2 .   ? 9.622   4.242   15.576  1.00 28.37 ? 2044 HOH A O   1 
HETATM 1612 O O   . HOH B 2 .   ? 18.514  3.379   11.737  1.00 24.64 ? 2045 HOH A O   1 
HETATM 1613 O O   . HOH B 2 .   ? 9.743   7.141   4.799   1.00 13.46 ? 2046 HOH A O   1 
HETATM 1614 O O   . HOH B 2 .   ? 18.647  6.462   1.535   1.00 32.30 ? 2047 HOH A O   1 
HETATM 1615 O O   . HOH B 2 .   ? 12.787  14.909  3.136   1.00 28.37 ? 2048 HOH A O   1 
HETATM 1616 O O   . HOH B 2 .   ? 21.510  -3.949  -4.845  1.00 29.09 ? 2049 HOH A O   1 
HETATM 1617 O O   . HOH B 2 .   ? 16.753  -4.069  -9.567  1.00 34.80 ? 2050 HOH A O   1 
HETATM 1618 O O   . HOH B 2 .   ? 18.685  -1.593  4.468   1.00 19.78 ? 2051 HOH A O   1 
HETATM 1619 O O   . HOH B 2 .   ? 10.851  13.787  -13.715 1.00 36.44 ? 2052 HOH A O   1 
HETATM 1620 O O   . HOH B 2 .   ? 20.297  1.602   2.015   1.00 31.15 ? 2053 HOH A O   1 
HETATM 1621 O O   . HOH B 2 .   ? 6.399   1.982   -1.510  1.00 12.72 ? 2054 HOH A O   1 
HETATM 1622 O O   . HOH B 2 .   ? 6.689   -12.416 3.185   1.00 35.43 ? 2055 HOH A O   1 
HETATM 1623 O O   . HOH B 2 .   ? 4.463   -12.118 3.511   1.00 24.66 ? 2056 HOH A O   1 
HETATM 1624 O O   . HOH B 2 .   ? 15.806  -8.823  -5.878  1.00 26.40 ? 2057 HOH A O   1 
HETATM 1625 O O   . HOH B 2 .   ? 2.891   -12.906 -10.684 1.00 36.78 ? 2058 HOH A O   1 
HETATM 1626 O O   . HOH B 2 .   ? 6.944   -13.985 -12.984 1.00 44.39 ? 2059 HOH A O   1 
HETATM 1627 O O   . HOH B 2 .   ? -5.443  -14.768 -0.122  1.00 33.96 ? 2060 HOH A O   1 
HETATM 1628 O O   . HOH B 2 .   ? -2.884  -11.424 -7.968  1.00 20.81 ? 2061 HOH A O   1 
HETATM 1629 O O   . HOH B 2 .   ? -12.461 9.663   -10.181 1.00 31.80 ? 2062 HOH A O   1 
HETATM 1630 O O   . HOH B 2 .   ? -8.345  -12.692 -10.474 1.00 30.71 ? 2063 HOH A O   1 
HETATM 1631 O O   . HOH B 2 .   ? -14.647 -15.628 -11.411 1.00 37.87 ? 2064 HOH A O   1 
HETATM 1632 O O   . HOH B 2 .   ? -11.434 -15.939 -10.278 1.00 36.57 ? 2065 HOH A O   1 
HETATM 1633 O O   . HOH B 2 .   ? -17.388 -13.944 -6.517  1.00 25.12 ? 2066 HOH A O   1 
HETATM 1634 O O   . HOH B 2 .   ? -18.008 -10.877 -12.045 1.00 26.50 ? 2067 HOH A O   1 
HETATM 1635 O O   . HOH B 2 .   ? -16.216 -8.625  -4.678  1.00 26.19 ? 2068 HOH A O   1 
HETATM 1636 O O   . HOH B 2 .   ? -8.733  -13.367 12.128  1.00 30.36 ? 2069 HOH A O   1 
HETATM 1637 O O   . HOH B 2 .   ? -0.342  -11.855 12.174  1.00 33.06 ? 2070 HOH A O   1 
HETATM 1638 O O   . HOH B 2 .   ? -10.866 -13.876 1.442   1.00 35.86 ? 2071 HOH A O   1 
HETATM 1639 O O   . HOH B 2 .   ? -4.020  -7.149  19.402  1.00 32.71 ? 2072 HOH A O   1 
HETATM 1640 O O   . HOH B 2 .   ? -7.453  13.818  6.558   1.00 26.11 ? 2073 HOH A O   1 
HETATM 1641 O O   . HOH B 2 .   ? -9.568  16.382  7.070   1.00 29.77 ? 2074 HOH A O   1 
HETATM 1642 O O   . HOH B 2 .   ? -11.179 13.427  14.053  1.00 24.08 ? 2075 HOH A O   1 
HETATM 1643 O O   . HOH B 2 .   ? -10.918 7.505   11.444  1.00 29.96 ? 2076 HOH A O   1 
HETATM 1644 O O   . HOH B 2 .   ? -4.589  12.274  16.986  1.00 40.42 ? 2077 HOH A O   1 
HETATM 1645 O O   . HOH B 2 .   ? -8.366  9.828   15.583  1.00 25.06 ? 2078 HOH A O   1 
HETATM 1646 O O   . HOH B 2 .   ? -7.322  11.602  17.416  1.00 35.36 ? 2079 HOH A O   1 
HETATM 1647 O O   . HOH B 2 .   ? -2.341  12.681  10.886  1.00 19.75 ? 2080 HOH A O   1 
HETATM 1648 O O   . HOH B 2 .   ? -2.844  11.438  14.704  1.00 20.40 ? 2081 HOH A O   1 
HETATM 1649 O O   . HOH B 2 .   ? -7.500  5.857   17.760  1.00 22.27 ? 2082 HOH A O   1 
HETATM 1650 O O   . HOH B 2 .   ? -10.121 3.611   13.548  1.00 15.25 ? 2083 HOH A O   1 
HETATM 1651 O O   . HOH B 2 .   ? -11.219 5.470   9.457   1.00 27.37 ? 2084 HOH A O   1 
HETATM 1652 O O   . HOH B 2 .   ? -17.270 -1.051  -0.060  1.00 16.76 ? 2085 HOH A O   1 
HETATM 1653 O O   . HOH B 2 .   ? -17.705 6.721   -5.756  1.00 22.22 ? 2086 HOH A O   1 
HETATM 1654 O O   . HOH B 2 .   ? -15.883 4.724   -15.716 1.00 38.88 ? 2087 HOH A O   1 
HETATM 1655 O O   . HOH B 2 .   ? -15.607 -4.278  -13.470 1.00 34.94 ? 2088 HOH A O   1 
HETATM 1656 O O   . HOH B 2 .   ? 3.070   -0.309  2.924   1.00 11.42 ? 2089 HOH A O   1 
HETATM 1657 O O   . HOH B 2 .   ? 4.510   5.861   2.244   1.00 18.39 ? 2090 HOH A O   1 
HETATM 1658 O O   . HOH B 2 .   ? 3.137   10.839  4.874   1.00 26.85 ? 2091 HOH A O   1 
HETATM 1659 O O   . HOH B 2 .   ? 2.775   8.950   0.801   1.00 26.87 ? 2092 HOH A O   1 
HETATM 1660 O O   . HOH B 2 .   ? -7.644  16.948  3.273   1.00 30.39 ? 2093 HOH A O   1 
HETATM 1661 O O   . HOH B 2 .   ? -6.520  15.012  1.342   1.00 26.02 ? 2094 HOH A O   1 
HETATM 1662 O O   . HOH B 2 .   ? -14.078 10.542  5.618   1.00 25.48 ? 2095 HOH A O   1 
HETATM 1663 O O   . HOH B 2 .   ? -16.098 11.200  4.390   1.00 34.56 ? 2096 HOH A O   1 
HETATM 1664 O O   . HOH B 2 .   ? 1.687   8.230   -1.526  1.00 28.37 ? 2097 HOH A O   1 
HETATM 1665 O O   . HOH B 2 .   ? -2.396  -2.234  -2.892  1.00 12.42 ? 2098 HOH A O   1 
HETATM 1666 O O   . HOH B 2 .   ? 2.425   -1.764  -12.175 1.00 15.52 ? 2099 HOH A O   1 
HETATM 1667 O O   . HOH B 2 .   ? 0.566   6.738   -11.260 1.00 24.98 ? 2100 HOH A O   1 
HETATM 1668 O O   . HOH B 2 .   ? 16.062  9.644   -7.451  1.00 29.95 ? 2101 HOH A O   1 
HETATM 1669 O O   . HOH B 2 .   ? 13.331  8.579   -10.257 1.00 31.77 ? 2102 HOH A O   1 
HETATM 1670 O O   . HOH B 2 .   ? 16.895  6.438   -10.664 1.00 29.31 ? 2103 HOH A O   1 
HETATM 1671 O O   . HOH B 2 .   ? 21.444  2.531   -5.442  1.00 26.56 ? 2104 HOH A O   1 
HETATM 1672 O O   . HOH B 2 .   ? 21.402  2.711   -0.747  1.00 30.75 ? 2105 HOH A O   1 
HETATM 1673 O O   . HOH B 2 .   ? 10.499  -1.284  -1.598  1.00 14.25 ? 2106 HOH A O   1 
HETATM 1674 O O   . HOH B 2 .   ? 20.520  -3.745  -7.236  1.00 20.43 ? 2107 HOH A O   1 
HETATM 1675 O O   . HOH B 2 .   ? 14.873  -2.253  -10.634 1.00 29.78 ? 2108 HOH A O   1 
HETATM 1676 O O   . HOH B 2 .   ? 13.235  4.529   -9.089  1.00 15.77 ? 2109 HOH A O   1 
HETATM 1677 O O   . HOH B 2 .   ? 11.262  4.888   -11.272 1.00 23.20 ? 2110 HOH A O   1 
HETATM 1678 O O   . HOH B 2 .   ? 7.975   2.853   -11.112 1.00 14.01 ? 2111 HOH A O   1 
HETATM 1679 O O   . HOH B 2 .   ? 11.929  2.454   -17.510 1.00 24.71 ? 2112 HOH A O   1 
HETATM 1680 O O   . HOH B 2 .   ? 8.660   5.488   -11.028 1.00 13.45 ? 2113 HOH A O   1 
HETATM 1681 O O   . HOH B 2 .   ? 11.281  9.885   -15.078 1.00 32.12 ? 2114 HOH A O   1 
HETATM 1682 O O   . HOH B 2 .   ? 8.599   11.702  -14.557 1.00 23.34 ? 2115 HOH A O   1 
HETATM 1683 O O   . HOH B 2 .   ? 1.742   3.603   -13.338 1.00 25.98 ? 2116 HOH A O   1 
HETATM 1684 O O   . HOH B 2 .   ? 3.258   8.990   -9.841  1.00 29.39 ? 2117 HOH A O   1 
HETATM 1685 O O   . HOH B 2 .   ? 3.221   -8.981  -19.892 1.00 29.36 ? 2118 HOH A O   1 
HETATM 1686 O O   . HOH B 2 .   ? -0.091  -3.617  -20.715 1.00 23.64 ? 2119 HOH A O   1 
HETATM 1687 O O   . HOH B 2 .   ? 3.127   -5.217  -22.339 1.00 31.39 ? 2120 HOH A O   1 
HETATM 1688 O O   . HOH B 2 .   ? 10.455  0.282   -18.817 1.00 35.49 ? 2121 HOH A O   1 
HETATM 1689 O O   . HOH B 2 .   ? 7.733   3.424   -18.535 1.00 21.41 ? 2122 HOH A O   1 
HETATM 1690 O O   . HOH B 2 .   ? 15.525  -12.943 -8.115  1.00 29.68 ? 2123 HOH A O   1 
HETATM 1691 O O   . HOH B 2 .   ? 12.959  -14.800 -5.858  1.00 31.33 ? 2124 HOH A O   1 
HETATM 1692 O O   . HOH B 2 .   ? 4.833   -8.050  -5.105  1.00 14.90 ? 2125 HOH A O   1 
HETATM 1693 O O   . HOH B 2 .   ? 13.463  -9.738  -5.084  1.00 23.24 ? 2126 HOH A O   1 
HETATM 1694 O O   . HOH B 2 .   ? 6.685   -10.620 -2.572  1.00 25.82 ? 2127 HOH A O   1 
HETATM 1695 O O   . HOH B 2 .   ? 0.587   -11.106 -10.032 1.00 22.95 ? 2128 HOH A O   1 
HETATM 1696 O O   . HOH B 2 .   ? 8.349   -12.396 -15.092 1.00 32.34 ? 2129 HOH A O   1 
HETATM 1697 O O   . HOH B 2 .   ? -1.395  -11.194 -11.726 1.00 23.18 ? 2130 HOH A O   1 
HETATM 1698 O O   . HOH B 2 .   ? -3.797  -10.388 -10.594 1.00 19.69 ? 2131 HOH A O   1 
HETATM 1699 O O   . HOH B 2 .   ? -6.078  -11.682 -11.607 1.00 27.06 ? 2132 HOH A O   1 
HETATM 1700 O O   . HOH B 2 .   ? -10.386 -8.464  -12.079 1.00 30.42 ? 2133 HOH A O   1 
HETATM 1701 O O   . HOH B 2 .   ? -4.241  6.738   -18.749 1.00 40.36 ? 2134 HOH A O   1 
HETATM 1702 O O   . HOH B 2 .   ? -1.770  7.382   -9.876  1.00 17.82 ? 2135 HOH A O   1 
HETATM 1703 O O   . HOH B 2 .   ? -10.403 8.767   -8.602  1.00 19.22 ? 2136 HOH A O   1 
HETATM 1704 O O   . HOH B 2 .   ? -19.160 0.908   -0.118  1.00 27.94 ? 2137 HOH A O   1 
HETATM 1705 O O   . HOH B 2 .   ? -17.722 0.799   9.222   1.00 20.39 ? 2138 HOH A O   1 
HETATM 1706 O O   . HOH B 2 .   ? -16.634 3.733   7.399   1.00 31.41 ? 2139 HOH A O   1 
HETATM 1707 O O   . HOH B 2 .   ? -14.764 4.634   10.493  1.00 30.22 ? 2140 HOH A O   1 
HETATM 1708 O O   . HOH B 2 .   ? -10.099 -1.086  10.693  1.00 14.76 ? 2141 HOH A O   1 
HETATM 1709 O O   . HOH B 2 .   ? -13.134 -8.326  8.239   1.00 20.22 ? 2142 HOH A O   1 
HETATM 1710 O O   . HOH B 2 .   ? -13.124 -9.827  10.692  1.00 28.08 ? 2143 HOH A O   1 
HETATM 1711 O O   . HOH B 2 .   ? -9.136  -10.782 11.530  1.00 24.06 ? 2144 HOH A O   1 
HETATM 1712 O O   . HOH B 2 .   ? -2.647  -12.378 10.776  1.00 18.27 ? 2145 HOH A O   1 
HETATM 1713 O O   . HOH B 2 .   ? -9.704  -13.008 8.651   1.00 23.11 ? 2146 HOH A O   1 
HETATM 1714 O O   . HOH B 2 .   ? -1.249  -12.655 3.765   1.00 21.60 ? 2147 HOH A O   1 
HETATM 1715 O O   . HOH B 2 .   ? -10.171 -12.943 4.843   1.00 31.54 ? 2148 HOH A O   1 
HETATM 1716 O O   . HOH B 2 .   ? 2.572   -10.723 10.959  1.00 34.46 ? 2149 HOH A O   1 
HETATM 1717 O O   . HOH B 2 .   ? 5.868   -6.980  5.726   1.00 14.98 ? 2150 HOH A O   1 
HETATM 1718 O O   . HOH B 2 .   ? 4.193   -10.959 -1.496  1.00 33.65 ? 2151 HOH A O   1 
HETATM 1719 O O   . HOH B 2 .   ? -1.719  -14.649 0.829   1.00 38.29 ? 2152 HOH A O   1 
HETATM 1720 O O   . HOH B 2 .   ? 1.936   -10.686 -2.601  1.00 47.87 ? 2153 HOH A O   1 
HETATM 1721 O O   . HOH B 2 .   ? -4.024  -4.472  18.668  1.00 19.92 ? 2154 HOH A O   1 
HETATM 1722 O O   . HOH B 2 .   ? -4.261  -9.724  14.914  1.00 31.56 ? 2155 HOH A O   1 
HETATM 1723 O O   . HOH B 2 .   ? -7.846  -5.646  18.157  1.00 24.75 ? 2156 HOH A O   1 
HETATM 1724 O O   . HOH B 2 .   ? -11.433 -3.598  19.779  1.00 15.80 ? 2157 HOH A O   1 
HETATM 1725 O O   . HOH B 2 .   ? -8.112  -4.176  22.046  1.00 32.24 ? 2158 HOH A O   1 
HETATM 1726 O O   . HOH B 2 .   ? -6.244  -3.288  12.479  1.00 15.02 ? 2159 HOH A O   1 
HETATM 1727 O O   . HOH B 2 .   ? -19.041 0.624   14.231  1.00 18.41 ? 2160 HOH A O   1 
HETATM 1728 O O   . HOH B 2 .   ? -13.740 -2.955  21.224  1.00 17.47 ? 2161 HOH A O   1 
HETATM 1729 O O   . HOH B 2 .   ? -14.746 -6.091  14.695  1.00 14.99 ? 2162 HOH A O   1 
# 
